data_1VSU
#
_entry.id   1VSU
#
_cell.length_a   69.359
_cell.length_b   121.646
_cell.length_c   80.003
_cell.angle_alpha   90.00
_cell.angle_beta   92.31
_cell.angle_gamma   90.00
#
_symmetry.space_group_name_H-M   'P 1 21 1'
#
loop_
_entity.id
_entity.type
_entity.pdbx_description
1 polymer 'Glyceraldehyde-3-phosphate dehydrogenase'
2 water water
#
_entity_poly.entity_id   1
_entity_poly.type   'polypeptide(L)'
_entity_poly.pdbx_seq_one_letter_code
;MGSSHHHHHHSSGLVPRGSHMTATLGINGFGRIGRLVLRACMERNDITVVAINDPFMDVEYMAYLLKYDSVHGNFNGTVE
VSGKDLCINGKVVKVFQAKDPAEIPWGASGAQIVCESTGVFTTEEKASLHLKGGAKKVIISAPPKDNVPMYVMGVNNTEY
DPSKFNVISNASCTTNCLAPLAKIINDKFGIVEGLMTTVHSLTANQLTVDGPSKGGKDWRAGRCAGNNIIPASTGAAKAV
GKVIPALNGKLTGMAIRVPTPDVSVVDLTCKLAKPASIEEIYQAVKEASNGPMKGIMGYTSDDVVSTDFIGCKYSSIFDK
NACIALNDSFVKLISWYDNESGYSNRLVDLAVYVASRGL
;
_entity_poly.pdbx_strand_id   A,B,C,D
#
# COMPACT_ATOMS: atom_id res chain seq x y z
N THR A 22 -37.17 24.61 -4.36
CA THR A 22 -35.82 23.97 -4.30
C THR A 22 -35.62 23.25 -2.97
N ALA A 23 -35.18 22.00 -3.06
CA ALA A 23 -34.96 21.18 -1.88
C ALA A 23 -33.80 21.67 -1.01
N THR A 24 -33.97 21.53 0.30
CA THR A 24 -32.94 21.92 1.25
C THR A 24 -32.56 20.67 2.04
N LEU A 25 -31.26 20.48 2.27
CA LEU A 25 -30.80 19.31 2.97
C LEU A 25 -30.15 19.58 4.31
N GLY A 26 -30.29 18.63 5.22
CA GLY A 26 -29.69 18.72 6.53
C GLY A 26 -28.89 17.44 6.66
N ILE A 27 -27.65 17.54 7.10
CA ILE A 27 -26.80 16.35 7.24
C ILE A 27 -26.48 16.03 8.69
N ASN A 28 -26.81 14.82 9.12
CA ASN A 28 -26.49 14.38 10.48
C ASN A 28 -25.38 13.34 10.32
N GLY A 29 -24.20 13.65 10.86
CA GLY A 29 -23.08 12.75 10.73
C GLY A 29 -22.19 13.25 9.59
N PHE A 30 -21.19 14.04 9.96
CA PHE A 30 -20.28 14.62 8.98
C PHE A 30 -19.09 13.70 8.67
N GLY A 31 -19.39 12.44 8.37
CA GLY A 31 -18.35 11.47 8.04
C GLY A 31 -18.01 11.52 6.56
N ARG A 32 -17.36 10.47 6.06
CA ARG A 32 -16.98 10.40 4.64
C ARG A 32 -18.21 10.66 3.78
N ILE A 33 -19.27 9.89 4.03
CA ILE A 33 -20.51 10.02 3.27
C ILE A 33 -21.12 11.41 3.41
N GLY A 34 -21.33 11.83 4.66
CA GLY A 34 -21.91 13.14 4.90
C GLY A 34 -21.16 14.24 4.18
N ARG A 35 -19.83 14.19 4.26
CA ARG A 35 -18.99 15.21 3.61
C ARG A 35 -19.10 15.15 2.10
N LEU A 36 -19.14 13.95 1.55
CA LEU A 36 -19.25 13.80 0.11
C LEU A 36 -20.64 14.22 -0.40
N VAL A 37 -21.67 14.02 0.40
CA VAL A 37 -23.02 14.44 0.01
C VAL A 37 -23.05 15.96 -0.14
N LEU A 38 -22.48 16.66 0.84
CA LEU A 38 -22.41 18.11 0.81
C LEU A 38 -21.67 18.58 -0.44
N ARG A 39 -20.49 18.01 -0.66
CA ARG A 39 -19.69 18.38 -1.83
C ARG A 39 -20.50 18.16 -3.10
N ALA A 40 -21.27 17.08 -3.14
CA ALA A 40 -22.10 16.78 -4.31
C ALA A 40 -23.23 17.81 -4.45
N CYS A 41 -23.76 18.30 -3.33
CA CYS A 41 -24.83 19.29 -3.36
C CYS A 41 -24.30 20.64 -3.85
N MET A 42 -23.19 21.08 -3.26
CA MET A 42 -22.58 22.35 -3.62
C MET A 42 -22.40 22.50 -5.13
N GLU A 43 -22.32 21.37 -5.83
CA GLU A 43 -22.14 21.39 -7.28
C GLU A 43 -23.48 21.39 -8.01
N ARG A 44 -24.57 21.20 -7.28
CA ARG A 44 -25.91 21.14 -7.88
C ARG A 44 -26.76 22.38 -7.58
N ASN A 45 -27.65 22.69 -8.51
CA ASN A 45 -28.51 23.86 -8.41
C ASN A 45 -29.93 23.53 -7.94
N ASP A 46 -30.23 22.25 -7.75
CA ASP A 46 -31.56 21.84 -7.31
C ASP A 46 -31.65 21.42 -5.85
N ILE A 47 -30.54 21.47 -5.14
CA ILE A 47 -30.53 21.09 -3.73
C ILE A 47 -29.51 21.94 -2.98
N THR A 48 -29.87 22.38 -1.78
CA THR A 48 -29.00 23.22 -0.98
C THR A 48 -28.82 22.64 0.42
N VAL A 49 -27.58 22.61 0.89
CA VAL A 49 -27.28 22.10 2.23
C VAL A 49 -27.42 23.32 3.12
N VAL A 50 -28.34 23.26 4.07
CA VAL A 50 -28.58 24.38 4.98
C VAL A 50 -28.06 24.17 6.39
N ALA A 51 -27.89 22.91 6.79
CA ALA A 51 -27.42 22.63 8.14
C ALA A 51 -26.74 21.28 8.27
N ILE A 52 -25.82 21.19 9.23
CA ILE A 52 -25.07 19.97 9.50
C ILE A 52 -25.05 19.75 11.01
N ASN A 53 -25.14 18.49 11.43
CA ASN A 53 -25.11 18.19 12.86
C ASN A 53 -24.18 17.02 13.19
N ASP A 54 -23.33 17.22 14.19
CA ASP A 54 -22.42 16.17 14.63
C ASP A 54 -21.83 16.59 15.98
N PRO A 55 -22.23 15.89 17.06
CA PRO A 55 -21.76 16.19 18.42
C PRO A 55 -20.30 15.87 18.69
N PHE A 56 -19.62 15.26 17.74
CA PHE A 56 -18.22 14.89 17.94
C PHE A 56 -17.23 15.67 17.09
N MET A 57 -17.68 16.74 16.47
CA MET A 57 -16.81 17.56 15.62
C MET A 57 -16.94 19.05 15.84
N ASP A 58 -15.82 19.73 16.01
CA ASP A 58 -15.83 21.18 16.19
C ASP A 58 -15.99 21.78 14.80
N VAL A 59 -16.35 23.06 14.74
CA VAL A 59 -16.54 23.75 13.47
C VAL A 59 -15.24 23.80 12.66
N GLU A 60 -14.14 24.09 13.33
CA GLU A 60 -12.84 24.15 12.65
C GLU A 60 -12.50 22.80 12.05
N TYR A 61 -12.68 21.74 12.81
CA TYR A 61 -12.38 20.40 12.32
C TYR A 61 -13.23 20.07 11.11
N MET A 62 -14.51 20.39 11.17
CA MET A 62 -15.41 20.13 10.05
C MET A 62 -14.89 20.83 8.80
N ALA A 63 -14.50 22.09 8.96
CA ALA A 63 -13.98 22.88 7.85
C ALA A 63 -12.76 22.19 7.24
N TYR A 64 -11.82 21.79 8.10
CA TYR A 64 -10.60 21.12 7.68
C TYR A 64 -10.93 19.85 6.89
N LEU A 65 -11.81 19.03 7.46
CA LEU A 65 -12.22 17.79 6.83
C LEU A 65 -12.93 18.00 5.51
N LEU A 66 -13.59 19.15 5.36
CA LEU A 66 -14.28 19.44 4.11
C LEU A 66 -13.27 19.94 3.07
N LYS A 67 -12.33 20.76 3.51
CA LYS A 67 -11.34 21.33 2.61
C LYS A 67 -10.32 20.33 2.04
N TYR A 68 -9.97 19.31 2.81
CA TYR A 68 -8.98 18.35 2.34
C TYR A 68 -9.49 16.92 2.37
N ASP A 69 -9.11 16.14 1.36
CA ASP A 69 -9.48 14.74 1.31
C ASP A 69 -8.43 13.97 0.52
N SER A 70 -8.00 12.84 1.06
CA SER A 70 -6.96 12.00 0.44
C SER A 70 -7.42 11.25 -0.80
N VAL A 71 -8.73 11.25 -1.07
CA VAL A 71 -9.24 10.53 -2.23
C VAL A 71 -9.89 11.45 -3.25
N HIS A 72 -10.61 12.45 -2.76
CA HIS A 72 -11.32 13.36 -3.64
C HIS A 72 -10.68 14.73 -3.86
N GLY A 73 -9.42 14.88 -3.42
CA GLY A 73 -8.72 16.14 -3.59
C GLY A 73 -9.25 17.31 -2.78
N ASN A 74 -8.72 18.51 -3.03
CA ASN A 74 -9.14 19.70 -2.31
C ASN A 74 -10.57 20.08 -2.68
N PHE A 75 -11.29 20.65 -1.72
CA PHE A 75 -12.67 21.08 -1.93
C PHE A 75 -12.70 22.08 -3.10
N ASN A 76 -13.66 21.91 -4.00
CA ASN A 76 -13.80 22.79 -5.15
C ASN A 76 -14.51 24.08 -4.71
N GLY A 77 -13.76 25.00 -4.13
CA GLY A 77 -14.35 26.25 -3.65
C GLY A 77 -13.69 26.74 -2.39
N THR A 78 -14.41 27.50 -1.58
CA THR A 78 -13.85 28.01 -0.35
C THR A 78 -14.65 27.56 0.87
N VAL A 79 -13.94 27.33 1.98
CA VAL A 79 -14.57 26.89 3.21
C VAL A 79 -13.97 27.69 4.36
N GLU A 80 -14.82 28.45 5.06
CA GLU A 80 -14.39 29.25 6.19
C GLU A 80 -15.35 29.08 7.34
N VAL A 81 -14.87 29.34 8.55
CA VAL A 81 -15.70 29.23 9.75
C VAL A 81 -16.27 30.62 10.05
N SER A 82 -17.58 30.68 10.26
CA SER A 82 -18.23 31.95 10.58
C SER A 82 -18.90 31.79 11.93
N GLY A 83 -18.31 32.39 12.95
CA GLY A 83 -18.86 32.28 14.28
C GLY A 83 -18.85 30.82 14.69
N LYS A 84 -20.03 30.22 14.77
CA LYS A 84 -20.16 28.82 15.16
C LYS A 84 -20.52 27.97 13.94
N ASP A 85 -20.81 28.64 12.83
CA ASP A 85 -21.19 27.95 11.60
C ASP A 85 -20.13 27.95 10.52
N LEU A 86 -20.49 27.39 9.37
CA LEU A 86 -19.60 27.32 8.23
C LEU A 86 -20.10 28.22 7.11
N CYS A 87 -19.17 28.78 6.34
CA CYS A 87 -19.52 29.62 5.21
C CYS A 87 -18.82 28.96 4.03
N ILE A 88 -19.57 28.14 3.31
CA ILE A 88 -19.05 27.41 2.17
C ILE A 88 -19.41 28.12 0.87
N ASN A 89 -18.39 28.50 0.10
CA ASN A 89 -18.60 29.21 -1.15
C ASN A 89 -19.50 30.42 -0.93
N GLY A 90 -19.41 31.00 0.26
CA GLY A 90 -20.23 32.17 0.58
C GLY A 90 -21.55 31.86 1.23
N LYS A 91 -22.07 30.66 0.99
CA LYS A 91 -23.35 30.29 1.59
C LYS A 91 -23.12 29.89 3.04
N VAL A 92 -24.09 30.18 3.89
CA VAL A 92 -23.99 29.84 5.30
C VAL A 92 -24.62 28.48 5.59
N VAL A 93 -23.91 27.67 6.37
CA VAL A 93 -24.40 26.36 6.74
C VAL A 93 -24.38 26.26 8.26
N LYS A 94 -25.55 26.09 8.86
CA LYS A 94 -25.68 25.99 10.31
C LYS A 94 -24.98 24.75 10.86
N VAL A 95 -24.36 24.90 12.02
CA VAL A 95 -23.64 23.80 12.65
C VAL A 95 -24.15 23.53 14.08
N PHE A 96 -24.73 22.35 14.27
CA PHE A 96 -25.25 21.96 15.57
C PHE A 96 -24.47 20.77 16.11
N GLN A 97 -24.73 20.42 17.37
CA GLN A 97 -24.06 19.29 18.01
C GLN A 97 -24.94 18.62 19.05
N ALA A 98 -26.15 18.25 18.64
CA ALA A 98 -27.09 17.60 19.54
C ALA A 98 -26.96 16.09 19.46
N LYS A 99 -26.79 15.44 20.60
CA LYS A 99 -26.67 13.98 20.63
C LYS A 99 -28.03 13.34 20.43
N ASP A 100 -29.08 14.15 20.49
CA ASP A 100 -30.45 13.66 20.31
C ASP A 100 -31.11 14.29 19.09
N PRO A 101 -31.43 13.47 18.07
CA PRO A 101 -32.07 13.89 16.82
C PRO A 101 -33.24 14.85 16.99
N ALA A 102 -34.07 14.59 18.00
CA ALA A 102 -35.25 15.41 18.26
C ALA A 102 -34.90 16.86 18.60
N GLU A 103 -33.72 17.07 19.15
CA GLU A 103 -33.29 18.42 19.53
C GLU A 103 -32.46 19.17 18.48
N ILE A 104 -32.35 18.62 17.28
CA ILE A 104 -31.61 19.32 16.23
C ILE A 104 -32.59 20.27 15.55
N PRO A 105 -32.35 21.58 15.67
CA PRO A 105 -33.25 22.56 15.07
C PRO A 105 -33.31 22.53 13.54
N TRP A 106 -33.71 21.38 12.99
CA TRP A 106 -33.82 21.23 11.53
C TRP A 106 -34.85 22.24 11.00
N GLY A 107 -35.98 22.36 11.72
CA GLY A 107 -37.04 23.26 11.31
C GLY A 107 -36.62 24.72 11.25
N ALA A 108 -35.98 25.19 12.32
CA ALA A 108 -35.52 26.58 12.36
C ALA A 108 -34.50 26.81 11.24
N SER A 109 -33.68 25.80 10.98
CA SER A 109 -32.65 25.88 9.95
C SER A 109 -33.24 25.92 8.55
N GLY A 110 -34.46 25.43 8.40
CA GLY A 110 -35.10 25.42 7.09
C GLY A 110 -34.73 24.20 6.28
N ALA A 111 -34.23 23.16 6.94
CA ALA A 111 -33.84 21.93 6.28
C ALA A 111 -35.02 20.98 6.14
N GLN A 112 -35.48 20.77 4.91
CA GLN A 112 -36.63 19.91 4.62
C GLN A 112 -36.36 18.41 4.67
N ILE A 113 -35.20 18.01 4.16
CA ILE A 113 -34.83 16.59 4.12
C ILE A 113 -33.53 16.39 4.88
N VAL A 114 -33.48 15.34 5.71
CA VAL A 114 -32.30 15.06 6.50
C VAL A 114 -31.54 13.81 6.03
N CYS A 115 -30.23 13.96 5.84
CA CYS A 115 -29.38 12.85 5.43
C CYS A 115 -28.85 12.25 6.72
N GLU A 116 -29.39 11.11 7.13
CA GLU A 116 -28.96 10.45 8.35
C GLU A 116 -27.78 9.55 8.02
N SER A 117 -26.57 10.04 8.31
CA SER A 117 -25.36 9.29 8.02
C SER A 117 -24.39 9.12 9.20
N THR A 118 -24.93 8.75 10.36
CA THR A 118 -24.10 8.53 11.55
C THR A 118 -23.97 7.02 11.70
N GLY A 119 -24.85 6.29 11.03
CA GLY A 119 -24.85 4.84 11.09
C GLY A 119 -25.37 4.33 12.43
N VAL A 120 -25.98 5.22 13.21
CA VAL A 120 -26.47 4.87 14.54
C VAL A 120 -28.00 4.92 14.69
N PHE A 121 -28.68 5.49 13.70
CA PHE A 121 -30.13 5.60 13.74
C PHE A 121 -30.71 4.97 12.47
N THR A 122 -30.47 3.68 12.29
CA THR A 122 -30.92 2.97 11.11
C THR A 122 -32.24 2.23 11.27
N THR A 123 -33.18 2.85 11.98
CA THR A 123 -34.51 2.28 12.20
C THR A 123 -35.50 3.44 12.18
N GLU A 124 -36.73 3.18 11.75
CA GLU A 124 -37.74 4.24 11.70
C GLU A 124 -37.82 4.92 13.05
N GLU A 125 -37.90 4.10 14.10
CA GLU A 125 -38.00 4.58 15.46
C GLU A 125 -37.00 5.71 15.71
N LYS A 126 -35.72 5.39 15.61
CA LYS A 126 -34.67 6.38 15.85
C LYS A 126 -34.59 7.47 14.78
N ALA A 127 -34.62 7.07 13.52
CA ALA A 127 -34.52 8.03 12.42
C ALA A 127 -35.68 9.02 12.39
N SER A 128 -36.87 8.58 12.78
CA SER A 128 -38.05 9.45 12.78
C SER A 128 -37.93 10.61 13.76
N LEU A 129 -37.01 10.49 14.73
CA LEU A 129 -36.81 11.55 15.72
C LEU A 129 -36.44 12.87 15.06
N HIS A 130 -35.90 12.80 13.84
CA HIS A 130 -35.52 14.00 13.11
C HIS A 130 -36.75 14.82 12.76
N LEU A 131 -37.87 14.14 12.53
CA LEU A 131 -39.11 14.82 12.18
C LEU A 131 -39.52 15.70 13.36
N LYS A 132 -39.23 15.22 14.57
CA LYS A 132 -39.55 15.95 15.78
C LYS A 132 -38.68 17.20 15.87
N GLY A 133 -37.74 17.33 14.94
CA GLY A 133 -36.86 18.49 14.92
C GLY A 133 -37.27 19.46 13.84
N GLY A 134 -38.38 19.15 13.16
CA GLY A 134 -38.86 20.03 12.11
C GLY A 134 -38.64 19.49 10.71
N ALA A 135 -37.90 18.39 10.59
CA ALA A 135 -37.64 17.79 9.29
C ALA A 135 -38.89 17.14 8.74
N LYS A 136 -39.06 17.19 7.43
CA LYS A 136 -40.22 16.58 6.77
C LYS A 136 -39.95 15.16 6.25
N LYS A 137 -38.68 14.85 5.98
CA LYS A 137 -38.30 13.53 5.48
C LYS A 137 -36.90 13.15 5.97
N VAL A 138 -36.65 11.84 6.05
CA VAL A 138 -35.35 11.35 6.49
C VAL A 138 -34.85 10.22 5.59
N ILE A 139 -33.60 10.32 5.18
CA ILE A 139 -33.01 9.29 4.34
C ILE A 139 -31.82 8.72 5.09
N ILE A 140 -31.90 7.44 5.43
CA ILE A 140 -30.83 6.75 6.13
C ILE A 140 -29.79 6.31 5.09
N SER A 141 -28.56 6.78 5.24
CA SER A 141 -27.49 6.42 4.31
C SER A 141 -26.90 5.06 4.64
N ALA A 142 -27.76 4.04 4.67
CA ALA A 142 -27.32 2.69 4.97
C ALA A 142 -28.55 1.81 5.06
N PRO A 143 -28.41 0.48 4.88
CA PRO A 143 -29.60 -0.35 4.99
C PRO A 143 -30.14 -0.27 6.41
N PRO A 144 -31.47 -0.34 6.58
CA PRO A 144 -32.09 -0.26 7.90
C PRO A 144 -32.02 -1.58 8.66
N LYS A 145 -32.17 -1.52 9.97
CA LYS A 145 -32.15 -2.71 10.80
C LYS A 145 -33.56 -3.30 10.84
N ASP A 146 -34.56 -2.45 10.58
CA ASP A 146 -35.95 -2.90 10.57
C ASP A 146 -36.49 -2.93 9.13
N ASN A 147 -37.79 -2.68 8.99
CA ASN A 147 -38.43 -2.72 7.67
C ASN A 147 -38.56 -1.40 6.91
N VAL A 148 -37.74 -0.42 7.26
CA VAL A 148 -37.78 0.86 6.55
C VAL A 148 -37.58 0.51 5.07
N PRO A 149 -38.42 1.04 4.18
CA PRO A 149 -38.27 0.75 2.75
C PRO A 149 -36.94 1.25 2.17
N MET A 150 -36.26 0.39 1.41
CA MET A 150 -34.99 0.76 0.78
C MET A 150 -35.26 1.13 -0.67
N TYR A 151 -34.60 2.17 -1.14
CA TYR A 151 -34.78 2.60 -2.53
C TYR A 151 -33.46 2.75 -3.27
N VAL A 152 -33.44 2.23 -4.48
CA VAL A 152 -32.26 2.32 -5.33
C VAL A 152 -32.69 3.09 -6.57
N MET A 153 -32.11 4.26 -6.74
CA MET A 153 -32.43 5.10 -7.88
C MET A 153 -32.27 4.30 -9.18
N GLY A 154 -33.21 4.47 -10.10
CA GLY A 154 -33.14 3.77 -11.37
C GLY A 154 -33.66 2.34 -11.30
N VAL A 155 -33.95 1.87 -10.09
CA VAL A 155 -34.44 0.50 -9.95
C VAL A 155 -35.85 0.40 -9.36
N ASN A 156 -36.11 1.08 -8.25
CA ASN A 156 -37.42 1.03 -7.62
C ASN A 156 -37.78 2.32 -6.88
N ASN A 157 -37.07 3.41 -7.15
CA ASN A 157 -37.38 4.65 -6.44
C ASN A 157 -38.79 5.19 -6.69
N THR A 158 -39.34 4.92 -7.87
CA THR A 158 -40.68 5.41 -8.20
C THR A 158 -41.78 4.73 -7.38
N GLU A 159 -41.42 3.66 -6.68
CA GLU A 159 -42.39 2.94 -5.85
C GLU A 159 -42.59 3.72 -4.56
N TYR A 160 -41.72 4.71 -4.33
CA TYR A 160 -41.81 5.55 -3.16
C TYR A 160 -43.15 6.29 -3.22
N ASP A 161 -43.80 6.41 -2.07
CA ASP A 161 -45.08 7.10 -1.97
C ASP A 161 -44.99 8.07 -0.81
N PRO A 162 -44.97 9.38 -1.09
CA PRO A 162 -44.87 10.39 -0.04
C PRO A 162 -45.98 10.31 1.00
N SER A 163 -47.14 9.79 0.61
CA SER A 163 -48.26 9.68 1.54
C SER A 163 -48.20 8.39 2.36
N LYS A 164 -47.07 7.68 2.29
CA LYS A 164 -46.92 6.44 3.05
C LYS A 164 -45.62 6.37 3.84
N PHE A 165 -44.59 7.09 3.40
CA PHE A 165 -43.30 7.04 4.07
C PHE A 165 -42.65 8.38 4.36
N ASN A 166 -42.12 8.53 5.57
CA ASN A 166 -41.41 9.74 5.96
C ASN A 166 -39.96 9.41 6.21
N VAL A 167 -39.67 8.14 6.35
CA VAL A 167 -38.30 7.69 6.57
C VAL A 167 -37.97 6.58 5.60
N ILE A 168 -36.99 6.82 4.73
CA ILE A 168 -36.61 5.81 3.76
C ILE A 168 -35.12 5.53 3.81
N SER A 169 -34.71 4.50 3.08
CA SER A 169 -33.30 4.10 3.01
C SER A 169 -32.76 4.09 1.60
N ASN A 170 -31.52 4.54 1.44
CA ASN A 170 -30.87 4.58 0.14
C ASN A 170 -29.96 3.36 -0.01
N ALA A 171 -30.27 2.31 0.77
CA ALA A 171 -29.53 1.05 0.76
C ALA A 171 -28.05 1.27 1.04
N SER A 172 -27.19 0.51 0.36
CA SER A 172 -25.74 0.64 0.54
C SER A 172 -25.02 0.81 -0.80
N CYS A 173 -23.74 1.15 -0.74
CA CYS A 173 -22.95 1.34 -1.95
C CYS A 173 -22.90 0.08 -2.81
N THR A 174 -22.75 -1.08 -2.18
CA THR A 174 -22.69 -2.34 -2.91
C THR A 174 -24.04 -2.69 -3.54
N THR A 175 -25.13 -2.45 -2.81
CA THR A 175 -26.46 -2.75 -3.33
C THR A 175 -26.78 -1.86 -4.55
N ASN A 176 -26.32 -0.61 -4.50
CA ASN A 176 -26.53 0.31 -5.61
C ASN A 176 -25.76 -0.09 -6.87
N CYS A 177 -24.70 -0.88 -6.71
CA CYS A 177 -23.92 -1.32 -7.86
C CYS A 177 -24.58 -2.56 -8.45
N LEU A 178 -24.92 -3.52 -7.59
CA LEU A 178 -25.53 -4.77 -8.01
C LEU A 178 -26.98 -4.66 -8.51
N ALA A 179 -27.84 -3.95 -7.78
CA ALA A 179 -29.24 -3.81 -8.15
C ALA A 179 -29.52 -3.42 -9.61
N PRO A 180 -28.95 -2.30 -10.08
CA PRO A 180 -29.22 -1.94 -11.48
C PRO A 180 -28.77 -2.98 -12.49
N LEU A 181 -27.60 -3.57 -12.29
CA LEU A 181 -27.11 -4.60 -13.21
C LEU A 181 -28.03 -5.82 -13.12
N ALA A 182 -28.30 -6.26 -11.90
CA ALA A 182 -29.16 -7.43 -11.69
C ALA A 182 -30.54 -7.23 -12.35
N LYS A 183 -31.09 -6.03 -12.22
CA LYS A 183 -32.39 -5.72 -12.80
C LYS A 183 -32.37 -5.84 -14.32
N ILE A 184 -31.38 -5.20 -14.96
CA ILE A 184 -31.24 -5.26 -16.42
C ILE A 184 -31.15 -6.71 -16.89
N ILE A 185 -30.29 -7.48 -16.25
CA ILE A 185 -30.09 -8.90 -16.60
C ILE A 185 -31.35 -9.72 -16.36
N ASN A 186 -31.93 -9.56 -15.18
CA ASN A 186 -33.13 -10.31 -14.85
C ASN A 186 -34.27 -9.98 -15.82
N ASP A 187 -34.46 -8.69 -16.09
CA ASP A 187 -35.52 -8.24 -17.00
C ASP A 187 -35.38 -8.82 -18.40
N LYS A 188 -34.16 -8.81 -18.93
CA LYS A 188 -33.89 -9.31 -20.28
C LYS A 188 -33.72 -10.81 -20.43
N PHE A 189 -32.95 -11.43 -19.55
CA PHE A 189 -32.68 -12.86 -19.68
C PHE A 189 -33.19 -13.70 -18.52
N GLY A 190 -33.41 -13.05 -17.37
CA GLY A 190 -33.89 -13.77 -16.21
C GLY A 190 -32.81 -14.49 -15.44
N ILE A 191 -32.62 -14.10 -14.18
CA ILE A 191 -31.61 -14.72 -13.32
C ILE A 191 -32.23 -15.89 -12.56
N VAL A 192 -31.74 -17.09 -12.83
CA VAL A 192 -32.23 -18.28 -12.14
C VAL A 192 -31.61 -18.29 -10.74
N GLU A 193 -30.30 -18.10 -10.68
CA GLU A 193 -29.56 -18.05 -9.44
C GLU A 193 -28.23 -17.33 -9.66
N GLY A 194 -27.76 -16.62 -8.63
CA GLY A 194 -26.52 -15.90 -8.74
C GLY A 194 -25.75 -15.77 -7.43
N LEU A 195 -24.43 -15.81 -7.52
CA LEU A 195 -23.57 -15.68 -6.35
C LEU A 195 -22.65 -14.49 -6.65
N MET A 196 -22.54 -13.58 -5.69
CA MET A 196 -21.70 -12.40 -5.89
C MET A 196 -20.52 -12.28 -4.95
N THR A 197 -19.43 -11.75 -5.47
CA THR A 197 -18.26 -11.48 -4.67
C THR A 197 -17.93 -10.05 -5.00
N THR A 198 -17.80 -9.22 -3.97
CA THR A 198 -17.44 -7.85 -4.26
C THR A 198 -16.07 -7.59 -3.67
N VAL A 199 -15.19 -7.03 -4.48
CA VAL A 199 -13.85 -6.68 -4.05
C VAL A 199 -13.96 -5.24 -3.56
N HIS A 200 -13.81 -5.06 -2.25
CA HIS A 200 -13.94 -3.75 -1.60
C HIS A 200 -12.67 -3.01 -1.26
N SER A 201 -12.68 -1.71 -1.55
CA SER A 201 -11.57 -0.84 -1.21
C SER A 201 -11.78 -0.56 0.28
N LEU A 202 -10.79 -0.03 0.96
CA LEU A 202 -10.94 0.23 2.39
C LEU A 202 -12.00 1.25 2.82
N THR A 203 -12.50 2.08 1.91
CA THR A 203 -13.55 3.03 2.29
C THR A 203 -14.94 2.45 2.11
N ALA A 204 -15.03 1.30 1.44
CA ALA A 204 -16.32 0.65 1.22
C ALA A 204 -16.99 0.29 2.54
N ASP A 218 -16.73 -8.72 13.73
CA ASP A 218 -16.00 -9.75 12.96
C ASP A 218 -14.50 -9.66 13.23
N TRP A 219 -13.89 -10.80 13.57
CA TRP A 219 -12.47 -10.84 13.88
C TRP A 219 -11.54 -10.51 12.71
N ARG A 220 -11.89 -10.94 11.50
CA ARG A 220 -11.05 -10.67 10.33
C ARG A 220 -10.93 -9.17 10.09
N ALA A 221 -12.07 -8.48 10.22
CA ALA A 221 -12.16 -7.04 10.01
C ALA A 221 -11.16 -6.23 10.81
N GLY A 222 -10.75 -6.75 11.96
CA GLY A 222 -9.81 -6.03 12.79
C GLY A 222 -8.35 -6.20 12.42
N ARG A 223 -8.05 -7.09 11.49
CA ARG A 223 -6.67 -7.32 11.07
C ARG A 223 -6.13 -6.16 10.23
N CYS A 224 -4.82 -6.03 10.13
CA CYS A 224 -4.20 -4.94 9.36
C CYS A 224 -4.78 -4.87 7.94
N ALA A 225 -5.42 -3.74 7.62
CA ALA A 225 -6.02 -3.57 6.30
C ALA A 225 -5.02 -3.25 5.19
N GLY A 226 -3.90 -2.64 5.56
CA GLY A 226 -2.90 -2.25 4.57
C GLY A 226 -2.14 -3.33 3.82
N ASN A 227 -2.05 -4.53 4.38
CA ASN A 227 -1.32 -5.58 3.69
C ASN A 227 -2.06 -6.91 3.67
N ASN A 228 -3.38 -6.84 3.81
CA ASN A 228 -4.18 -8.07 3.80
C ASN A 228 -5.32 -8.06 2.81
N ILE A 229 -5.70 -9.27 2.39
CA ILE A 229 -6.85 -9.47 1.54
C ILE A 229 -7.73 -10.03 2.65
N ILE A 230 -8.88 -9.42 2.87
CA ILE A 230 -9.74 -9.83 3.98
C ILE A 230 -11.19 -10.19 3.62
N PRO A 231 -11.54 -11.49 3.75
CA PRO A 231 -12.89 -11.95 3.46
C PRO A 231 -13.84 -11.23 4.42
N ALA A 232 -15.05 -10.88 3.96
CA ALA A 232 -15.99 -10.19 4.82
C ALA A 232 -17.42 -10.42 4.39
N SER A 233 -18.34 -10.03 5.24
CA SER A 233 -19.76 -10.17 4.98
C SER A 233 -20.34 -8.93 4.35
N THR A 234 -21.39 -9.13 3.57
CA THR A 234 -22.11 -8.06 2.92
C THR A 234 -23.53 -8.57 2.72
N GLY A 235 -24.53 -7.74 3.01
CA GLY A 235 -25.90 -8.18 2.86
C GLY A 235 -26.50 -7.66 1.56
N ALA A 236 -25.65 -7.09 0.72
CA ALA A 236 -26.09 -6.52 -0.56
C ALA A 236 -26.93 -7.46 -1.41
N ALA A 237 -26.43 -8.68 -1.60
CA ALA A 237 -27.14 -9.65 -2.42
C ALA A 237 -28.57 -9.85 -1.93
N LYS A 238 -28.74 -9.91 -0.61
CA LYS A 238 -30.06 -10.10 -0.03
C LYS A 238 -30.90 -8.82 -0.15
N ALA A 239 -30.28 -7.68 0.12
CA ALA A 239 -30.97 -6.40 0.02
C ALA A 239 -31.53 -6.24 -1.40
N VAL A 240 -30.78 -6.74 -2.38
CA VAL A 240 -31.22 -6.65 -3.77
C VAL A 240 -32.52 -7.46 -3.88
N GLY A 241 -32.61 -8.52 -3.09
CA GLY A 241 -33.79 -9.36 -3.09
C GLY A 241 -35.00 -8.59 -2.59
N LYS A 242 -34.75 -7.54 -1.82
CA LYS A 242 -35.84 -6.72 -1.28
C LYS A 242 -36.19 -5.60 -2.26
N VAL A 243 -35.16 -4.97 -2.83
CA VAL A 243 -35.37 -3.90 -3.79
C VAL A 243 -36.00 -4.44 -5.07
N ILE A 244 -35.67 -5.69 -5.39
CA ILE A 244 -36.20 -6.37 -6.56
C ILE A 244 -36.80 -7.70 -6.08
N PRO A 245 -38.05 -7.67 -5.57
CA PRO A 245 -38.75 -8.84 -5.05
C PRO A 245 -38.55 -10.12 -5.85
N ALA A 246 -38.63 -10.02 -7.17
CA ALA A 246 -38.46 -11.17 -8.04
C ALA A 246 -37.14 -11.91 -7.81
N LEU A 247 -36.15 -11.24 -7.24
CA LEU A 247 -34.86 -11.89 -7.01
C LEU A 247 -34.67 -12.41 -5.60
N ASN A 248 -35.71 -12.31 -4.77
CA ASN A 248 -35.65 -12.80 -3.40
C ASN A 248 -35.25 -14.26 -3.42
N GLY A 249 -34.26 -14.62 -2.61
CA GLY A 249 -33.81 -15.99 -2.54
C GLY A 249 -32.97 -16.46 -3.73
N LYS A 250 -32.84 -15.64 -4.76
CA LYS A 250 -32.06 -16.02 -5.94
C LYS A 250 -30.61 -15.54 -5.94
N LEU A 251 -30.28 -14.71 -4.95
CA LEU A 251 -28.93 -14.17 -4.88
C LEU A 251 -28.37 -14.17 -3.46
N THR A 252 -27.06 -14.24 -3.36
CA THR A 252 -26.36 -14.17 -2.08
C THR A 252 -24.90 -13.94 -2.43
N GLY A 253 -24.14 -13.37 -1.50
CA GLY A 253 -22.75 -13.12 -1.79
C GLY A 253 -21.88 -12.82 -0.59
N MET A 254 -20.64 -12.44 -0.86
CA MET A 254 -19.68 -12.13 0.19
C MET A 254 -18.77 -11.02 -0.31
N ALA A 255 -17.88 -10.57 0.56
CA ALA A 255 -16.95 -9.51 0.18
C ALA A 255 -15.51 -9.88 0.47
N ILE A 256 -14.60 -9.24 -0.26
CA ILE A 256 -13.18 -9.44 -0.09
C ILE A 256 -12.54 -8.05 -0.08
N ARG A 257 -12.09 -7.62 1.10
CA ARG A 257 -11.46 -6.32 1.25
C ARG A 257 -9.99 -6.31 0.85
N VAL A 258 -9.60 -5.32 0.07
CA VAL A 258 -8.22 -5.19 -0.38
C VAL A 258 -7.73 -3.80 0.00
N PRO A 259 -6.40 -3.64 0.12
CA PRO A 259 -5.76 -2.37 0.51
C PRO A 259 -5.84 -1.10 -0.33
N THR A 260 -6.70 -1.05 -1.35
CA THR A 260 -6.82 0.17 -2.14
C THR A 260 -7.74 1.17 -1.44
N PRO A 261 -7.45 2.48 -1.56
CA PRO A 261 -8.23 3.55 -0.93
C PRO A 261 -9.70 3.74 -1.34
N ASP A 262 -10.01 3.65 -2.63
CA ASP A 262 -11.38 3.84 -3.09
C ASP A 262 -11.61 3.10 -4.42
N VAL A 263 -12.88 2.84 -4.71
CA VAL A 263 -13.32 2.14 -5.93
C VAL A 263 -13.35 0.65 -5.71
N SER A 264 -14.52 0.07 -5.94
CA SER A 264 -14.72 -1.35 -5.74
C SER A 264 -15.28 -1.99 -7.02
N VAL A 265 -15.45 -3.31 -6.99
CA VAL A 265 -15.96 -4.02 -8.15
C VAL A 265 -16.90 -5.12 -7.73
N VAL A 266 -17.90 -5.39 -8.56
CA VAL A 266 -18.85 -6.45 -8.28
C VAL A 266 -18.57 -7.59 -9.26
N ASP A 267 -18.46 -8.80 -8.71
CA ASP A 267 -18.20 -9.99 -9.49
C ASP A 267 -19.46 -10.84 -9.33
N LEU A 268 -20.32 -10.80 -10.35
CA LEU A 268 -21.57 -11.54 -10.31
C LEU A 268 -21.59 -12.71 -11.27
N THR A 269 -21.57 -13.93 -10.74
CA THR A 269 -21.64 -15.09 -11.61
C THR A 269 -23.01 -15.69 -11.40
N CYS A 270 -23.80 -15.70 -12.47
CA CYS A 270 -25.16 -16.21 -12.38
C CYS A 270 -25.55 -17.06 -13.56
N LYS A 271 -26.63 -17.83 -13.37
CA LYS A 271 -27.17 -18.69 -14.39
C LYS A 271 -28.37 -17.97 -14.99
N LEU A 272 -28.40 -17.89 -16.32
CA LEU A 272 -29.49 -17.21 -17.01
C LEU A 272 -30.61 -18.16 -17.42
N ALA A 273 -31.85 -17.68 -17.37
CA ALA A 273 -33.00 -18.49 -17.76
C ALA A 273 -33.06 -18.60 -19.28
N LYS A 274 -32.61 -17.55 -19.96
CA LYS A 274 -32.58 -17.53 -21.41
C LYS A 274 -31.13 -17.28 -21.84
N PRO A 275 -30.57 -18.20 -22.63
CA PRO A 275 -29.18 -18.04 -23.08
C PRO A 275 -28.87 -16.64 -23.62
N ALA A 276 -27.64 -16.19 -23.41
CA ALA A 276 -27.22 -14.86 -23.87
C ALA A 276 -25.70 -14.75 -23.87
N SER A 277 -25.18 -14.00 -24.83
CA SER A 277 -23.73 -13.82 -24.93
C SER A 277 -23.34 -12.51 -24.23
N ILE A 278 -22.03 -12.34 -24.01
CA ILE A 278 -21.53 -11.14 -23.37
C ILE A 278 -21.92 -9.92 -24.20
N GLU A 279 -21.90 -10.10 -25.52
CA GLU A 279 -22.25 -9.01 -26.44
C GLU A 279 -23.68 -8.56 -26.22
N GLU A 280 -24.58 -9.53 -26.07
CA GLU A 280 -26.00 -9.23 -25.85
C GLU A 280 -26.19 -8.62 -24.46
N ILE A 281 -25.48 -9.15 -23.47
CA ILE A 281 -25.58 -8.60 -22.11
C ILE A 281 -25.08 -7.17 -22.20
N TYR A 282 -23.96 -6.98 -22.89
CA TYR A 282 -23.38 -5.67 -23.08
C TYR A 282 -24.39 -4.72 -23.74
N GLN A 283 -25.12 -5.21 -24.75
CA GLN A 283 -26.10 -4.40 -25.46
C GLN A 283 -27.28 -4.02 -24.57
N ALA A 284 -27.75 -4.96 -23.77
CA ALA A 284 -28.87 -4.69 -22.87
C ALA A 284 -28.47 -3.62 -21.85
N VAL A 285 -27.23 -3.70 -21.36
CA VAL A 285 -26.75 -2.73 -20.39
C VAL A 285 -26.64 -1.37 -21.05
N LYS A 286 -26.14 -1.36 -22.28
CA LYS A 286 -25.98 -0.11 -23.02
C LYS A 286 -27.34 0.57 -23.24
N GLU A 287 -28.36 -0.23 -23.54
CA GLU A 287 -29.73 0.28 -23.75
C GLU A 287 -30.22 0.96 -22.49
N ALA A 288 -30.18 0.23 -21.36
CA ALA A 288 -30.65 0.79 -20.09
C ALA A 288 -29.87 2.02 -19.70
N SER A 289 -28.55 1.97 -19.90
CA SER A 289 -27.67 3.07 -19.57
C SER A 289 -28.00 4.34 -20.33
N ASN A 290 -28.32 4.18 -21.61
CA ASN A 290 -28.65 5.33 -22.45
C ASN A 290 -30.14 5.60 -22.43
N GLY A 291 -30.87 4.74 -21.71
CA GLY A 291 -32.31 4.90 -21.61
C GLY A 291 -32.85 5.22 -20.24
N PRO A 292 -33.65 4.31 -19.65
CA PRO A 292 -34.23 4.49 -18.32
C PRO A 292 -33.25 4.65 -17.16
N MET A 293 -32.02 4.16 -17.31
CA MET A 293 -31.04 4.26 -16.25
C MET A 293 -29.90 5.21 -16.57
N LYS A 294 -30.21 6.30 -17.25
CA LYS A 294 -29.19 7.27 -17.62
C LYS A 294 -28.56 7.87 -16.35
N GLY A 295 -27.23 7.88 -16.30
CA GLY A 295 -26.54 8.43 -15.16
C GLY A 295 -26.41 7.45 -14.00
N ILE A 296 -27.10 6.32 -14.09
CA ILE A 296 -27.06 5.32 -13.04
C ILE A 296 -26.24 4.11 -13.49
N MET A 297 -26.60 3.54 -14.63
CA MET A 297 -25.85 2.40 -15.18
C MET A 297 -24.92 2.95 -16.24
N GLY A 298 -23.70 2.44 -16.26
CA GLY A 298 -22.71 2.87 -17.21
C GLY A 298 -22.04 1.63 -17.76
N TYR A 299 -21.13 1.82 -18.71
CA TYR A 299 -20.43 0.70 -19.33
C TYR A 299 -19.12 1.16 -19.97
N THR A 300 -18.25 0.21 -20.28
CA THR A 300 -16.96 0.51 -20.91
C THR A 300 -16.42 -0.73 -21.57
N SER A 301 -15.53 -0.51 -22.53
CA SER A 301 -14.87 -1.59 -23.24
C SER A 301 -13.38 -1.27 -23.32
N ASP A 302 -12.95 -0.32 -22.49
CA ASP A 302 -11.55 0.11 -22.42
C ASP A 302 -10.79 -0.67 -21.34
N ASP A 303 -9.47 -0.74 -21.48
CA ASP A 303 -8.65 -1.46 -20.50
C ASP A 303 -8.47 -0.64 -19.22
N VAL A 304 -9.59 -0.41 -18.53
CA VAL A 304 -9.59 0.36 -17.29
C VAL A 304 -9.11 -0.43 -16.06
N VAL A 305 -8.74 0.31 -15.01
CA VAL A 305 -8.33 -0.28 -13.74
C VAL A 305 -9.01 0.55 -12.66
N SER A 306 -8.87 0.13 -11.40
CA SER A 306 -9.50 0.83 -10.27
C SER A 306 -9.51 2.36 -10.30
N THR A 307 -8.32 2.95 -10.26
CA THR A 307 -8.19 4.40 -10.22
C THR A 307 -8.90 5.20 -11.32
N ASP A 308 -9.20 4.56 -12.45
CA ASP A 308 -9.87 5.29 -13.52
C ASP A 308 -11.32 5.67 -13.17
N PHE A 309 -11.83 5.17 -12.05
CA PHE A 309 -13.21 5.48 -11.66
C PHE A 309 -13.33 6.38 -10.43
N ILE A 310 -12.20 6.87 -9.92
CA ILE A 310 -12.25 7.74 -8.76
C ILE A 310 -12.99 9.01 -9.13
N GLY A 311 -14.13 9.23 -8.49
CA GLY A 311 -14.92 10.41 -8.79
C GLY A 311 -16.06 10.10 -9.75
N CYS A 312 -16.11 8.89 -10.29
CA CYS A 312 -17.18 8.53 -11.20
C CYS A 312 -18.50 8.55 -10.41
N LYS A 313 -19.51 9.19 -10.97
CA LYS A 313 -20.81 9.30 -10.31
C LYS A 313 -21.78 8.15 -10.56
N TYR A 314 -21.45 7.27 -11.49
CA TYR A 314 -22.31 6.13 -11.79
C TYR A 314 -22.47 5.23 -10.57
N SER A 315 -23.53 4.42 -10.56
CA SER A 315 -23.75 3.51 -9.45
C SER A 315 -23.13 2.17 -9.80
N SER A 316 -23.04 1.90 -11.10
CA SER A 316 -22.53 0.63 -11.60
C SER A 316 -21.98 0.78 -13.02
N ILE A 317 -20.71 0.45 -13.23
CA ILE A 317 -20.14 0.53 -14.58
C ILE A 317 -19.70 -0.85 -15.06
N PHE A 318 -20.39 -1.33 -16.08
CA PHE A 318 -20.10 -2.63 -16.68
C PHE A 318 -18.73 -2.66 -17.38
N ASP A 319 -17.87 -3.63 -17.03
CA ASP A 319 -16.54 -3.76 -17.66
C ASP A 319 -16.66 -4.87 -18.70
N LYS A 320 -16.95 -4.51 -19.94
CA LYS A 320 -17.14 -5.49 -21.00
C LYS A 320 -16.05 -6.54 -21.16
N ASN A 321 -14.81 -6.12 -21.33
CA ASN A 321 -13.74 -7.10 -21.53
C ASN A 321 -13.38 -7.94 -20.31
N ALA A 322 -13.72 -7.47 -19.11
CA ALA A 322 -13.42 -8.24 -17.90
C ALA A 322 -14.41 -9.39 -17.71
N CYS A 323 -15.59 -9.26 -18.31
CA CYS A 323 -16.62 -10.28 -18.22
C CYS A 323 -16.17 -11.56 -18.91
N ILE A 324 -16.66 -12.69 -18.42
CA ILE A 324 -16.34 -13.98 -19.00
C ILE A 324 -17.54 -14.91 -18.88
N ALA A 325 -17.66 -15.83 -19.83
CA ALA A 325 -18.77 -16.77 -19.81
C ALA A 325 -18.29 -18.18 -20.09
N LEU A 326 -18.86 -19.16 -19.41
CA LEU A 326 -18.49 -20.55 -19.63
C LEU A 326 -19.27 -21.00 -20.84
N ASN A 327 -20.53 -20.57 -20.90
CA ASN A 327 -21.45 -20.88 -21.99
C ASN A 327 -22.54 -19.81 -22.02
N ASP A 328 -23.51 -19.95 -22.91
CA ASP A 328 -24.57 -18.95 -23.03
C ASP A 328 -25.53 -18.79 -21.85
N SER A 329 -25.39 -19.61 -20.82
CA SER A 329 -26.28 -19.49 -19.67
C SER A 329 -25.57 -19.40 -18.33
N PHE A 330 -24.24 -19.48 -18.36
CA PHE A 330 -23.43 -19.40 -17.14
C PHE A 330 -22.33 -18.39 -17.37
N VAL A 331 -22.52 -17.19 -16.85
CA VAL A 331 -21.60 -16.09 -17.02
C VAL A 331 -21.12 -15.40 -15.74
N LYS A 332 -20.04 -14.65 -15.86
CA LYS A 332 -19.46 -13.88 -14.76
C LYS A 332 -19.37 -12.44 -15.23
N LEU A 333 -20.14 -11.57 -14.59
CA LEU A 333 -20.14 -10.17 -14.96
C LEU A 333 -19.33 -9.35 -13.97
N ILE A 334 -18.61 -8.37 -14.48
CA ILE A 334 -17.78 -7.51 -13.67
C ILE A 334 -18.30 -6.09 -13.80
N SER A 335 -18.51 -5.42 -12.66
CA SER A 335 -19.02 -4.05 -12.68
C SER A 335 -18.33 -3.18 -11.63
N TRP A 336 -17.80 -2.04 -12.07
CA TRP A 336 -17.10 -1.13 -11.19
C TRP A 336 -18.01 -0.13 -10.49
N TYR A 337 -17.51 0.45 -9.41
CA TYR A 337 -18.24 1.48 -8.70
C TYR A 337 -17.36 2.19 -7.69
N ASP A 338 -17.41 3.51 -7.73
CA ASP A 338 -16.67 4.31 -6.77
C ASP A 338 -17.62 4.27 -5.57
N ASN A 339 -17.32 3.38 -4.62
CA ASN A 339 -18.16 3.21 -3.43
C ASN A 339 -18.55 4.50 -2.74
N GLU A 340 -17.70 5.52 -2.80
CA GLU A 340 -18.05 6.79 -2.17
C GLU A 340 -18.84 7.73 -3.09
N SER A 341 -18.27 8.09 -4.23
CA SER A 341 -18.92 9.01 -5.17
C SER A 341 -20.30 8.57 -5.69
N GLY A 342 -20.39 7.36 -6.20
CA GLY A 342 -21.67 6.87 -6.70
C GLY A 342 -22.77 6.97 -5.67
N TYR A 343 -22.52 6.36 -4.52
CA TYR A 343 -23.49 6.33 -3.43
C TYR A 343 -23.92 7.71 -2.97
N SER A 344 -22.95 8.58 -2.68
CA SER A 344 -23.26 9.93 -2.23
C SER A 344 -24.13 10.67 -3.23
N ASN A 345 -23.83 10.54 -4.51
CA ASN A 345 -24.62 11.23 -5.54
C ASN A 345 -26.01 10.62 -5.69
N ARG A 346 -26.14 9.34 -5.38
CA ARG A 346 -27.45 8.70 -5.46
C ARG A 346 -28.31 9.17 -4.28
N LEU A 347 -27.67 9.37 -3.12
CA LEU A 347 -28.41 9.83 -1.96
C LEU A 347 -28.95 11.23 -2.23
N VAL A 348 -28.22 12.01 -3.03
CA VAL A 348 -28.63 13.37 -3.38
C VAL A 348 -29.74 13.29 -4.43
N ASP A 349 -29.61 12.37 -5.39
CA ASP A 349 -30.63 12.19 -6.41
C ASP A 349 -31.94 11.80 -5.73
N LEU A 350 -31.84 10.94 -4.72
CA LEU A 350 -33.01 10.46 -3.99
C LEU A 350 -33.71 11.59 -3.24
N ALA A 351 -32.93 12.48 -2.62
CA ALA A 351 -33.52 13.60 -1.89
C ALA A 351 -34.27 14.46 -2.90
N VAL A 352 -33.58 14.86 -3.96
CA VAL A 352 -34.16 15.67 -5.02
C VAL A 352 -35.44 15.01 -5.54
N TYR A 353 -35.42 13.69 -5.70
CA TYR A 353 -36.61 12.98 -6.16
C TYR A 353 -37.71 13.08 -5.11
N VAL A 354 -37.35 12.84 -3.85
CA VAL A 354 -38.32 12.91 -2.77
C VAL A 354 -39.00 14.27 -2.81
N ALA A 355 -38.19 15.32 -2.82
CA ALA A 355 -38.71 16.68 -2.86
C ALA A 355 -39.70 16.82 -4.02
N SER A 356 -39.33 16.30 -5.18
CA SER A 356 -40.19 16.40 -6.36
C SER A 356 -41.56 15.75 -6.15
N ARG A 357 -41.65 14.86 -5.17
CA ARG A 357 -42.90 14.17 -4.89
C ARG A 357 -43.80 14.93 -3.91
N GLY A 358 -43.28 16.04 -3.37
CA GLY A 358 -44.05 16.83 -2.44
C GLY A 358 -43.84 16.44 -1.00
N LEU A 359 -43.46 17.42 -0.18
CA LEU A 359 -43.22 17.19 1.23
C LEU A 359 -44.44 17.57 2.07
N THR B 22 20.53 -39.71 -3.70
CA THR B 22 19.92 -38.36 -3.52
C THR B 22 19.83 -37.60 -4.84
N ALA B 23 18.68 -36.99 -5.07
CA ALA B 23 18.45 -36.21 -6.29
C ALA B 23 19.24 -34.91 -6.27
N THR B 24 19.73 -34.49 -7.43
CA THR B 24 20.47 -33.24 -7.55
C THR B 24 19.69 -32.30 -8.46
N LEU B 25 19.73 -31.00 -8.18
CA LEU B 25 18.99 -30.04 -8.98
C LEU B 25 19.82 -28.93 -9.55
N GLY B 26 19.45 -28.52 -10.77
CA GLY B 26 20.13 -27.42 -11.43
C GLY B 26 19.02 -26.39 -11.66
N ILE B 27 19.30 -25.11 -11.40
CA ILE B 27 18.28 -24.08 -11.58
C ILE B 27 18.66 -23.13 -12.70
N ASN B 28 17.78 -22.98 -13.67
CA ASN B 28 18.03 -22.06 -14.78
C ASN B 28 17.10 -20.86 -14.59
N GLY B 29 17.68 -19.70 -14.28
CA GLY B 29 16.89 -18.50 -14.05
C GLY B 29 16.79 -18.29 -12.54
N PHE B 30 17.60 -17.39 -11.98
CA PHE B 30 17.57 -17.17 -10.53
C PHE B 30 16.61 -16.07 -10.10
N GLY B 31 15.38 -16.13 -10.60
CA GLY B 31 14.36 -15.15 -10.25
C GLY B 31 13.66 -15.54 -8.96
N ARG B 32 12.53 -14.90 -8.65
CA ARG B 32 11.77 -15.18 -7.43
C ARG B 32 11.52 -16.67 -7.23
N ILE B 33 11.00 -17.34 -8.26
CA ILE B 33 10.71 -18.77 -8.15
C ILE B 33 11.99 -19.59 -7.98
N GLY B 34 12.96 -19.34 -8.86
CA GLY B 34 14.22 -20.05 -8.78
C GLY B 34 14.86 -19.95 -7.40
N ARG B 35 14.88 -18.74 -6.84
CA ARG B 35 15.48 -18.54 -5.53
C ARG B 35 14.71 -19.28 -4.43
N LEU B 36 13.38 -19.27 -4.51
CA LEU B 36 12.57 -19.93 -3.50
C LEU B 36 12.67 -21.45 -3.60
N VAL B 37 12.90 -21.96 -4.81
CA VAL B 37 13.06 -23.39 -5.02
C VAL B 37 14.33 -23.81 -4.30
N LEU B 38 15.38 -23.00 -4.41
CA LEU B 38 16.65 -23.29 -3.78
C LEU B 38 16.53 -23.26 -2.27
N ARG B 39 15.82 -22.26 -1.75
CA ARG B 39 15.64 -22.14 -0.31
C ARG B 39 14.87 -23.36 0.21
N ALA B 40 13.95 -23.87 -0.60
CA ALA B 40 13.17 -25.04 -0.21
C ALA B 40 14.09 -26.27 -0.14
N CYS B 41 14.96 -26.41 -1.13
CA CYS B 41 15.89 -27.54 -1.18
C CYS B 41 16.87 -27.57 0.00
N MET B 42 17.37 -26.40 0.38
CA MET B 42 18.33 -26.29 1.50
C MET B 42 17.72 -26.85 2.78
N GLU B 43 16.40 -26.85 2.86
CA GLU B 43 15.70 -27.36 4.03
C GLU B 43 15.63 -28.89 4.01
N ARG B 44 15.65 -29.46 2.82
CA ARG B 44 15.52 -30.90 2.66
C ARG B 44 16.82 -31.69 2.51
N ASN B 45 16.74 -32.95 2.90
CA ASN B 45 17.88 -33.84 2.86
C ASN B 45 17.78 -34.84 1.70
N ASP B 46 16.68 -34.78 0.96
CA ASP B 46 16.48 -35.70 -0.16
C ASP B 46 16.73 -35.08 -1.53
N ILE B 47 17.27 -33.87 -1.56
CA ILE B 47 17.56 -33.21 -2.82
C ILE B 47 18.49 -32.03 -2.57
N THR B 48 19.46 -31.82 -3.45
CA THR B 48 20.41 -30.73 -3.30
C THR B 48 20.60 -29.97 -4.60
N VAL B 49 20.79 -28.67 -4.49
CA VAL B 49 21.02 -27.85 -5.67
C VAL B 49 22.52 -27.83 -5.88
N VAL B 50 22.97 -28.19 -7.09
CA VAL B 50 24.39 -28.24 -7.41
C VAL B 50 24.86 -27.19 -8.42
N ALA B 51 23.94 -26.63 -9.20
CA ALA B 51 24.28 -25.63 -10.19
C ALA B 51 23.13 -24.65 -10.44
N ILE B 52 23.48 -23.44 -10.83
CA ILE B 52 22.52 -22.39 -11.14
C ILE B 52 23.05 -21.68 -12.37
N ASN B 53 22.18 -21.41 -13.34
CA ASN B 53 22.61 -20.71 -14.54
C ASN B 53 21.71 -19.52 -14.78
N ASP B 54 22.33 -18.35 -14.93
CA ASP B 54 21.60 -17.13 -15.21
C ASP B 54 22.56 -16.11 -15.82
N PRO B 55 22.51 -15.95 -17.15
CA PRO B 55 23.38 -15.01 -17.89
C PRO B 55 23.13 -13.53 -17.61
N PHE B 56 22.10 -13.24 -16.81
CA PHE B 56 21.77 -11.84 -16.54
C PHE B 56 21.95 -11.35 -15.10
N MET B 57 22.56 -12.18 -14.26
CA MET B 57 22.82 -11.79 -12.87
C MET B 57 24.27 -12.08 -12.52
N ASP B 58 24.92 -11.15 -11.83
CA ASP B 58 26.29 -11.36 -11.37
C ASP B 58 26.12 -12.19 -10.10
N VAL B 59 27.11 -13.03 -9.78
CA VAL B 59 27.02 -13.87 -8.59
C VAL B 59 26.84 -13.05 -7.30
N GLU B 60 27.53 -11.92 -7.22
CA GLU B 60 27.43 -11.06 -6.03
C GLU B 60 25.99 -10.66 -5.82
N TYR B 61 25.28 -10.36 -6.90
CA TYR B 61 23.87 -9.96 -6.82
C TYR B 61 23.01 -11.17 -6.49
N MET B 62 23.35 -12.32 -7.07
CA MET B 62 22.62 -13.56 -6.78
C MET B 62 22.72 -13.81 -5.27
N ALA B 63 23.93 -13.63 -4.73
CA ALA B 63 24.14 -13.84 -3.29
C ALA B 63 23.22 -12.91 -2.51
N TYR B 64 23.21 -11.64 -2.89
CA TYR B 64 22.39 -10.62 -2.26
C TYR B 64 20.91 -10.99 -2.26
N LEU B 65 20.38 -11.34 -3.44
CA LEU B 65 18.97 -11.69 -3.57
C LEU B 65 18.55 -12.96 -2.81
N LEU B 66 19.51 -13.84 -2.55
CA LEU B 66 19.21 -15.05 -1.80
C LEU B 66 19.21 -14.74 -0.31
N LYS B 67 20.14 -13.89 0.11
CA LYS B 67 20.25 -13.52 1.51
C LYS B 67 19.09 -12.68 2.05
N TYR B 68 18.56 -11.78 1.22
CA TYR B 68 17.48 -10.91 1.64
C TYR B 68 16.21 -11.02 0.78
N ASP B 69 15.05 -10.97 1.44
CA ASP B 69 13.78 -11.00 0.72
C ASP B 69 12.71 -10.27 1.50
N SER B 70 12.01 -9.37 0.82
CA SER B 70 10.97 -8.56 1.43
C SER B 70 9.70 -9.33 1.79
N VAL B 71 9.64 -10.60 1.39
CA VAL B 71 8.47 -11.41 1.68
C VAL B 71 8.80 -12.62 2.54
N HIS B 72 9.90 -13.28 2.22
CA HIS B 72 10.29 -14.49 2.94
C HIS B 72 11.39 -14.35 3.99
N GLY B 73 11.78 -13.11 4.27
CA GLY B 73 12.82 -12.86 5.27
C GLY B 73 14.23 -13.24 4.89
N ASN B 74 15.16 -13.14 5.85
CA ASN B 74 16.56 -13.48 5.60
C ASN B 74 16.72 -14.96 5.28
N PHE B 75 17.75 -15.27 4.49
CA PHE B 75 18.04 -16.66 4.14
C PHE B 75 18.46 -17.38 5.42
N ASN B 76 17.94 -18.58 5.63
CA ASN B 76 18.30 -19.35 6.82
C ASN B 76 19.64 -20.07 6.58
N GLY B 77 20.72 -19.41 6.93
CA GLY B 77 22.02 -20.01 6.73
C GLY B 77 23.06 -19.02 6.26
N THR B 78 24.02 -19.49 5.49
CA THR B 78 25.07 -18.61 4.99
C THR B 78 25.23 -18.67 3.49
N VAL B 79 25.45 -17.50 2.89
CA VAL B 79 25.63 -17.38 1.45
C VAL B 79 26.89 -16.57 1.23
N GLU B 80 27.79 -17.09 0.40
CA GLU B 80 29.04 -16.40 0.11
C GLU B 80 29.47 -16.69 -1.33
N VAL B 81 30.14 -15.73 -1.95
CA VAL B 81 30.62 -15.92 -3.30
C VAL B 81 31.96 -16.64 -3.22
N SER B 82 32.14 -17.67 -4.06
CA SER B 82 33.37 -18.45 -4.09
C SER B 82 33.88 -18.36 -5.54
N GLY B 83 34.80 -17.44 -5.78
CA GLY B 83 35.32 -17.25 -7.13
C GLY B 83 34.19 -16.72 -7.98
N LYS B 84 33.68 -17.54 -8.88
CA LYS B 84 32.56 -17.15 -9.73
C LYS B 84 31.33 -17.96 -9.31
N ASP B 85 31.55 -18.87 -8.37
CA ASP B 85 30.48 -19.74 -7.86
C ASP B 85 29.96 -19.24 -6.52
N LEU B 86 28.98 -19.95 -5.98
CA LEU B 86 28.41 -19.60 -4.68
C LEU B 86 28.70 -20.71 -3.68
N CYS B 87 28.88 -20.31 -2.42
CA CYS B 87 29.12 -21.26 -1.34
C CYS B 87 27.92 -21.05 -0.41
N ILE B 88 27.01 -22.00 -0.41
CA ILE B 88 25.82 -21.89 0.42
C ILE B 88 25.87 -22.93 1.54
N ASN B 89 25.95 -22.43 2.77
CA ASN B 89 26.03 -23.29 3.95
C ASN B 89 27.17 -24.30 3.82
N GLY B 90 28.27 -23.86 3.22
CA GLY B 90 29.43 -24.72 3.06
C GLY B 90 29.50 -25.50 1.76
N LYS B 91 28.36 -25.67 1.09
CA LYS B 91 28.30 -26.41 -0.17
C LYS B 91 28.59 -25.49 -1.36
N VAL B 92 29.39 -25.99 -2.29
CA VAL B 92 29.72 -25.24 -3.49
C VAL B 92 28.63 -25.43 -4.54
N VAL B 93 28.02 -24.33 -4.94
CA VAL B 93 26.98 -24.37 -5.96
C VAL B 93 27.58 -23.69 -7.18
N LYS B 94 27.75 -24.45 -8.25
CA LYS B 94 28.31 -23.95 -9.50
C LYS B 94 27.39 -22.93 -10.16
N VAL B 95 27.97 -21.84 -10.64
CA VAL B 95 27.19 -20.78 -11.29
C VAL B 95 27.67 -20.56 -12.72
N PHE B 96 26.73 -20.53 -13.65
CA PHE B 96 27.04 -20.32 -15.05
C PHE B 96 26.22 -19.19 -15.63
N GLN B 97 26.63 -18.70 -16.80
CA GLN B 97 25.94 -17.60 -17.45
C GLN B 97 25.74 -17.83 -18.95
N ALA B 98 25.42 -19.06 -19.32
CA ALA B 98 25.20 -19.42 -20.71
C ALA B 98 23.79 -19.04 -21.20
N LYS B 99 23.73 -18.30 -22.30
CA LYS B 99 22.46 -17.89 -22.88
C LYS B 99 21.82 -19.07 -23.61
N ASP B 100 22.66 -20.02 -24.03
CA ASP B 100 22.19 -21.20 -24.74
C ASP B 100 22.15 -22.38 -23.74
N PRO B 101 20.94 -22.89 -23.45
CA PRO B 101 20.76 -24.00 -22.51
C PRO B 101 21.58 -25.22 -22.87
N ALA B 102 21.73 -25.46 -24.17
CA ALA B 102 22.48 -26.60 -24.66
C ALA B 102 23.94 -26.53 -24.20
N GLU B 103 24.40 -25.32 -23.91
CA GLU B 103 25.78 -25.12 -23.48
C GLU B 103 26.01 -25.04 -21.97
N ILE B 104 24.99 -25.32 -21.18
CA ILE B 104 25.14 -25.29 -19.72
C ILE B 104 25.69 -26.66 -19.31
N PRO B 105 26.80 -26.68 -18.56
CA PRO B 105 27.36 -27.97 -18.14
C PRO B 105 26.67 -28.65 -16.97
N TRP B 106 25.40 -28.99 -17.17
CA TRP B 106 24.60 -29.67 -16.14
C TRP B 106 25.22 -31.03 -15.80
N GLY B 107 25.57 -31.80 -16.83
CA GLY B 107 26.16 -33.11 -16.60
C GLY B 107 27.47 -33.04 -15.85
N ALA B 108 28.39 -32.21 -16.34
CA ALA B 108 29.69 -32.06 -15.68
C ALA B 108 29.52 -31.59 -14.23
N SER B 109 28.46 -30.83 -13.97
CA SER B 109 28.18 -30.30 -12.63
C SER B 109 27.50 -31.30 -11.71
N GLY B 110 27.01 -32.40 -12.27
CA GLY B 110 26.35 -33.40 -11.47
C GLY B 110 24.88 -33.08 -11.19
N ALA B 111 24.28 -32.26 -12.04
CA ALA B 111 22.86 -31.89 -11.89
C ALA B 111 21.99 -32.79 -12.77
N GLN B 112 21.16 -33.61 -12.12
CA GLN B 112 20.26 -34.54 -12.81
C GLN B 112 18.98 -33.93 -13.33
N ILE B 113 18.34 -33.10 -12.53
CA ILE B 113 17.08 -32.49 -12.92
C ILE B 113 17.20 -30.97 -12.96
N VAL B 114 16.73 -30.38 -14.04
CA VAL B 114 16.79 -28.93 -14.18
C VAL B 114 15.45 -28.24 -13.96
N CYS B 115 15.46 -27.23 -13.10
CA CYS B 115 14.28 -26.43 -12.82
C CYS B 115 14.37 -25.26 -13.79
N GLU B 116 13.63 -25.34 -14.90
CA GLU B 116 13.63 -24.30 -15.92
C GLU B 116 12.67 -23.18 -15.50
N SER B 117 13.22 -22.14 -14.88
CA SER B 117 12.42 -21.03 -14.41
C SER B 117 12.79 -19.64 -14.94
N THR B 118 13.13 -19.56 -16.23
CA THR B 118 13.46 -18.29 -16.87
C THR B 118 12.18 -17.74 -17.49
N GLY B 119 11.26 -18.65 -17.82
CA GLY B 119 10.00 -18.26 -18.43
C GLY B 119 10.13 -18.07 -19.93
N VAL B 120 11.32 -18.33 -20.44
CA VAL B 120 11.62 -18.15 -21.86
C VAL B 120 11.71 -19.46 -22.67
N PHE B 121 11.85 -20.59 -21.98
CA PHE B 121 11.98 -21.88 -22.66
C PHE B 121 10.84 -22.79 -22.26
N THR B 122 9.63 -22.35 -22.54
CA THR B 122 8.43 -23.09 -22.16
C THR B 122 7.86 -24.10 -23.16
N THR B 123 8.68 -24.59 -24.08
CA THR B 123 8.21 -25.60 -25.04
C THR B 123 9.19 -26.76 -24.96
N GLU B 124 8.73 -27.93 -25.39
CA GLU B 124 9.56 -29.13 -25.39
C GLU B 124 10.83 -28.92 -26.21
N GLU B 125 10.70 -28.16 -27.28
CA GLU B 125 11.84 -27.89 -28.17
C GLU B 125 12.95 -27.12 -27.46
N LYS B 126 12.60 -26.03 -26.79
CA LYS B 126 13.58 -25.22 -26.08
C LYS B 126 14.08 -25.89 -24.80
N ALA B 127 13.15 -26.33 -23.96
CA ALA B 127 13.50 -26.96 -22.69
C ALA B 127 14.39 -28.19 -22.84
N SER B 128 14.21 -28.95 -23.91
CA SER B 128 15.01 -30.17 -24.12
C SER B 128 16.49 -29.85 -24.37
N LEU B 129 16.80 -28.59 -24.66
CA LEU B 129 18.18 -28.22 -24.89
C LEU B 129 19.01 -28.51 -23.63
N HIS B 130 18.37 -28.42 -22.47
CA HIS B 130 19.07 -28.70 -21.21
C HIS B 130 19.64 -30.12 -21.22
N LEU B 131 18.95 -31.01 -21.93
CA LEU B 131 19.35 -32.40 -22.02
C LEU B 131 20.66 -32.55 -22.78
N LYS B 132 20.94 -31.63 -23.69
CA LYS B 132 22.19 -31.65 -24.45
C LYS B 132 23.34 -31.21 -23.56
N GLY B 133 23.00 -30.51 -22.48
CA GLY B 133 24.01 -30.05 -21.55
C GLY B 133 24.32 -31.10 -20.50
N GLY B 134 23.67 -32.26 -20.61
CA GLY B 134 23.91 -33.33 -19.65
C GLY B 134 22.76 -33.65 -18.70
N ALA B 135 21.77 -32.77 -18.63
CA ALA B 135 20.62 -32.99 -17.74
C ALA B 135 19.82 -34.20 -18.21
N LYS B 136 19.22 -34.91 -17.26
CA LYS B 136 18.43 -36.10 -17.61
C LYS B 136 16.94 -35.78 -17.66
N LYS B 137 16.51 -34.78 -16.89
CA LYS B 137 15.10 -34.38 -16.85
C LYS B 137 14.97 -32.87 -16.69
N VAL B 138 13.90 -32.31 -17.23
CA VAL B 138 13.66 -30.88 -17.11
C VAL B 138 12.24 -30.60 -16.62
N ILE B 139 12.12 -29.67 -15.68
CA ILE B 139 10.82 -29.29 -15.17
C ILE B 139 10.65 -27.80 -15.41
N ILE B 140 9.69 -27.45 -16.25
CA ILE B 140 9.39 -26.06 -16.56
C ILE B 140 8.52 -25.50 -15.44
N SER B 141 8.97 -24.41 -14.81
CA SER B 141 8.22 -23.81 -13.70
C SER B 141 7.10 -22.92 -14.22
N ALA B 142 6.35 -23.43 -15.19
CA ALA B 142 5.25 -22.67 -15.77
C ALA B 142 4.50 -23.57 -16.73
N PRO B 143 3.30 -23.14 -17.16
CA PRO B 143 2.55 -23.97 -18.10
C PRO B 143 3.25 -23.88 -19.46
N PRO B 144 3.26 -24.98 -20.21
CA PRO B 144 3.91 -25.03 -21.53
C PRO B 144 3.13 -24.32 -22.63
N LYS B 145 3.85 -23.81 -23.62
CA LYS B 145 3.23 -23.16 -24.76
C LYS B 145 2.77 -24.25 -25.71
N ASP B 146 3.36 -25.43 -25.56
CA ASP B 146 3.02 -26.58 -26.42
C ASP B 146 2.35 -27.68 -25.62
N ASN B 147 2.54 -28.93 -26.04
CA ASN B 147 1.90 -30.04 -25.35
C ASN B 147 2.72 -30.75 -24.27
N VAL B 148 3.72 -30.08 -23.70
CA VAL B 148 4.49 -30.70 -22.63
C VAL B 148 3.47 -31.03 -21.54
N PRO B 149 3.48 -32.26 -21.04
CA PRO B 149 2.54 -32.67 -20.00
C PRO B 149 2.65 -31.90 -18.69
N MET B 150 1.51 -31.54 -18.10
CA MET B 150 1.50 -30.80 -16.84
C MET B 150 1.15 -31.75 -15.71
N TYR B 151 1.89 -31.64 -14.62
CA TYR B 151 1.63 -32.49 -13.47
C TYR B 151 1.42 -31.64 -12.23
N VAL B 152 0.41 -32.02 -11.45
CA VAL B 152 0.10 -31.34 -10.21
C VAL B 152 0.21 -32.37 -9.11
N MET B 153 1.17 -32.18 -8.20
CA MET B 153 1.35 -33.11 -7.10
C MET B 153 0.04 -33.30 -6.34
N GLY B 154 -0.27 -34.55 -6.02
CA GLY B 154 -1.50 -34.88 -5.31
C GLY B 154 -2.72 -35.01 -6.22
N VAL B 155 -2.56 -34.64 -7.48
CA VAL B 155 -3.66 -34.71 -8.44
C VAL B 155 -3.46 -35.71 -9.60
N ASN B 156 -2.39 -35.56 -10.36
CA ASN B 156 -2.14 -36.46 -11.49
C ASN B 156 -0.65 -36.74 -11.68
N ASN B 157 0.17 -36.49 -10.67
CA ASN B 157 1.59 -36.71 -10.86
C ASN B 157 2.00 -38.16 -11.11
N THR B 158 1.22 -39.11 -10.61
CA THR B 158 1.57 -40.52 -10.81
C THR B 158 1.36 -40.98 -12.25
N GLU B 159 0.71 -40.16 -13.06
CA GLU B 159 0.49 -40.49 -14.47
C GLU B 159 1.79 -40.29 -15.24
N TYR B 160 2.77 -39.66 -14.60
CA TYR B 160 4.07 -39.41 -15.24
C TYR B 160 4.74 -40.72 -15.67
N ASP B 161 5.16 -40.79 -16.92
CA ASP B 161 5.83 -41.98 -17.44
C ASP B 161 7.26 -41.58 -17.83
N PRO B 162 8.24 -41.99 -17.01
CA PRO B 162 9.66 -41.70 -17.22
C PRO B 162 10.22 -42.14 -18.57
N SER B 163 9.63 -43.20 -19.13
CA SER B 163 10.10 -43.73 -20.41
C SER B 163 9.54 -42.92 -21.57
N LYS B 164 8.61 -42.02 -21.29
CA LYS B 164 8.00 -41.22 -22.33
C LYS B 164 8.32 -39.73 -22.27
N PHE B 165 8.60 -39.21 -21.08
CA PHE B 165 8.88 -37.77 -20.94
C PHE B 165 10.17 -37.44 -20.20
N ASN B 166 10.95 -36.53 -20.78
CA ASN B 166 12.19 -36.04 -20.15
C ASN B 166 11.93 -34.58 -19.81
N VAL B 167 10.86 -34.04 -20.38
CA VAL B 167 10.48 -32.65 -20.15
C VAL B 167 9.03 -32.56 -19.71
N ILE B 168 8.82 -32.06 -18.49
CA ILE B 168 7.46 -31.92 -17.96
C ILE B 168 7.24 -30.50 -17.39
N SER B 169 6.01 -30.24 -16.95
CA SER B 169 5.63 -28.94 -16.41
C SER B 169 4.96 -29.09 -15.05
N ASN B 170 5.24 -28.14 -14.16
CA ASN B 170 4.65 -28.17 -12.84
C ASN B 170 3.41 -27.27 -12.82
N ALA B 171 2.92 -26.93 -14.01
CA ALA B 171 1.74 -26.07 -14.15
C ALA B 171 2.01 -24.68 -13.57
N SER B 172 1.00 -24.07 -12.95
CA SER B 172 1.12 -22.74 -12.37
C SER B 172 0.63 -22.72 -10.92
N CYS B 173 0.96 -21.65 -10.21
CA CYS B 173 0.55 -21.51 -8.81
C CYS B 173 -0.98 -21.53 -8.68
N THR B 174 -1.67 -20.89 -9.62
CA THR B 174 -3.13 -20.86 -9.58
C THR B 174 -3.71 -22.26 -9.86
N THR B 175 -3.12 -23.00 -10.78
CA THR B 175 -3.60 -24.34 -11.09
C THR B 175 -3.35 -25.28 -9.91
N ASN B 176 -2.22 -25.09 -9.24
CA ASN B 176 -1.91 -25.94 -8.09
C ASN B 176 -2.86 -25.67 -6.91
N CYS B 177 -3.59 -24.56 -6.97
CA CYS B 177 -4.54 -24.25 -5.90
C CYS B 177 -5.91 -24.80 -6.30
N LEU B 178 -6.33 -24.50 -7.52
CA LEU B 178 -7.63 -24.94 -8.03
C LEU B 178 -7.75 -26.45 -8.25
N ALA B 179 -6.75 -27.06 -8.89
CA ALA B 179 -6.77 -28.48 -9.20
C ALA B 179 -7.13 -29.43 -8.04
N PRO B 180 -6.36 -29.38 -6.94
CA PRO B 180 -6.69 -30.28 -5.83
C PRO B 180 -8.09 -30.06 -5.24
N LEU B 181 -8.52 -28.81 -5.19
CA LEU B 181 -9.83 -28.49 -4.66
C LEU B 181 -10.92 -28.99 -5.61
N ALA B 182 -10.74 -28.72 -6.89
CA ALA B 182 -11.70 -29.15 -7.90
C ALA B 182 -11.82 -30.66 -7.96
N LYS B 183 -10.71 -31.36 -7.82
CA LYS B 183 -10.71 -32.81 -7.85
C LYS B 183 -11.57 -33.35 -6.72
N ILE B 184 -11.29 -32.89 -5.49
CA ILE B 184 -12.06 -33.31 -4.34
C ILE B 184 -13.56 -33.11 -4.58
N ILE B 185 -13.94 -31.87 -4.83
CA ILE B 185 -15.34 -31.54 -5.08
C ILE B 185 -15.94 -32.38 -6.20
N ASN B 186 -15.19 -32.53 -7.30
CA ASN B 186 -15.71 -33.30 -8.42
C ASN B 186 -15.84 -34.80 -8.14
N ASP B 187 -14.94 -35.34 -7.31
CA ASP B 187 -14.96 -36.76 -6.98
C ASP B 187 -16.11 -37.10 -6.05
N LYS B 188 -16.40 -36.20 -5.11
CA LYS B 188 -17.45 -36.43 -4.13
C LYS B 188 -18.84 -35.95 -4.52
N PHE B 189 -18.93 -34.82 -5.21
CA PHE B 189 -20.24 -34.28 -5.57
C PHE B 189 -20.44 -34.07 -7.06
N GLY B 190 -19.34 -33.98 -7.80
CA GLY B 190 -19.45 -33.75 -9.22
C GLY B 190 -19.70 -32.30 -9.54
N ILE B 191 -18.88 -31.75 -10.42
CA ILE B 191 -19.02 -30.36 -10.81
C ILE B 191 -19.67 -30.31 -12.19
N VAL B 192 -20.84 -29.71 -12.26
CA VAL B 192 -21.56 -29.58 -13.51
C VAL B 192 -20.88 -28.49 -14.33
N GLU B 193 -20.66 -27.35 -13.68
CA GLU B 193 -20.00 -26.22 -14.31
C GLU B 193 -19.45 -25.29 -13.22
N GLY B 194 -18.38 -24.58 -13.55
CA GLY B 194 -17.79 -23.66 -12.58
C GLY B 194 -17.13 -22.44 -13.19
N LEU B 195 -17.15 -21.34 -12.45
CA LEU B 195 -16.52 -20.08 -12.89
C LEU B 195 -15.62 -19.61 -11.76
N MET B 196 -14.37 -19.32 -12.11
CA MET B 196 -13.40 -18.91 -11.12
C MET B 196 -12.89 -17.49 -11.23
N THR B 197 -12.58 -16.93 -10.07
CA THR B 197 -11.96 -15.63 -9.98
C THR B 197 -10.84 -15.85 -8.98
N THR B 198 -9.63 -15.43 -9.33
CA THR B 198 -8.55 -15.56 -8.39
C THR B 198 -8.04 -14.16 -8.10
N VAL B 199 -7.97 -13.81 -6.82
CA VAL B 199 -7.47 -12.52 -6.42
C VAL B 199 -5.97 -12.73 -6.23
N HIS B 200 -5.20 -12.16 -7.14
CA HIS B 200 -3.75 -12.30 -7.17
C HIS B 200 -2.93 -11.21 -6.50
N SER B 201 -1.98 -11.64 -5.67
CA SER B 201 -1.07 -10.68 -5.05
C SER B 201 -0.13 -10.28 -6.19
N LEU B 202 0.71 -9.28 -5.98
CA LEU B 202 1.59 -8.84 -7.05
C LEU B 202 2.69 -9.80 -7.49
N THR B 203 3.06 -10.75 -6.64
CA THR B 203 4.09 -11.72 -7.02
C THR B 203 3.51 -12.89 -7.82
N ALA B 204 2.18 -12.96 -7.90
CA ALA B 204 1.53 -14.04 -8.65
C ALA B 204 1.70 -13.84 -10.15
N ASP B 218 -0.20 -6.67 -22.04
CA ASP B 218 -1.55 -6.21 -21.65
C ASP B 218 -1.55 -4.78 -21.13
N TRP B 219 -2.42 -3.94 -21.66
CA TRP B 219 -2.46 -2.55 -21.22
C TRP B 219 -2.79 -2.40 -19.74
N ARG B 220 -3.69 -3.23 -19.22
CA ARG B 220 -4.04 -3.12 -17.80
C ARG B 220 -2.88 -3.52 -16.90
N ALA B 221 -2.22 -4.61 -17.26
CA ALA B 221 -1.10 -5.14 -16.51
C ALA B 221 -0.01 -4.11 -16.28
N GLY B 222 0.13 -3.18 -17.23
CA GLY B 222 1.15 -2.15 -17.11
C GLY B 222 0.79 -0.98 -16.21
N ARG B 223 -0.45 -0.92 -15.76
CA ARG B 223 -0.85 0.19 -14.90
C ARG B 223 -0.25 0.02 -13.50
N CYS B 224 -0.17 1.13 -12.75
CA CYS B 224 0.39 1.15 -11.41
C CYS B 224 -0.18 0.05 -10.51
N ALA B 225 0.64 -0.92 -10.14
CA ALA B 225 0.19 -2.03 -9.30
C ALA B 225 -0.07 -1.63 -7.85
N GLY B 226 0.68 -0.65 -7.36
CA GLY B 226 0.56 -0.21 -5.98
C GLY B 226 -0.76 0.37 -5.48
N ASN B 227 -1.60 0.89 -6.37
CA ASN B 227 -2.87 1.48 -5.92
C ASN B 227 -4.07 1.10 -6.79
N ASN B 228 -3.96 0.00 -7.53
CA ASN B 228 -5.04 -0.43 -8.41
C ASN B 228 -5.50 -1.86 -8.21
N ILE B 229 -6.78 -2.06 -8.51
CA ILE B 229 -7.40 -3.37 -8.53
C ILE B 229 -7.38 -3.52 -10.06
N ILE B 230 -6.73 -4.56 -10.56
CA ILE B 230 -6.59 -4.74 -12.01
C ILE B 230 -7.09 -6.07 -12.58
N PRO B 231 -8.11 -6.02 -13.44
CA PRO B 231 -8.63 -7.25 -14.04
C PRO B 231 -7.51 -7.89 -14.87
N ALA B 232 -7.45 -9.22 -14.90
CA ALA B 232 -6.40 -9.90 -15.65
C ALA B 232 -6.84 -11.30 -16.06
N SER B 233 -6.05 -11.92 -16.93
CA SER B 233 -6.35 -13.25 -17.42
C SER B 233 -5.52 -14.33 -16.73
N THR B 234 -6.02 -15.56 -16.83
CA THR B 234 -5.36 -16.74 -16.28
C THR B 234 -5.92 -17.93 -17.04
N GLY B 235 -5.05 -18.88 -17.37
CA GLY B 235 -5.50 -20.05 -18.09
C GLY B 235 -5.64 -21.22 -17.16
N ALA B 236 -5.53 -20.95 -15.87
CA ALA B 236 -5.62 -21.98 -14.84
C ALA B 236 -6.88 -22.83 -14.87
N ALA B 237 -8.04 -22.21 -15.08
CA ALA B 237 -9.29 -22.97 -15.12
C ALA B 237 -9.30 -23.98 -16.27
N LYS B 238 -8.71 -23.59 -17.40
CA LYS B 238 -8.64 -24.47 -18.55
C LYS B 238 -7.52 -25.48 -18.33
N ALA B 239 -6.45 -25.05 -17.68
CA ALA B 239 -5.32 -25.94 -17.39
C ALA B 239 -5.84 -27.09 -16.52
N VAL B 240 -6.78 -26.79 -15.63
CA VAL B 240 -7.35 -27.81 -14.76
C VAL B 240 -8.12 -28.81 -15.61
N GLY B 241 -8.59 -28.34 -16.77
CA GLY B 241 -9.33 -29.19 -17.68
C GLY B 241 -8.46 -30.23 -18.35
N LYS B 242 -7.15 -30.13 -18.17
CA LYS B 242 -6.22 -31.08 -18.77
C LYS B 242 -5.65 -31.99 -17.69
N VAL B 243 -5.36 -31.41 -16.53
CA VAL B 243 -4.83 -32.18 -15.41
C VAL B 243 -5.93 -33.12 -14.94
N ILE B 244 -7.17 -32.67 -15.07
CA ILE B 244 -8.33 -33.45 -14.68
C ILE B 244 -9.26 -33.47 -15.89
N PRO B 245 -8.95 -34.32 -16.89
CA PRO B 245 -9.72 -34.46 -18.13
C PRO B 245 -11.24 -34.42 -17.99
N ALA B 246 -11.76 -34.95 -16.88
CA ALA B 246 -13.20 -34.96 -16.65
C ALA B 246 -13.78 -33.54 -16.60
N LEU B 247 -12.99 -32.60 -16.09
CA LEU B 247 -13.43 -31.21 -15.97
C LEU B 247 -13.22 -30.39 -17.23
N ASN B 248 -12.70 -31.01 -18.28
CA ASN B 248 -12.47 -30.30 -19.52
C ASN B 248 -13.77 -29.65 -19.99
N GLY B 249 -13.70 -28.36 -20.30
CA GLY B 249 -14.87 -27.64 -20.76
C GLY B 249 -15.88 -27.24 -19.70
N LYS B 250 -15.67 -27.66 -18.45
CA LYS B 250 -16.60 -27.34 -17.38
C LYS B 250 -16.17 -26.20 -16.46
N LEU B 251 -15.01 -25.60 -16.75
CA LEU B 251 -14.50 -24.51 -15.92
C LEU B 251 -13.80 -23.44 -16.74
N THR B 252 -13.93 -22.20 -16.29
CA THR B 252 -13.26 -21.09 -16.92
C THR B 252 -13.14 -20.00 -15.87
N GLY B 253 -12.24 -19.05 -16.07
CA GLY B 253 -12.09 -18.01 -15.08
C GLY B 253 -11.19 -16.88 -15.51
N MET B 254 -10.97 -15.97 -14.57
CA MET B 254 -10.15 -14.80 -14.79
C MET B 254 -9.47 -14.44 -13.46
N ALA B 255 -8.71 -13.36 -13.46
CA ALA B 255 -8.01 -12.96 -12.24
C ALA B 255 -8.20 -11.49 -11.94
N ILE B 256 -7.95 -11.12 -10.69
CA ILE B 256 -8.04 -9.73 -10.27
C ILE B 256 -6.83 -9.45 -9.40
N ARG B 257 -5.94 -8.60 -9.92
CA ARG B 257 -4.72 -8.24 -9.22
C ARG B 257 -4.87 -7.09 -8.23
N VAL B 258 -4.35 -7.30 -7.02
CA VAL B 258 -4.40 -6.30 -5.97
C VAL B 258 -3.01 -6.08 -5.37
N PRO B 259 -2.79 -4.91 -4.76
CA PRO B 259 -1.51 -4.53 -4.16
C PRO B 259 -1.02 -5.18 -2.86
N THR B 260 -1.07 -6.50 -2.75
CA THR B 260 -0.54 -7.15 -1.56
C THR B 260 0.72 -7.86 -2.06
N PRO B 261 1.78 -7.88 -1.24
CA PRO B 261 3.01 -8.54 -1.69
C PRO B 261 2.93 -10.03 -2.04
N ASP B 262 2.22 -10.82 -1.25
CA ASP B 262 2.16 -12.25 -1.53
C ASP B 262 0.89 -12.89 -0.97
N VAL B 263 0.57 -14.09 -1.45
CA VAL B 263 -0.61 -14.86 -1.06
C VAL B 263 -1.84 -14.46 -1.86
N SER B 264 -2.44 -15.43 -2.52
CA SER B 264 -3.61 -15.16 -3.33
C SER B 264 -4.79 -16.01 -2.87
N VAL B 265 -5.94 -15.82 -3.51
CA VAL B 265 -7.14 -16.56 -3.16
C VAL B 265 -7.89 -17.03 -4.39
N VAL B 266 -8.41 -18.25 -4.33
CA VAL B 266 -9.21 -18.78 -5.41
C VAL B 266 -10.66 -18.69 -4.95
N ASP B 267 -11.50 -18.13 -5.81
CA ASP B 267 -12.93 -17.95 -5.57
C ASP B 267 -13.63 -18.80 -6.61
N LEU B 268 -14.03 -20.01 -6.23
CA LEU B 268 -14.69 -20.92 -7.17
C LEU B 268 -16.20 -21.01 -6.94
N THR B 269 -16.97 -20.59 -7.93
CA THR B 269 -18.42 -20.65 -7.84
C THR B 269 -18.86 -21.75 -8.79
N CYS B 270 -19.45 -22.81 -8.25
CA CYS B 270 -19.87 -23.91 -9.10
C CYS B 270 -21.18 -24.57 -8.72
N LYS B 271 -21.74 -25.30 -9.68
CA LYS B 271 -22.99 -26.03 -9.50
C LYS B 271 -22.59 -27.48 -9.36
N LEU B 272 -23.13 -28.14 -8.34
CA LEU B 272 -22.82 -29.55 -8.09
C LEU B 272 -23.88 -30.47 -8.68
N ALA B 273 -23.46 -31.67 -9.07
CA ALA B 273 -24.37 -32.65 -9.63
C ALA B 273 -25.22 -33.22 -8.49
N LYS B 274 -24.57 -33.42 -7.34
CA LYS B 274 -25.24 -33.93 -6.15
C LYS B 274 -25.29 -32.80 -5.12
N PRO B 275 -26.40 -32.68 -4.38
CA PRO B 275 -26.52 -31.63 -3.36
C PRO B 275 -25.51 -31.82 -2.23
N ALA B 276 -25.07 -30.71 -1.64
CA ALA B 276 -24.11 -30.79 -0.56
C ALA B 276 -24.03 -29.48 0.22
N SER B 277 -23.91 -29.59 1.54
CA SER B 277 -23.81 -28.43 2.40
C SER B 277 -22.34 -28.07 2.57
N ILE B 278 -22.09 -26.84 3.02
CA ILE B 278 -20.72 -26.39 3.22
C ILE B 278 -19.99 -27.33 4.18
N GLU B 279 -20.71 -27.82 5.18
CA GLU B 279 -20.16 -28.73 6.17
C GLU B 279 -19.69 -30.04 5.54
N GLU B 280 -20.46 -30.55 4.58
CA GLU B 280 -20.08 -31.80 3.93
C GLU B 280 -18.90 -31.56 2.99
N ILE B 281 -18.89 -30.41 2.32
CA ILE B 281 -17.80 -30.09 1.41
C ILE B 281 -16.54 -29.97 2.26
N TYR B 282 -16.68 -29.35 3.43
CA TYR B 282 -15.57 -29.18 4.35
C TYR B 282 -15.01 -30.55 4.79
N GLN B 283 -15.90 -31.48 5.14
CA GLN B 283 -15.48 -32.82 5.57
C GLN B 283 -14.75 -33.58 4.47
N ALA B 284 -15.20 -33.40 3.23
CA ALA B 284 -14.57 -34.08 2.11
C ALA B 284 -13.13 -33.60 1.98
N VAL B 285 -12.95 -32.28 1.96
CA VAL B 285 -11.64 -31.69 1.85
C VAL B 285 -10.79 -32.14 3.02
N LYS B 286 -11.38 -32.15 4.21
CA LYS B 286 -10.67 -32.57 5.41
C LYS B 286 -10.15 -34.00 5.25
N GLU B 287 -10.98 -34.88 4.69
CA GLU B 287 -10.59 -36.27 4.48
C GLU B 287 -9.40 -36.34 3.53
N ALA B 288 -9.55 -35.75 2.35
CA ALA B 288 -8.48 -35.75 1.36
C ALA B 288 -7.21 -35.13 1.95
N SER B 289 -7.38 -34.08 2.73
CA SER B 289 -6.26 -33.38 3.35
C SER B 289 -5.48 -34.26 4.33
N ASN B 290 -6.21 -35.08 5.08
CA ASN B 290 -5.63 -35.98 6.07
C ASN B 290 -5.24 -37.32 5.45
N GLY B 291 -5.50 -37.49 4.17
CA GLY B 291 -5.18 -38.75 3.53
C GLY B 291 -4.34 -38.66 2.27
N PRO B 292 -4.94 -38.90 1.10
CA PRO B 292 -4.27 -38.88 -0.20
C PRO B 292 -3.68 -37.54 -0.65
N MET B 293 -4.07 -36.46 0.01
CA MET B 293 -3.57 -35.15 -0.36
C MET B 293 -2.89 -34.45 0.81
N LYS B 294 -2.28 -35.22 1.70
CA LYS B 294 -1.60 -34.63 2.84
C LYS B 294 -0.45 -33.76 2.37
N GLY B 295 -0.33 -32.58 2.95
CA GLY B 295 0.72 -31.65 2.58
C GLY B 295 0.35 -30.80 1.38
N ILE B 296 -0.62 -31.27 0.59
CA ILE B 296 -1.06 -30.55 -0.59
C ILE B 296 -2.36 -29.77 -0.36
N MET B 297 -3.42 -30.46 0.04
CA MET B 297 -4.69 -29.81 0.35
C MET B 297 -4.74 -29.59 1.85
N GLY B 298 -5.16 -28.39 2.24
CA GLY B 298 -5.26 -28.06 3.65
C GLY B 298 -6.60 -27.41 3.90
N TYR B 299 -6.87 -27.03 5.14
CA TYR B 299 -8.15 -26.41 5.47
C TYR B 299 -8.07 -25.67 6.78
N THR B 300 -9.06 -24.81 7.01
CA THR B 300 -9.12 -24.04 8.24
C THR B 300 -10.55 -23.55 8.50
N SER B 301 -10.84 -23.28 9.77
CA SER B 301 -12.13 -22.77 10.17
C SER B 301 -11.91 -21.54 11.04
N ASP B 302 -10.71 -20.98 10.97
CA ASP B 302 -10.38 -19.76 11.73
C ASP B 302 -10.60 -18.55 10.83
N ASP B 303 -10.68 -17.37 11.43
CA ASP B 303 -10.87 -16.14 10.66
C ASP B 303 -9.53 -15.60 10.17
N VAL B 304 -8.93 -16.34 9.25
CA VAL B 304 -7.64 -15.99 8.67
C VAL B 304 -7.72 -14.87 7.64
N VAL B 305 -6.57 -14.26 7.38
CA VAL B 305 -6.46 -13.21 6.38
C VAL B 305 -5.20 -13.54 5.58
N SER B 306 -5.00 -12.84 4.47
CA SER B 306 -3.84 -13.04 3.58
C SER B 306 -2.53 -13.41 4.24
N THR B 307 -2.01 -12.48 5.01
CA THR B 307 -0.73 -12.65 5.69
C THR B 307 -0.55 -13.91 6.50
N ASP B 308 -1.64 -14.48 7.00
CA ASP B 308 -1.53 -15.70 7.80
C ASP B 308 -1.00 -16.89 7.00
N PHE B 309 -0.98 -16.78 5.68
CA PHE B 309 -0.51 -17.87 4.85
C PHE B 309 0.89 -17.67 4.25
N ILE B 310 1.53 -16.56 4.60
CA ILE B 310 2.86 -16.27 4.08
C ILE B 310 3.84 -17.35 4.58
N GLY B 311 4.40 -18.09 3.63
CA GLY B 311 5.32 -19.15 3.98
C GLY B 311 4.64 -20.51 4.01
N CYS B 312 3.31 -20.54 3.91
CA CYS B 312 2.56 -21.81 3.93
C CYS B 312 2.93 -22.65 2.70
N LYS B 313 3.25 -23.93 2.92
CA LYS B 313 3.66 -24.81 1.83
C LYS B 313 2.55 -25.54 1.09
N TYR B 314 1.33 -25.49 1.62
CA TYR B 314 0.20 -26.16 0.98
C TYR B 314 -0.03 -25.58 -0.40
N SER B 315 -0.65 -26.36 -1.28
CA SER B 315 -0.97 -25.86 -2.62
C SER B 315 -2.32 -25.13 -2.56
N SER B 316 -3.18 -25.54 -1.64
CA SER B 316 -4.52 -24.98 -1.53
C SER B 316 -5.09 -25.13 -0.10
N ILE B 317 -5.61 -24.05 0.47
CA ILE B 317 -6.19 -24.11 1.81
C ILE B 317 -7.64 -23.63 1.82
N PHE B 318 -8.54 -24.58 2.06
CA PHE B 318 -9.97 -24.30 2.11
C PHE B 318 -10.28 -23.39 3.30
N ASP B 319 -11.01 -22.31 3.05
CA ASP B 319 -11.41 -21.36 4.09
C ASP B 319 -12.89 -21.62 4.38
N LYS B 320 -13.18 -22.44 5.38
CA LYS B 320 -14.55 -22.80 5.70
C LYS B 320 -15.54 -21.66 5.89
N ASN B 321 -15.25 -20.75 6.82
CA ASN B 321 -16.12 -19.62 7.13
C ASN B 321 -16.32 -18.64 5.98
N ALA B 322 -15.38 -18.63 5.03
CA ALA B 322 -15.48 -17.71 3.90
C ALA B 322 -16.37 -18.27 2.80
N CYS B 323 -16.55 -19.60 2.78
CA CYS B 323 -17.39 -20.22 1.78
C CYS B 323 -18.86 -19.87 2.02
N ILE B 324 -19.62 -19.73 0.95
CA ILE B 324 -21.05 -19.41 1.08
C ILE B 324 -21.84 -20.23 0.09
N ALA B 325 -23.05 -20.61 0.48
CA ALA B 325 -23.91 -21.39 -0.40
C ALA B 325 -25.25 -20.69 -0.61
N LEU B 326 -25.72 -20.69 -1.85
CA LEU B 326 -27.01 -20.12 -2.17
C LEU B 326 -28.02 -21.20 -1.78
N ASN B 327 -27.69 -22.44 -2.18
CA ASN B 327 -28.52 -23.61 -1.89
C ASN B 327 -27.62 -24.84 -1.85
N ASP B 328 -28.22 -26.04 -1.78
CA ASP B 328 -27.42 -27.25 -1.72
C ASP B 328 -26.70 -27.65 -3.01
N SER B 329 -26.93 -26.93 -4.11
CA SER B 329 -26.27 -27.29 -5.35
C SER B 329 -25.51 -26.15 -6.03
N PHE B 330 -25.55 -24.96 -5.43
CA PHE B 330 -24.86 -23.80 -5.99
C PHE B 330 -24.07 -23.14 -4.86
N VAL B 331 -22.76 -23.34 -4.90
CA VAL B 331 -21.86 -22.84 -3.86
C VAL B 331 -20.67 -22.01 -4.37
N LYS B 332 -20.06 -21.28 -3.45
CA LYS B 332 -18.89 -20.46 -3.73
C LYS B 332 -17.83 -20.88 -2.72
N LEU B 333 -16.76 -21.49 -3.22
CA LEU B 333 -15.70 -21.97 -2.36
C LEU B 333 -14.50 -21.03 -2.40
N ILE B 334 -13.92 -20.79 -1.22
CA ILE B 334 -12.77 -19.91 -1.09
C ILE B 334 -11.56 -20.72 -0.64
N SER B 335 -10.45 -20.60 -1.37
CA SER B 335 -9.24 -21.34 -1.04
C SER B 335 -7.98 -20.49 -1.18
N TRP B 336 -7.20 -20.42 -0.12
CA TRP B 336 -5.97 -19.62 -0.13
C TRP B 336 -4.77 -20.42 -0.63
N TYR B 337 -3.76 -19.68 -1.06
CA TYR B 337 -2.50 -20.27 -1.50
C TYR B 337 -1.41 -19.21 -1.54
N ASP B 338 -0.28 -19.52 -0.91
CA ASP B 338 0.86 -18.64 -0.95
C ASP B 338 1.35 -18.92 -2.37
N ASN B 339 1.06 -18.02 -3.31
CA ASN B 339 1.45 -18.24 -4.70
C ASN B 339 2.93 -18.51 -4.92
N GLU B 340 3.78 -18.13 -3.98
CA GLU B 340 5.22 -18.39 -4.12
C GLU B 340 5.66 -19.66 -3.40
N SER B 341 5.40 -19.75 -2.10
CA SER B 341 5.81 -20.89 -1.29
C SER B 341 5.20 -22.23 -1.69
N GLY B 342 3.90 -22.25 -1.89
CA GLY B 342 3.24 -23.49 -2.27
C GLY B 342 3.82 -24.02 -3.58
N TYR B 343 3.77 -23.20 -4.60
CA TYR B 343 4.27 -23.57 -5.91
C TYR B 343 5.73 -24.04 -5.91
N SER B 344 6.60 -23.29 -5.23
CA SER B 344 8.01 -23.64 -5.19
C SER B 344 8.25 -24.98 -4.49
N ASN B 345 7.49 -25.24 -3.44
CA ASN B 345 7.64 -26.51 -2.73
C ASN B 345 7.10 -27.67 -3.54
N ARG B 346 6.07 -27.41 -4.35
CA ARG B 346 5.52 -28.46 -5.20
C ARG B 346 6.53 -28.84 -6.30
N LEU B 347 7.33 -27.87 -6.74
CA LEU B 347 8.31 -28.13 -7.79
C LEU B 347 9.41 -29.03 -7.26
N VAL B 348 9.79 -28.80 -6.00
CA VAL B 348 10.79 -29.62 -5.32
C VAL B 348 10.21 -31.02 -5.14
N ASP B 349 8.96 -31.09 -4.68
CA ASP B 349 8.28 -32.38 -4.50
C ASP B 349 8.26 -33.14 -5.82
N LEU B 350 7.96 -32.44 -6.91
CA LEU B 350 7.91 -33.08 -8.20
C LEU B 350 9.30 -33.56 -8.64
N ALA B 351 10.32 -32.75 -8.39
CA ALA B 351 11.68 -33.12 -8.78
C ALA B 351 12.08 -34.39 -8.03
N VAL B 352 11.77 -34.42 -6.74
CA VAL B 352 12.06 -35.58 -5.90
C VAL B 352 11.24 -36.79 -6.38
N TYR B 353 9.99 -36.54 -6.77
CA TYR B 353 9.15 -37.62 -7.26
C TYR B 353 9.70 -38.17 -8.58
N VAL B 354 10.17 -37.26 -9.43
CA VAL B 354 10.73 -37.64 -10.71
C VAL B 354 11.96 -38.55 -10.53
N ALA B 355 12.83 -38.18 -9.60
CA ALA B 355 14.03 -38.94 -9.30
C ALA B 355 13.68 -40.34 -8.76
N SER B 356 12.61 -40.42 -7.97
CA SER B 356 12.20 -41.69 -7.39
C SER B 356 11.68 -42.67 -8.44
N ARG B 357 11.32 -42.15 -9.60
CA ARG B 357 10.79 -42.98 -10.67
C ARG B 357 11.87 -43.47 -11.64
N GLY B 358 13.12 -43.06 -11.44
CA GLY B 358 14.18 -43.50 -12.32
C GLY B 358 14.55 -42.51 -13.42
N LEU B 359 15.83 -42.18 -13.51
CA LEU B 359 16.32 -41.22 -14.50
C LEU B 359 16.90 -41.88 -15.75
N THR C 22 3.20 31.90 -30.41
CA THR C 22 3.19 30.70 -29.52
C THR C 22 4.28 29.71 -29.89
N ALA C 23 5.06 29.30 -28.90
CA ALA C 23 6.13 28.34 -29.14
C ALA C 23 5.51 26.97 -29.34
N THR C 24 6.21 26.09 -30.06
CA THR C 24 5.69 24.76 -30.32
C THR C 24 6.65 23.73 -29.74
N LEU C 25 6.09 22.71 -29.09
CA LEU C 25 6.89 21.68 -28.44
C LEU C 25 6.86 20.32 -29.12
N GLY C 26 8.01 19.65 -29.08
CA GLY C 26 8.14 18.31 -29.63
C GLY C 26 8.52 17.48 -28.42
N ILE C 27 7.92 16.31 -28.26
CA ILE C 27 8.24 15.47 -27.10
C ILE C 27 8.89 14.15 -27.49
N ASN C 28 10.10 13.92 -26.97
CA ASN C 28 10.81 12.67 -27.24
C ASN C 28 10.74 11.79 -25.98
N GLY C 29 10.05 10.67 -26.10
CA GLY C 29 9.91 9.77 -24.95
C GLY C 29 8.58 10.10 -24.30
N PHE C 30 7.59 9.26 -24.53
CA PHE C 30 6.26 9.49 -23.98
C PHE C 30 6.00 8.75 -22.67
N GLY C 31 6.92 8.89 -21.71
CA GLY C 31 6.76 8.24 -20.42
C GLY C 31 5.94 9.10 -19.47
N ARG C 32 6.09 8.87 -18.16
CA ARG C 32 5.33 9.63 -17.16
C ARG C 32 5.53 11.13 -17.36
N ILE C 33 6.79 11.55 -17.47
CA ILE C 33 7.10 12.97 -17.65
C ILE C 33 6.62 13.55 -18.98
N GLY C 34 6.96 12.90 -20.08
CA GLY C 34 6.53 13.40 -21.38
C GLY C 34 5.03 13.58 -21.45
N ARG C 35 4.30 12.60 -20.91
CA ARG C 35 2.85 12.66 -20.93
C ARG C 35 2.28 13.84 -20.12
N LEU C 36 2.83 14.08 -18.94
CA LEU C 36 2.35 15.18 -18.11
C LEU C 36 2.77 16.53 -18.72
N VAL C 37 3.91 16.54 -19.39
CA VAL C 37 4.38 17.76 -20.05
C VAL C 37 3.33 18.10 -21.12
N LEU C 38 2.85 17.06 -21.82
CA LEU C 38 1.83 17.27 -22.85
C LEU C 38 0.51 17.74 -22.25
N ARG C 39 0.11 17.13 -21.13
CA ARG C 39 -1.14 17.53 -20.49
C ARG C 39 -1.05 18.97 -19.96
N ALA C 40 0.15 19.40 -19.58
CA ALA C 40 0.32 20.76 -19.08
C ALA C 40 0.20 21.73 -20.25
N CYS C 41 0.84 21.41 -21.37
CA CYS C 41 0.78 22.26 -22.55
C CYS C 41 -0.65 22.46 -23.01
N MET C 42 -1.44 21.39 -23.00
CA MET C 42 -2.84 21.45 -23.42
C MET C 42 -3.66 22.40 -22.54
N GLU C 43 -3.12 22.75 -21.38
CA GLU C 43 -3.82 23.65 -20.46
C GLU C 43 -3.42 25.11 -20.69
N ARG C 44 -2.47 25.33 -21.59
CA ARG C 44 -1.99 26.68 -21.86
C ARG C 44 -2.14 27.08 -23.32
N ASN C 45 -2.20 28.40 -23.53
CA ASN C 45 -2.38 28.95 -24.88
C ASN C 45 -1.11 29.51 -25.49
N ASP C 46 -0.06 29.64 -24.67
CA ASP C 46 1.20 30.18 -25.14
C ASP C 46 2.16 29.11 -25.64
N ILE C 47 1.71 27.85 -25.64
CA ILE C 47 2.58 26.78 -26.10
C ILE C 47 1.74 25.62 -26.66
N THR C 48 2.22 25.03 -27.74
CA THR C 48 1.51 23.93 -28.38
C THR C 48 2.38 22.71 -28.68
N VAL C 49 1.86 21.52 -28.38
CA VAL C 49 2.58 20.30 -28.67
C VAL C 49 2.17 19.95 -30.09
N VAL C 50 3.15 19.73 -30.95
CA VAL C 50 2.86 19.42 -32.34
C VAL C 50 3.32 18.03 -32.74
N ALA C 51 4.18 17.43 -31.93
CA ALA C 51 4.68 16.10 -32.27
C ALA C 51 5.26 15.31 -31.09
N ILE C 52 5.19 13.99 -31.19
CA ILE C 52 5.71 13.08 -30.18
C ILE C 52 6.52 11.98 -30.87
N ASN C 53 7.63 11.58 -30.27
CA ASN C 53 8.42 10.51 -30.83
C ASN C 53 8.70 9.48 -29.75
N ASP C 54 8.47 8.22 -30.06
CA ASP C 54 8.71 7.12 -29.14
C ASP C 54 8.63 5.81 -29.92
N PRO C 55 9.79 5.20 -30.23
CA PRO C 55 9.86 3.95 -30.97
C PRO C 55 9.36 2.69 -30.26
N PHE C 56 9.00 2.82 -28.98
CA PHE C 56 8.54 1.66 -28.22
C PHE C 56 7.06 1.70 -27.90
N MET C 57 6.31 2.55 -28.59
CA MET C 57 4.87 2.67 -28.36
C MET C 57 4.08 2.82 -29.64
N ASP C 58 3.01 2.03 -29.79
CA ASP C 58 2.15 2.15 -30.96
C ASP C 58 1.30 3.39 -30.68
N VAL C 59 0.67 3.95 -31.70
CA VAL C 59 -0.17 5.13 -31.52
C VAL C 59 -1.32 4.82 -30.59
N GLU C 60 -1.92 3.64 -30.77
CA GLU C 60 -3.06 3.23 -29.94
C GLU C 60 -2.69 3.26 -28.46
N TYR C 61 -1.55 2.69 -28.13
CA TYR C 61 -1.10 2.64 -26.74
C TYR C 61 -0.85 4.04 -26.20
N MET C 62 -0.25 4.91 -27.01
CA MET C 62 0.02 6.27 -26.55
C MET C 62 -1.28 6.95 -26.17
N ALA C 63 -2.32 6.73 -26.97
CA ALA C 63 -3.64 7.34 -26.72
C ALA C 63 -4.19 6.89 -25.37
N TYR C 64 -4.08 5.58 -25.11
CA TYR C 64 -4.55 4.98 -23.86
C TYR C 64 -3.80 5.58 -22.65
N LEU C 65 -2.48 5.68 -22.76
CA LEU C 65 -1.67 6.22 -21.68
C LEU C 65 -1.95 7.70 -21.39
N LEU C 66 -2.36 8.43 -22.41
CA LEU C 66 -2.68 9.86 -22.24
C LEU C 66 -4.05 9.99 -21.61
N LYS C 67 -4.99 9.16 -22.06
CA LYS C 67 -6.35 9.20 -21.56
C LYS C 67 -6.54 8.77 -20.11
N TYR C 68 -5.82 7.73 -19.70
CA TYR C 68 -5.96 7.21 -18.35
C TYR C 68 -4.69 7.32 -17.52
N ASP C 69 -4.85 7.66 -16.24
CA ASP C 69 -3.70 7.75 -15.35
C ASP C 69 -4.07 7.52 -13.89
N SER C 70 -3.33 6.62 -13.24
CA SER C 70 -3.56 6.26 -11.84
C SER C 70 -3.26 7.32 -10.79
N VAL C 71 -2.73 8.47 -11.20
CA VAL C 71 -2.43 9.52 -10.25
C VAL C 71 -3.06 10.86 -10.61
N HIS C 72 -3.02 11.22 -11.89
CA HIS C 72 -3.55 12.50 -12.32
C HIS C 72 -4.94 12.46 -12.95
N GLY C 73 -5.59 11.30 -12.88
CA GLY C 73 -6.94 11.16 -13.43
C GLY C 73 -7.08 11.18 -14.94
N ASN C 74 -8.33 11.14 -15.40
CA ASN C 74 -8.63 11.15 -16.83
C ASN C 74 -8.09 12.40 -17.52
N PHE C 75 -7.71 12.27 -18.78
CA PHE C 75 -7.21 13.39 -19.54
C PHE C 75 -8.32 14.43 -19.64
N ASN C 76 -8.02 15.68 -19.32
CA ASN C 76 -9.04 16.73 -19.39
C ASN C 76 -9.26 17.11 -20.84
N GLY C 77 -10.03 16.31 -21.55
CA GLY C 77 -10.28 16.58 -22.96
C GLY C 77 -10.53 15.32 -23.77
N THR C 78 -10.30 15.41 -25.08
CA THR C 78 -10.52 14.28 -25.96
C THR C 78 -9.23 13.79 -26.61
N VAL C 79 -9.17 12.48 -26.86
CA VAL C 79 -8.00 11.87 -27.48
C VAL C 79 -8.45 10.76 -28.42
N GLU C 80 -8.11 10.88 -29.69
CA GLU C 80 -8.48 9.89 -30.70
C GLU C 80 -7.26 9.59 -31.57
N VAL C 81 -7.27 8.41 -32.18
CA VAL C 81 -6.18 8.04 -33.08
C VAL C 81 -6.63 8.50 -34.47
N SER C 82 -5.72 9.05 -35.25
CA SER C 82 -6.05 9.51 -36.60
C SER C 82 -4.94 9.04 -37.51
N GLY C 83 -5.18 7.94 -38.21
CA GLY C 83 -4.15 7.41 -39.08
C GLY C 83 -3.04 6.90 -38.19
N LYS C 84 -1.87 7.51 -38.29
CA LYS C 84 -0.73 7.12 -37.47
C LYS C 84 -0.45 8.18 -36.40
N ASP C 85 -1.23 9.25 -36.42
CA ASP C 85 -1.05 10.33 -35.47
C ASP C 85 -2.17 10.36 -34.43
N LEU C 86 -2.14 11.37 -33.57
CA LEU C 86 -3.16 11.53 -32.54
C LEU C 86 -3.89 12.86 -32.75
N CYS C 87 -5.18 12.86 -32.43
CA CYS C 87 -5.97 14.09 -32.52
C CYS C 87 -6.32 14.35 -31.06
N ILE C 88 -5.70 15.38 -30.49
CA ILE C 88 -5.91 15.71 -29.09
C ILE C 88 -6.60 17.05 -28.97
N ASN C 89 -7.85 17.01 -28.52
CA ASN C 89 -8.67 18.21 -28.40
C ASN C 89 -8.73 18.92 -29.75
N GLY C 90 -9.05 18.14 -30.78
CA GLY C 90 -9.16 18.68 -32.13
C GLY C 90 -7.86 19.04 -32.81
N LYS C 91 -6.74 18.90 -32.12
CA LYS C 91 -5.45 19.24 -32.72
C LYS C 91 -4.65 18.03 -33.15
N VAL C 92 -4.00 18.14 -34.30
CA VAL C 92 -3.19 17.04 -34.82
C VAL C 92 -1.80 17.05 -34.19
N VAL C 93 -1.43 15.94 -33.55
CA VAL C 93 -0.11 15.82 -32.97
C VAL C 93 0.56 14.67 -33.71
N LYS C 94 1.61 14.98 -34.44
CA LYS C 94 2.34 13.99 -35.21
C LYS C 94 3.01 12.95 -34.32
N VAL C 95 2.98 11.70 -34.75
CA VAL C 95 3.59 10.61 -33.99
C VAL C 95 4.66 9.93 -34.83
N PHE C 96 5.85 9.82 -34.28
CA PHE C 96 6.97 9.18 -34.97
C PHE C 96 7.55 8.10 -34.07
N GLN C 97 8.34 7.20 -34.64
CA GLN C 97 8.95 6.12 -33.87
C GLN C 97 10.38 5.84 -34.32
N ALA C 98 11.16 6.91 -34.41
CA ALA C 98 12.56 6.80 -34.83
C ALA C 98 13.46 6.64 -33.61
N LYS C 99 14.42 5.72 -33.69
CA LYS C 99 15.33 5.51 -32.57
C LYS C 99 16.48 6.50 -32.60
N ASP C 100 16.72 7.11 -33.75
CA ASP C 100 17.78 8.10 -33.90
C ASP C 100 17.17 9.50 -33.93
N PRO C 101 17.55 10.35 -32.96
CA PRO C 101 17.06 11.72 -32.85
C PRO C 101 17.21 12.57 -34.12
N ALA C 102 18.22 12.23 -34.93
CA ALA C 102 18.45 12.98 -36.16
C ALA C 102 17.44 12.64 -37.24
N GLU C 103 16.73 11.53 -37.07
CA GLU C 103 15.73 11.07 -38.04
C GLU C 103 14.32 11.60 -37.76
N ILE C 104 14.13 12.24 -36.61
CA ILE C 104 12.81 12.76 -36.26
C ILE C 104 12.55 14.08 -36.95
N PRO C 105 11.53 14.13 -37.82
CA PRO C 105 11.19 15.36 -38.56
C PRO C 105 10.56 16.45 -37.69
N TRP C 106 11.31 16.91 -36.69
CA TRP C 106 10.83 17.98 -35.79
C TRP C 106 10.53 19.24 -36.61
N GLY C 107 11.51 19.66 -37.40
CA GLY C 107 11.32 20.86 -38.22
C GLY C 107 10.12 20.76 -39.14
N ALA C 108 10.03 19.66 -39.88
CA ALA C 108 8.92 19.45 -40.80
C ALA C 108 7.57 19.41 -40.09
N SER C 109 7.60 19.04 -38.81
CA SER C 109 6.37 18.97 -38.02
C SER C 109 6.08 20.35 -37.41
N GLY C 110 7.01 21.27 -37.61
CA GLY C 110 6.85 22.61 -37.08
C GLY C 110 7.16 22.76 -35.61
N ALA C 111 7.84 21.78 -35.03
CA ALA C 111 8.20 21.80 -33.61
C ALA C 111 9.48 22.59 -33.37
N GLN C 112 9.38 23.67 -32.59
CA GLN C 112 10.53 24.53 -32.30
C GLN C 112 11.44 24.03 -31.18
N ILE C 113 10.83 23.64 -30.06
CA ILE C 113 11.59 23.16 -28.91
C ILE C 113 11.26 21.69 -28.62
N VAL C 114 12.29 20.90 -28.36
CA VAL C 114 12.07 19.49 -28.08
C VAL C 114 12.29 19.14 -26.61
N CYS C 115 11.28 18.51 -26.01
CA CYS C 115 11.37 18.06 -24.64
C CYS C 115 11.99 16.66 -24.72
N GLU C 116 13.26 16.55 -24.35
CA GLU C 116 13.95 15.27 -24.39
C GLU C 116 13.71 14.56 -23.05
N SER C 117 12.75 13.64 -23.05
CA SER C 117 12.41 12.92 -21.83
C SER C 117 12.45 11.40 -21.94
N THR C 118 13.50 10.87 -22.57
CA THR C 118 13.65 9.42 -22.67
C THR C 118 14.59 9.01 -21.55
N GLY C 119 15.39 9.96 -21.08
CA GLY C 119 16.34 9.68 -20.02
C GLY C 119 17.60 9.01 -20.54
N VAL C 120 17.74 8.93 -21.87
CA VAL C 120 18.90 8.28 -22.49
C VAL C 120 19.82 9.24 -23.28
N PHE C 121 19.37 10.46 -23.53
CA PHE C 121 20.17 11.42 -24.28
C PHE C 121 20.45 12.63 -23.40
N THR C 122 21.07 12.38 -22.25
CA THR C 122 21.35 13.43 -21.29
C THR C 122 22.65 14.21 -21.48
N THR C 123 23.20 14.17 -22.70
CA THR C 123 24.44 14.88 -23.01
C THR C 123 24.21 15.77 -24.22
N GLU C 124 24.98 16.83 -24.36
CA GLU C 124 24.80 17.72 -25.51
C GLU C 124 25.00 16.94 -26.80
N GLU C 125 26.02 16.10 -26.81
CA GLU C 125 26.34 15.29 -27.99
C GLU C 125 25.11 14.55 -28.52
N LYS C 126 24.45 13.79 -27.64
CA LYS C 126 23.28 13.03 -28.04
C LYS C 126 22.02 13.89 -28.18
N ALA C 127 21.79 14.77 -27.21
CA ALA C 127 20.61 15.64 -27.24
C ALA C 127 20.56 16.59 -28.44
N SER C 128 21.72 17.11 -28.84
CA SER C 128 21.78 18.04 -29.97
C SER C 128 21.38 17.39 -31.30
N LEU C 129 21.34 16.06 -31.32
CA LEU C 129 20.96 15.34 -32.53
C LEU C 129 19.55 15.75 -32.97
N HIS C 130 18.78 16.27 -32.03
CA HIS C 130 17.42 16.72 -32.32
C HIS C 130 17.47 17.95 -33.22
N LEU C 131 18.57 18.68 -33.16
CA LEU C 131 18.72 19.88 -33.97
C LEU C 131 18.86 19.50 -35.43
N LYS C 132 19.43 18.33 -35.68
CA LYS C 132 19.60 17.84 -37.04
C LYS C 132 18.21 17.60 -37.64
N GLY C 133 17.26 17.25 -36.80
CA GLY C 133 15.91 17.01 -37.27
C GLY C 133 15.16 18.30 -37.55
N GLY C 134 15.82 19.43 -37.32
CA GLY C 134 15.17 20.70 -37.56
C GLY C 134 14.73 21.42 -36.30
N ALA C 135 14.95 20.79 -35.15
CA ALA C 135 14.57 21.41 -33.88
C ALA C 135 15.56 22.54 -33.59
N LYS C 136 15.08 23.62 -32.99
CA LYS C 136 15.93 24.76 -32.67
C LYS C 136 16.48 24.75 -31.25
N LYS C 137 15.72 24.22 -30.31
CA LYS C 137 16.14 24.16 -28.91
C LYS C 137 15.78 22.81 -28.29
N VAL C 138 16.62 22.37 -27.35
CA VAL C 138 16.38 21.09 -26.68
C VAL C 138 16.45 21.25 -25.18
N ILE C 139 15.47 20.68 -24.49
CA ILE C 139 15.44 20.73 -23.04
C ILE C 139 15.43 19.31 -22.51
N ILE C 140 16.50 18.94 -21.82
CA ILE C 140 16.63 17.61 -21.23
C ILE C 140 15.87 17.59 -19.91
N SER C 141 14.89 16.70 -19.79
CA SER C 141 14.09 16.62 -18.57
C SER C 141 14.79 15.85 -17.45
N ALA C 142 16.04 16.20 -17.19
CA ALA C 142 16.82 15.54 -16.14
C ALA C 142 18.17 16.22 -16.04
N PRO C 143 18.91 15.96 -14.95
CA PRO C 143 20.23 16.60 -14.84
C PRO C 143 21.14 15.94 -15.87
N PRO C 144 22.04 16.72 -16.48
CA PRO C 144 22.97 16.19 -17.49
C PRO C 144 24.13 15.37 -16.97
N LYS C 145 24.59 14.44 -17.79
CA LYS C 145 25.74 13.61 -17.43
C LYS C 145 26.99 14.43 -17.73
N ASP C 146 26.81 15.48 -18.53
CA ASP C 146 27.92 16.35 -18.90
C ASP C 146 27.70 17.78 -18.42
N ASN C 147 28.48 18.72 -18.97
CA ASN C 147 28.39 20.11 -18.55
C ASN C 147 27.23 20.94 -19.11
N VAL C 148 26.24 20.29 -19.70
CA VAL C 148 25.09 21.02 -20.21
C VAL C 148 24.58 21.87 -19.05
N PRO C 149 24.29 23.16 -19.29
CA PRO C 149 23.80 24.03 -18.22
C PRO C 149 22.40 23.68 -17.70
N MET C 150 22.22 23.80 -16.38
CA MET C 150 20.93 23.52 -15.75
C MET C 150 20.29 24.83 -15.35
N TYR C 151 18.98 24.92 -15.52
CA TYR C 151 18.24 26.12 -15.15
C TYR C 151 17.03 25.76 -14.32
N VAL C 152 16.80 26.53 -13.27
CA VAL C 152 15.66 26.32 -12.40
C VAL C 152 14.82 27.58 -12.43
N MET C 153 13.61 27.50 -12.99
CA MET C 153 12.76 28.67 -13.07
C MET C 153 12.65 29.32 -11.69
N GLY C 154 12.80 30.65 -11.67
CA GLY C 154 12.73 31.39 -10.43
C GLY C 154 14.03 31.44 -9.65
N VAL C 155 15.05 30.74 -10.11
CA VAL C 155 16.32 30.74 -9.41
C VAL C 155 17.48 31.26 -10.27
N ASN C 156 17.61 30.76 -11.49
CA ASN C 156 18.70 31.20 -12.36
C ASN C 156 18.37 31.07 -13.85
N ASN C 157 17.10 30.94 -14.21
CA ASN C 157 16.76 30.78 -15.62
C ASN C 157 17.13 31.98 -16.48
N THR C 158 17.18 33.18 -15.91
CA THR C 158 17.54 34.36 -16.70
C THR C 158 19.00 34.33 -17.13
N GLU C 159 19.77 33.42 -16.55
CA GLU C 159 21.18 33.30 -16.90
C GLU C 159 21.32 32.61 -18.26
N TYR C 160 20.20 32.07 -18.75
CA TYR C 160 20.19 31.41 -20.04
C TYR C 160 20.65 32.35 -21.15
N ASP C 161 21.58 31.88 -21.97
CA ASP C 161 22.09 32.67 -23.09
C ASP C 161 21.78 31.93 -24.38
N PRO C 162 20.80 32.44 -25.15
CA PRO C 162 20.41 31.81 -26.42
C PRO C 162 21.50 31.76 -27.49
N SER C 163 22.51 32.62 -27.37
CA SER C 163 23.59 32.64 -28.35
C SER C 163 24.67 31.63 -28.02
N LYS C 164 24.64 31.10 -26.81
CA LYS C 164 25.65 30.13 -26.38
C LYS C 164 25.15 28.70 -26.22
N PHE C 165 23.86 28.51 -26.03
CA PHE C 165 23.33 27.16 -25.84
C PHE C 165 22.09 26.82 -26.65
N ASN C 166 22.05 25.60 -27.18
CA ASN C 166 20.90 25.12 -27.94
C ASN C 166 20.38 23.90 -27.19
N VAL C 167 21.11 23.49 -26.18
CA VAL C 167 20.75 22.35 -25.35
C VAL C 167 20.90 22.71 -23.89
N ILE C 168 19.81 22.66 -23.15
CA ILE C 168 19.83 22.98 -21.72
C ILE C 168 19.07 21.92 -20.92
N SER C 169 19.24 21.96 -19.60
CA SER C 169 18.58 21.01 -18.72
C SER C 169 17.71 21.69 -17.67
N ASN C 170 16.56 21.08 -17.37
CA ASN C 170 15.63 21.61 -16.38
C ASN C 170 15.93 21.00 -15.00
N ALA C 171 17.12 20.40 -14.87
CA ALA C 171 17.56 19.76 -13.63
C ALA C 171 16.64 18.63 -13.23
N SER C 172 16.34 18.52 -11.93
CA SER C 172 15.48 17.46 -11.41
C SER C 172 14.34 17.98 -10.56
N CYS C 173 13.38 17.11 -10.25
CA CYS C 173 12.25 17.50 -9.42
C CYS C 173 12.72 17.85 -8.00
N THR C 174 13.66 17.08 -7.47
CA THR C 174 14.20 17.33 -6.13
C THR C 174 14.93 18.67 -6.11
N THR C 175 15.79 18.88 -7.10
CA THR C 175 16.55 20.12 -7.22
C THR C 175 15.63 21.32 -7.38
N ASN C 176 14.54 21.14 -8.11
CA ASN C 176 13.60 22.23 -8.31
C ASN C 176 12.84 22.58 -7.04
N CYS C 177 12.85 21.66 -6.07
CA CYS C 177 12.19 21.90 -4.80
C CYS C 177 13.16 22.55 -3.82
N LEU C 178 14.41 22.07 -3.82
CA LEU C 178 15.43 22.59 -2.92
C LEU C 178 16.05 23.93 -3.31
N ALA C 179 16.30 24.12 -4.60
CA ALA C 179 16.91 25.37 -5.09
C ALA C 179 16.19 26.65 -4.66
N PRO C 180 14.89 26.77 -4.97
CA PRO C 180 14.18 28.00 -4.56
C PRO C 180 14.19 28.23 -3.05
N LEU C 181 13.99 27.17 -2.28
CA LEU C 181 13.99 27.31 -0.83
C LEU C 181 15.37 27.73 -0.33
N ALA C 182 16.39 27.05 -0.80
CA ALA C 182 17.76 27.34 -0.40
C ALA C 182 18.17 28.77 -0.76
N LYS C 183 17.76 29.24 -1.93
CA LYS C 183 18.10 30.59 -2.36
C LYS C 183 17.55 31.63 -1.38
N ILE C 184 16.28 31.47 -1.01
CA ILE C 184 15.64 32.40 -0.08
C ILE C 184 16.32 32.43 1.29
N ILE C 185 16.62 31.24 1.81
CA ILE C 185 17.26 31.12 3.12
C ILE C 185 18.68 31.66 3.08
N ASN C 186 19.42 31.31 2.03
CA ASN C 186 20.79 31.76 1.91
C ASN C 186 20.88 33.27 1.77
N ASP C 187 19.96 33.86 1.00
CA ASP C 187 19.96 35.31 0.81
C ASP C 187 19.61 36.02 2.12
N LYS C 188 18.48 35.65 2.71
CA LYS C 188 18.01 36.25 3.96
C LYS C 188 18.85 35.99 5.20
N PHE C 189 19.28 34.75 5.39
CA PHE C 189 20.04 34.39 6.58
C PHE C 189 21.40 33.77 6.32
N GLY C 190 21.63 33.33 5.09
CA GLY C 190 22.91 32.72 4.76
C GLY C 190 23.03 31.30 5.31
N ILE C 191 23.22 30.34 4.40
CA ILE C 191 23.37 28.94 4.80
C ILE C 191 24.84 28.61 5.01
N VAL C 192 25.19 28.33 6.26
CA VAL C 192 26.57 27.99 6.60
C VAL C 192 26.87 26.58 6.07
N GLU C 193 25.97 25.66 6.38
CA GLU C 193 26.10 24.27 5.94
C GLU C 193 24.75 23.61 6.07
N GLY C 194 24.46 22.67 5.19
CA GLY C 194 23.18 21.99 5.23
C GLY C 194 23.23 20.55 4.78
N LEU C 195 22.35 19.75 5.36
CA LEU C 195 22.23 18.33 5.05
C LEU C 195 20.76 18.10 4.73
N MET C 196 20.50 17.45 3.61
CA MET C 196 19.14 17.21 3.19
C MET C 196 18.78 15.73 3.08
N THR C 197 17.52 15.45 3.39
CA THR C 197 16.96 14.12 3.25
C THR C 197 15.65 14.38 2.52
N THR C 198 15.44 13.73 1.38
CA THR C 198 14.18 13.93 0.69
C THR C 198 13.44 12.60 0.72
N VAL C 199 12.18 12.64 1.14
CA VAL C 199 11.37 11.44 1.17
C VAL C 199 10.66 11.39 -0.18
N HIS C 200 11.03 10.41 -1.00
CA HIS C 200 10.49 10.25 -2.35
C HIS C 200 9.34 9.28 -2.53
N SER C 201 8.34 9.70 -3.28
CA SER C 201 7.22 8.83 -3.61
C SER C 201 7.81 7.95 -4.72
N LEU C 202 7.11 6.89 -5.09
CA LEU C 202 7.64 5.99 -6.11
C LEU C 202 7.77 6.51 -7.55
N THR C 203 7.19 7.66 -7.87
CA THR C 203 7.31 8.20 -9.23
C THR C 203 8.51 9.15 -9.34
N ALA C 204 9.07 9.52 -8.20
CA ALA C 204 10.21 10.43 -8.15
C ALA C 204 11.45 9.82 -8.80
N ASP C 218 21.71 0.17 -8.50
CA ASP C 218 21.68 0.06 -7.01
C ASP C 218 20.81 -1.12 -6.57
N TRP C 219 21.38 -2.00 -5.76
CA TRP C 219 20.66 -3.16 -5.27
C TRP C 219 19.41 -2.83 -4.45
N ARG C 220 19.50 -1.84 -3.57
CA ARG C 220 18.35 -1.48 -2.75
C ARG C 220 17.17 -1.04 -3.62
N ALA C 221 17.49 -0.25 -4.64
CA ALA C 221 16.51 0.28 -5.57
C ALA C 221 15.62 -0.79 -6.19
N GLY C 222 16.18 -1.98 -6.41
CA GLY C 222 15.42 -3.05 -7.01
C GLY C 222 14.56 -3.85 -6.05
N ARG C 223 14.61 -3.53 -4.77
CA ARG C 223 13.80 -4.26 -3.79
C ARG C 223 12.32 -3.86 -3.87
N CYS C 224 11.44 -4.73 -3.36
CA CYS C 224 9.99 -4.48 -3.38
C CYS C 224 9.65 -3.03 -2.96
N ALA C 225 9.18 -2.24 -3.91
CA ALA C 225 8.85 -0.84 -3.67
C ALA C 225 7.68 -0.52 -2.74
N GLY C 226 6.53 -1.13 -3.02
CA GLY C 226 5.36 -0.85 -2.21
C GLY C 226 5.33 -1.45 -0.83
N ASN C 227 6.46 -1.98 -0.38
CA ASN C 227 6.52 -2.62 0.92
C ASN C 227 7.73 -2.19 1.75
N ASN C 228 8.59 -1.38 1.16
CA ASN C 228 9.81 -0.95 1.84
C ASN C 228 10.08 0.54 1.92
N ILE C 229 10.91 0.89 2.91
CA ILE C 229 11.44 2.23 3.07
C ILE C 229 12.81 1.91 2.48
N ILE C 230 13.21 2.62 1.43
CA ILE C 230 14.47 2.32 0.75
C ILE C 230 15.45 3.49 0.66
N PRO C 231 16.60 3.39 1.36
CA PRO C 231 17.59 4.47 1.30
C PRO C 231 18.06 4.60 -0.14
N ALA C 232 18.30 5.83 -0.60
CA ALA C 232 18.74 6.03 -1.98
C ALA C 232 19.58 7.28 -2.15
N SER C 233 20.12 7.44 -3.36
CA SER C 233 20.96 8.58 -3.69
C SER C 233 20.21 9.70 -4.40
N THR C 234 20.87 10.85 -4.48
CA THR C 234 20.33 12.03 -5.16
C THR C 234 21.43 13.07 -5.24
N GLY C 235 21.59 13.68 -6.41
CA GLY C 235 22.62 14.67 -6.58
C GLY C 235 22.05 16.07 -6.48
N ALA C 236 20.84 16.19 -5.94
CA ALA C 236 20.19 17.48 -5.80
C ALA C 236 21.05 18.53 -5.09
N ALA C 237 21.50 18.19 -3.88
CA ALA C 237 22.32 19.11 -3.09
C ALA C 237 23.48 19.70 -3.90
N LYS C 238 24.19 18.84 -4.62
CA LYS C 238 25.32 19.30 -5.43
C LYS C 238 24.82 20.10 -6.64
N ALA C 239 23.67 19.70 -7.17
CA ALA C 239 23.09 20.40 -8.31
C ALA C 239 22.74 21.83 -7.89
N VAL C 240 22.29 21.99 -6.65
CA VAL C 240 21.93 23.30 -6.13
C VAL C 240 23.17 24.19 -6.01
N GLY C 241 24.32 23.56 -5.77
CA GLY C 241 25.56 24.31 -5.66
C GLY C 241 26.04 24.80 -7.01
N LYS C 242 25.44 24.27 -8.08
CA LYS C 242 25.79 24.67 -9.43
C LYS C 242 24.82 25.74 -9.91
N VAL C 243 23.56 25.61 -9.49
CA VAL C 243 22.53 26.57 -9.86
C VAL C 243 22.73 27.85 -9.06
N ILE C 244 23.19 27.69 -7.84
CA ILE C 244 23.48 28.81 -6.95
C ILE C 244 24.92 28.59 -6.52
N PRO C 245 25.88 29.12 -7.28
CA PRO C 245 27.31 28.99 -7.01
C PRO C 245 27.71 29.22 -5.55
N ALA C 246 27.14 30.24 -4.94
CA ALA C 246 27.43 30.57 -3.55
C ALA C 246 27.20 29.42 -2.56
N LEU C 247 26.40 28.44 -2.95
CA LEU C 247 26.11 27.30 -2.08
C LEU C 247 26.90 26.05 -2.46
N ASN C 248 27.80 26.20 -3.43
CA ASN C 248 28.62 25.09 -3.87
C ASN C 248 29.42 24.55 -2.68
N GLY C 249 29.35 23.23 -2.47
CA GLY C 249 30.09 22.63 -1.37
C GLY C 249 29.49 22.82 0.01
N LYS C 250 28.39 23.57 0.12
CA LYS C 250 27.77 23.81 1.42
C LYS C 250 26.62 22.86 1.76
N LEU C 251 26.18 22.08 0.78
CA LEU C 251 25.07 21.16 1.00
C LEU C 251 25.35 19.76 0.44
N THR C 252 24.69 18.76 1.01
CA THR C 252 24.80 17.40 0.53
C THR C 252 23.56 16.69 1.07
N GLY C 253 23.10 15.68 0.34
CA GLY C 253 21.90 14.99 0.80
C GLY C 253 21.80 13.55 0.36
N MET C 254 20.66 12.96 0.68
CA MET C 254 20.34 11.59 0.34
C MET C 254 18.83 11.50 0.23
N ALA C 255 18.34 10.37 -0.25
CA ALA C 255 16.90 10.18 -0.38
C ALA C 255 16.43 8.92 0.35
N ILE C 256 15.15 8.89 0.66
CA ILE C 256 14.52 7.74 1.30
C ILE C 256 13.24 7.54 0.53
N ARG C 257 13.17 6.43 -0.19
CA ARG C 257 12.03 6.09 -1.03
C ARG C 257 10.93 5.38 -0.22
N VAL C 258 9.67 5.79 -0.43
CA VAL C 258 8.56 5.16 0.27
C VAL C 258 7.48 4.76 -0.74
N PRO C 259 6.58 3.85 -0.34
CA PRO C 259 5.51 3.37 -1.23
C PRO C 259 4.31 4.24 -1.64
N THR C 260 4.40 5.56 -1.49
CA THR C 260 3.29 6.40 -1.92
C THR C 260 3.42 6.67 -3.43
N PRO C 261 2.30 6.73 -4.15
CA PRO C 261 2.34 6.96 -5.60
C PRO C 261 2.94 8.28 -6.09
N ASP C 262 2.58 9.39 -5.46
CA ASP C 262 3.09 10.70 -5.88
C ASP C 262 3.15 11.70 -4.73
N VAL C 263 4.01 12.71 -4.91
CA VAL C 263 4.27 13.79 -3.94
C VAL C 263 5.42 13.41 -3.02
N SER C 264 6.41 14.29 -2.95
CA SER C 264 7.59 14.05 -2.14
C SER C 264 7.85 15.17 -1.16
N VAL C 265 8.82 14.99 -0.28
CA VAL C 265 9.13 15.98 0.73
C VAL C 265 10.62 16.20 0.87
N VAL C 266 11.00 17.46 1.07
CA VAL C 266 12.40 17.82 1.27
C VAL C 266 12.54 18.19 2.74
N ASP C 267 13.54 17.61 3.38
CA ASP C 267 13.84 17.82 4.79
C ASP C 267 15.23 18.43 4.84
N LEU C 268 15.30 19.75 4.95
CA LEU C 268 16.59 20.45 4.96
C LEU C 268 16.99 20.93 6.36
N THR C 269 18.06 20.36 6.89
CA THR C 269 18.53 20.75 8.20
C THR C 269 19.79 21.57 7.99
N CYS C 270 19.77 22.83 8.38
CA CYS C 270 20.95 23.67 8.19
C CYS C 270 21.28 24.67 9.29
N LYS C 271 22.55 25.06 9.32
CA LYS C 271 23.02 26.04 10.29
C LYS C 271 23.01 27.37 9.54
N LEU C 272 22.37 28.37 10.13
CA LEU C 272 22.26 29.69 9.51
C LEU C 272 23.37 30.64 9.94
N ALA C 273 23.76 31.51 9.03
CA ALA C 273 24.80 32.50 9.30
C ALA C 273 24.23 33.49 10.31
N LYS C 274 23.00 33.93 10.06
CA LYS C 274 22.31 34.87 10.94
C LYS C 274 21.12 34.17 11.61
N PRO C 275 21.03 34.26 12.95
CA PRO C 275 19.92 33.61 13.66
C PRO C 275 18.55 34.03 13.11
N ALA C 276 17.55 33.17 13.29
CA ALA C 276 16.21 33.45 12.81
C ALA C 276 15.21 32.42 13.31
N SER C 277 13.98 32.87 13.55
CA SER C 277 12.92 32.00 14.03
C SER C 277 12.17 31.38 12.85
N ILE C 278 11.34 30.38 13.13
CA ILE C 278 10.56 29.72 12.09
C ILE C 278 9.62 30.75 11.48
N GLU C 279 9.11 31.63 12.34
CA GLU C 279 8.19 32.68 11.92
C GLU C 279 8.86 33.62 10.92
N GLU C 280 10.09 34.01 11.20
CA GLU C 280 10.83 34.89 10.29
C GLU C 280 11.15 34.19 8.97
N ILE C 281 11.53 32.92 9.05
CA ILE C 281 11.83 32.13 7.88
C ILE C 281 10.57 32.02 7.02
N TYR C 282 9.46 31.78 7.68
CA TYR C 282 8.16 31.65 7.02
C TYR C 282 7.81 32.94 6.27
N GLN C 283 7.98 34.07 6.95
CA GLN C 283 7.69 35.36 6.35
C GLN C 283 8.59 35.59 5.15
N ALA C 284 9.85 35.18 5.28
CA ALA C 284 10.80 35.34 4.19
C ALA C 284 10.30 34.57 2.96
N VAL C 285 9.97 33.29 3.16
CA VAL C 285 9.46 32.46 2.07
C VAL C 285 8.18 33.07 1.49
N LYS C 286 7.34 33.60 2.38
CA LYS C 286 6.08 34.23 1.99
C LYS C 286 6.33 35.39 1.03
N GLU C 287 7.33 36.21 1.34
CA GLU C 287 7.68 37.36 0.51
C GLU C 287 8.10 36.90 -0.89
N ALA C 288 8.98 35.91 -0.94
CA ALA C 288 9.46 35.40 -2.21
C ALA C 288 8.34 34.80 -3.03
N SER C 289 7.47 34.06 -2.35
CA SER C 289 6.35 33.40 -3.00
C SER C 289 5.34 34.39 -3.59
N ASN C 290 5.19 35.53 -2.96
CA ASN C 290 4.25 36.55 -3.44
C ASN C 290 4.96 37.56 -4.33
N GLY C 291 6.27 37.38 -4.48
CA GLY C 291 7.03 38.31 -5.29
C GLY C 291 7.78 37.69 -6.46
N PRO C 292 9.11 37.73 -6.44
CA PRO C 292 9.96 37.18 -7.50
C PRO C 292 9.79 35.70 -7.82
N MET C 293 9.30 34.92 -6.86
CA MET C 293 9.12 33.48 -7.08
C MET C 293 7.66 33.05 -7.15
N LYS C 294 6.83 33.90 -7.75
CA LYS C 294 5.41 33.62 -7.86
C LYS C 294 5.18 32.37 -8.71
N GLY C 295 4.32 31.46 -8.23
CA GLY C 295 4.05 30.23 -8.95
C GLY C 295 5.15 29.19 -8.82
N ILE C 296 6.25 29.55 -8.18
CA ILE C 296 7.37 28.64 -7.99
C ILE C 296 7.50 28.23 -6.54
N MET C 297 7.64 29.21 -5.65
CA MET C 297 7.74 28.94 -4.21
C MET C 297 6.38 29.18 -3.58
N GLY C 298 5.94 28.23 -2.77
CA GLY C 298 4.66 28.37 -2.11
C GLY C 298 4.83 28.18 -0.62
N TYR C 299 3.73 28.27 0.11
CA TYR C 299 3.78 28.09 1.56
C TYR C 299 2.40 27.72 2.07
N THR C 300 2.38 27.18 3.28
CA THR C 300 1.14 26.78 3.93
C THR C 300 1.37 26.65 5.41
N SER C 301 0.28 26.73 6.17
CA SER C 301 0.34 26.58 7.61
C SER C 301 -0.79 25.68 8.07
N ASP C 302 -1.40 24.96 7.11
CA ASP C 302 -2.50 24.04 7.43
C ASP C 302 -1.91 22.65 7.72
N ASP C 303 -2.70 21.79 8.35
CA ASP C 303 -2.26 20.44 8.68
C ASP C 303 -2.36 19.53 7.46
N VAL C 304 -1.61 19.85 6.42
CA VAL C 304 -1.64 19.08 5.18
C VAL C 304 -0.89 17.74 5.26
N VAL C 305 -1.21 16.86 4.30
CA VAL C 305 -0.54 15.56 4.16
C VAL C 305 -0.21 15.41 2.67
N SER C 306 0.46 14.30 2.32
CA SER C 306 0.88 14.00 0.95
C SER C 306 -0.12 14.30 -0.16
N THR C 307 -1.24 13.59 -0.10
CA THR C 307 -2.29 13.71 -1.09
C THR C 307 -2.84 15.11 -1.34
N ASP C 308 -2.68 16.03 -0.39
CA ASP C 308 -3.20 17.37 -0.58
C ASP C 308 -2.43 18.15 -1.65
N PHE C 309 -1.30 17.60 -2.09
CA PHE C 309 -0.48 18.27 -3.11
C PHE C 309 -0.48 17.62 -4.48
N ILE C 310 -1.27 16.56 -4.65
CA ILE C 310 -1.34 15.89 -5.94
C ILE C 310 -1.95 16.86 -6.94
N GLY C 311 -1.16 17.26 -7.94
CA GLY C 311 -1.66 18.20 -8.93
C GLY C 311 -1.19 19.61 -8.66
N CYS C 312 -0.54 19.83 -7.53
CA CYS C 312 -0.04 21.16 -7.20
C CYS C 312 1.10 21.48 -8.18
N LYS C 313 1.09 22.68 -8.73
CA LYS C 313 2.10 23.07 -9.72
C LYS C 313 3.34 23.79 -9.17
N TYR C 314 3.35 24.11 -7.88
CA TYR C 314 4.51 24.77 -7.30
C TYR C 314 5.74 23.86 -7.37
N SER C 315 6.93 24.45 -7.31
CA SER C 315 8.16 23.68 -7.34
C SER C 315 8.48 23.26 -5.92
N SER C 316 8.05 24.08 -4.96
CA SER C 316 8.34 23.83 -3.56
C SER C 316 7.29 24.50 -2.65
N ILE C 317 6.79 23.77 -1.66
CA ILE C 317 5.80 24.32 -0.74
C ILE C 317 6.22 24.18 0.73
N PHE C 318 6.63 25.30 1.32
CA PHE C 318 7.05 25.32 2.70
C PHE C 318 5.90 24.94 3.64
N ASP C 319 6.17 24.02 4.57
CA ASP C 319 5.19 23.54 5.54
C ASP C 319 5.54 24.13 6.91
N LYS C 320 5.01 25.31 7.18
CA LYS C 320 5.27 26.02 8.44
C LYS C 320 5.21 25.17 9.70
N ASN C 321 4.11 24.46 9.90
CA ASN C 321 3.93 23.65 11.10
C ASN C 321 4.82 22.42 11.22
N ALA C 322 5.42 21.97 10.12
CA ALA C 322 6.30 20.81 10.18
C ALA C 322 7.74 21.20 10.45
N CYS C 323 8.07 22.47 10.23
CA CYS C 323 9.42 22.95 10.48
C CYS C 323 9.65 22.99 11.99
N ILE C 324 10.88 22.71 12.41
CA ILE C 324 11.23 22.76 13.83
C ILE C 324 12.61 23.36 13.96
N ALA C 325 12.90 23.90 15.13
CA ALA C 325 14.20 24.51 15.39
C ALA C 325 14.72 24.15 16.77
N LEU C 326 16.01 23.84 16.85
CA LEU C 326 16.64 23.54 18.12
C LEU C 326 16.91 24.90 18.78
N ASN C 327 17.35 25.85 17.96
CA ASN C 327 17.65 27.21 18.40
C ASN C 327 17.52 28.14 17.19
N ASP C 328 17.91 29.40 17.34
CA ASP C 328 17.77 30.36 16.23
C ASP C 328 18.73 30.26 15.05
N SER C 329 19.71 29.37 15.12
CA SER C 329 20.65 29.22 14.01
C SER C 329 20.79 27.78 13.54
N PHE C 330 19.92 26.90 14.03
CA PHE C 330 19.95 25.49 13.65
C PHE C 330 18.51 25.06 13.51
N VAL C 331 18.07 24.92 12.26
CA VAL C 331 16.69 24.58 11.96
C VAL C 331 16.51 23.45 10.95
N LYS C 332 15.31 22.88 10.93
CA LYS C 332 14.96 21.81 10.01
C LYS C 332 13.74 22.31 9.24
N LEU C 333 13.90 22.50 7.94
CA LEU C 333 12.81 22.98 7.12
C LEU C 333 12.20 21.86 6.31
N ILE C 334 10.86 21.87 6.23
CA ILE C 334 10.10 20.87 5.51
C ILE C 334 9.35 21.52 4.37
N SER C 335 9.59 21.05 3.14
CA SER C 335 8.93 21.58 1.95
C SER C 335 8.40 20.47 1.06
N TRP C 336 7.15 20.57 0.63
CA TRP C 336 6.55 19.55 -0.23
C TRP C 336 6.73 19.86 -1.72
N TYR C 337 6.47 18.84 -2.53
CA TYR C 337 6.51 18.98 -3.97
C TYR C 337 5.94 17.77 -4.67
N ASP C 338 5.00 18.02 -5.58
CA ASP C 338 4.40 16.97 -6.38
C ASP C 338 5.51 16.75 -7.40
N ASN C 339 6.36 15.75 -7.16
CA ASN C 339 7.48 15.48 -8.04
C ASN C 339 7.13 15.35 -9.52
N GLU C 340 5.85 15.16 -9.84
CA GLU C 340 5.50 15.06 -11.25
C GLU C 340 4.91 16.36 -11.82
N SER C 341 3.89 16.89 -11.16
CA SER C 341 3.23 18.11 -11.61
C SER C 341 4.12 19.35 -11.56
N GLY C 342 4.82 19.53 -10.44
CA GLY C 342 5.68 20.69 -10.31
C GLY C 342 6.76 20.70 -11.38
N TYR C 343 7.48 19.59 -11.49
CA TYR C 343 8.55 19.46 -12.46
C TYR C 343 8.11 19.64 -13.91
N SER C 344 7.05 18.94 -14.29
CA SER C 344 6.54 19.00 -15.65
C SER C 344 6.13 20.41 -16.06
N ASN C 345 5.52 21.14 -15.13
CA ASN C 345 5.10 22.50 -15.40
C ASN C 345 6.29 23.44 -15.48
N ARG C 346 7.34 23.14 -14.72
CA ARG C 346 8.53 23.97 -14.76
C ARG C 346 9.19 23.80 -16.14
N LEU C 347 9.14 22.59 -16.68
CA LEU C 347 9.74 22.33 -17.97
C LEU C 347 8.98 23.08 -19.07
N VAL C 348 7.68 23.21 -18.90
CA VAL C 348 6.86 23.93 -19.88
C VAL C 348 7.13 25.43 -19.73
N ASP C 349 7.31 25.89 -18.49
CA ASP C 349 7.61 27.30 -18.22
C ASP C 349 8.94 27.69 -18.86
N LEU C 350 9.92 26.78 -18.74
CA LEU C 350 11.25 26.99 -19.29
C LEU C 350 11.20 27.00 -20.81
N ALA C 351 10.32 26.19 -21.39
CA ALA C 351 10.16 26.13 -22.84
C ALA C 351 9.60 27.47 -23.31
N VAL C 352 8.55 27.94 -22.63
CA VAL C 352 7.94 29.21 -22.97
C VAL C 352 8.99 30.32 -22.86
N TYR C 353 9.74 30.31 -21.76
CA TYR C 353 10.77 31.30 -21.51
C TYR C 353 11.83 31.30 -22.61
N VAL C 354 12.36 30.11 -22.90
CA VAL C 354 13.38 29.97 -23.93
C VAL C 354 12.91 30.55 -25.26
N ALA C 355 11.65 30.33 -25.59
CA ALA C 355 11.09 30.83 -26.83
C ALA C 355 11.06 32.35 -26.82
N SER C 356 10.74 32.93 -25.67
CA SER C 356 10.67 34.38 -25.54
C SER C 356 12.03 35.05 -25.70
N ARG C 357 13.09 34.26 -25.61
CA ARG C 357 14.45 34.79 -25.72
C ARG C 357 15.08 34.69 -27.11
N GLY C 358 14.35 34.15 -28.09
CA GLY C 358 14.88 34.03 -29.44
C GLY C 358 15.40 32.66 -29.78
N LEU C 359 14.61 31.91 -30.57
CA LEU C 359 14.98 30.55 -30.97
C LEU C 359 15.86 30.52 -32.22
N THR D 22 13.32 -16.42 38.37
CA THR D 22 12.33 -16.22 37.28
C THR D 22 11.21 -15.28 37.73
N ALA D 23 11.12 -14.13 37.07
CA ALA D 23 10.10 -13.13 37.39
C ALA D 23 8.78 -13.50 36.72
N THR D 24 7.69 -12.96 37.24
CA THR D 24 6.37 -13.23 36.69
C THR D 24 5.77 -11.93 36.18
N LEU D 25 5.18 -11.99 34.99
CA LEU D 25 4.62 -10.80 34.37
C LEU D 25 3.11 -10.86 34.13
N GLY D 26 2.47 -9.72 34.28
CA GLY D 26 1.05 -9.60 34.02
C GLY D 26 0.98 -8.56 32.91
N ILE D 27 0.03 -8.70 32.00
CA ILE D 27 -0.07 -7.75 30.90
C ILE D 27 -1.43 -7.07 30.83
N ASN D 28 -1.45 -5.75 30.93
CA ASN D 28 -2.69 -5.01 30.84
C ASN D 28 -2.75 -4.29 29.50
N GLY D 29 -3.70 -4.69 28.66
CA GLY D 29 -3.81 -4.11 27.34
C GLY D 29 -3.16 -5.10 26.41
N PHE D 30 -3.96 -5.97 25.80
CA PHE D 30 -3.42 -6.99 24.90
C PHE D 30 -3.40 -6.54 23.44
N GLY D 31 -2.77 -5.41 23.18
CA GLY D 31 -2.68 -4.88 21.83
C GLY D 31 -1.42 -5.40 21.16
N ARG D 32 -0.96 -4.71 20.11
CA ARG D 32 0.25 -5.11 19.39
C ARG D 32 1.44 -5.29 20.34
N ILE D 33 1.71 -4.28 21.16
CA ILE D 33 2.83 -4.36 22.10
C ILE D 33 2.60 -5.46 23.13
N GLY D 34 1.46 -5.42 23.81
CA GLY D 34 1.17 -6.44 24.81
C GLY D 34 1.40 -7.85 24.31
N ARG D 35 0.87 -8.15 23.13
CA ARG D 35 1.00 -9.47 22.52
C ARG D 35 2.44 -9.82 22.17
N LEU D 36 3.16 -8.88 21.57
CA LEU D 36 4.55 -9.14 21.20
C LEU D 36 5.39 -9.31 22.48
N VAL D 37 4.99 -8.62 23.55
CA VAL D 37 5.71 -8.75 24.83
C VAL D 37 5.51 -10.17 25.33
N LEU D 38 4.31 -10.72 25.13
CA LEU D 38 4.03 -12.09 25.57
C LEU D 38 4.81 -13.08 24.71
N ARG D 39 4.80 -12.86 23.40
CA ARG D 39 5.52 -13.74 22.50
C ARG D 39 7.01 -13.75 22.87
N ALA D 40 7.53 -12.60 23.30
CA ALA D 40 8.93 -12.52 23.70
C ALA D 40 9.18 -13.30 24.99
N CYS D 41 8.30 -13.14 25.97
CA CYS D 41 8.46 -13.84 27.24
C CYS D 41 8.47 -15.34 27.03
N MET D 42 7.54 -15.82 26.20
CA MET D 42 7.43 -17.24 25.87
C MET D 42 8.71 -17.84 25.29
N GLU D 43 9.65 -16.99 24.91
CA GLU D 43 10.90 -17.47 24.33
C GLU D 43 12.05 -17.44 25.33
N ARG D 44 11.77 -16.93 26.54
CA ARG D 44 12.79 -16.82 27.57
C ARG D 44 12.49 -17.63 28.83
N ASN D 45 13.56 -18.08 29.50
CA ASN D 45 13.41 -18.88 30.71
C ASN D 45 13.58 -18.06 32.00
N ASP D 46 13.92 -16.79 31.87
CA ASP D 46 14.12 -15.91 33.02
C ASP D 46 12.90 -15.08 33.39
N ILE D 47 11.79 -15.31 32.70
CA ILE D 47 10.57 -14.57 32.98
C ILE D 47 9.37 -15.37 32.45
N THR D 48 8.25 -15.29 33.15
CA THR D 48 7.06 -16.02 32.75
C THR D 48 5.79 -15.18 32.78
N VAL D 49 5.00 -15.26 31.71
CA VAL D 49 3.75 -14.53 31.65
C VAL D 49 2.76 -15.36 32.44
N VAL D 50 2.04 -14.72 33.36
CA VAL D 50 1.09 -15.42 34.21
C VAL D 50 -0.35 -14.97 34.02
N ALA D 51 -0.55 -13.72 33.63
CA ALA D 51 -1.89 -13.21 33.43
C ALA D 51 -1.98 -12.12 32.37
N ILE D 52 -3.18 -11.96 31.83
CA ILE D 52 -3.46 -10.97 30.82
C ILE D 52 -4.81 -10.33 31.13
N ASN D 53 -4.91 -9.02 30.97
CA ASN D 53 -6.16 -8.33 31.23
C ASN D 53 -6.48 -7.35 30.11
N ASP D 54 -7.72 -7.41 29.63
CA ASP D 54 -8.19 -6.50 28.59
C ASP D 54 -9.71 -6.51 28.65
N PRO D 55 -10.30 -5.37 29.04
CA PRO D 55 -11.76 -5.24 29.16
C PRO D 55 -12.49 -5.23 27.83
N PHE D 56 -11.78 -5.44 26.74
CA PHE D 56 -12.42 -5.41 25.43
C PHE D 56 -12.22 -6.66 24.60
N MET D 57 -11.76 -7.74 25.23
CA MET D 57 -11.52 -9.00 24.52
C MET D 57 -11.92 -10.25 25.29
N ASP D 58 -12.61 -11.18 24.64
CA ASP D 58 -12.98 -12.45 25.26
C ASP D 58 -11.70 -13.27 25.19
N VAL D 59 -11.67 -14.39 25.89
CA VAL D 59 -10.50 -15.25 25.90
C VAL D 59 -10.30 -15.88 24.51
N GLU D 60 -11.40 -16.09 23.79
CA GLU D 60 -11.31 -16.67 22.46
C GLU D 60 -10.64 -15.67 21.52
N TYR D 61 -11.07 -14.41 21.59
CA TYR D 61 -10.50 -13.39 20.74
C TYR D 61 -9.02 -13.20 21.05
N MET D 62 -8.66 -13.27 22.34
CA MET D 62 -7.26 -13.13 22.74
C MET D 62 -6.44 -14.24 22.09
N ALA D 63 -6.92 -15.48 22.20
CA ALA D 63 -6.19 -16.60 21.61
C ALA D 63 -6.00 -16.38 20.11
N TYR D 64 -7.03 -15.85 19.45
CA TYR D 64 -6.96 -15.60 18.01
C TYR D 64 -5.89 -14.55 17.69
N LEU D 65 -5.95 -13.42 18.38
CA LEU D 65 -5.00 -12.34 18.17
C LEU D 65 -3.56 -12.79 18.46
N LEU D 66 -3.41 -13.76 19.36
CA LEU D 66 -2.09 -14.26 19.69
C LEU D 66 -1.56 -15.24 18.65
N LYS D 67 -2.42 -16.13 18.17
CA LYS D 67 -1.98 -17.11 17.20
C LYS D 67 -1.62 -16.53 15.83
N TYR D 68 -2.33 -15.49 15.41
CA TYR D 68 -2.10 -14.89 14.09
C TYR D 68 -1.63 -13.45 14.13
N ASP D 69 -0.68 -13.12 13.26
CA ASP D 69 -0.23 -11.74 13.17
C ASP D 69 0.22 -11.38 11.76
N SER D 70 -0.30 -10.26 11.27
CA SER D 70 -0.01 -9.78 9.92
C SER D 70 1.45 -9.40 9.69
N VAL D 71 2.19 -9.16 10.77
CA VAL D 71 3.59 -8.79 10.64
C VAL D 71 4.56 -9.83 11.17
N HIS D 72 4.23 -10.44 12.31
CA HIS D 72 5.13 -11.39 12.93
C HIS D 72 4.85 -12.89 12.77
N GLY D 73 3.98 -13.25 11.82
CA GLY D 73 3.69 -14.65 11.58
C GLY D 73 2.88 -15.35 12.67
N ASN D 74 2.60 -16.64 12.47
CA ASN D 74 1.82 -17.42 13.43
C ASN D 74 2.58 -17.57 14.75
N PHE D 75 1.86 -17.71 15.85
CA PHE D 75 2.49 -17.87 17.16
C PHE D 75 3.42 -19.09 17.12
N ASN D 76 4.61 -18.94 17.68
CA ASN D 76 5.56 -20.05 17.71
C ASN D 76 5.27 -20.92 18.93
N GLY D 77 4.30 -21.82 18.77
CA GLY D 77 3.91 -22.71 19.85
C GLY D 77 2.43 -23.04 19.75
N THR D 78 1.81 -23.36 20.88
CA THR D 78 0.39 -23.71 20.88
C THR D 78 -0.43 -22.77 21.75
N VAL D 79 -1.65 -22.50 21.32
CA VAL D 79 -2.55 -21.62 22.06
C VAL D 79 -3.90 -22.31 22.19
N GLU D 80 -4.36 -22.52 23.41
CA GLU D 80 -5.62 -23.19 23.66
C GLU D 80 -6.41 -22.49 24.76
N VAL D 81 -7.72 -22.42 24.58
CA VAL D 81 -8.58 -21.83 25.59
C VAL D 81 -8.91 -22.92 26.60
N SER D 82 -8.63 -22.64 27.87
CA SER D 82 -8.94 -23.59 28.94
C SER D 82 -9.89 -22.89 29.89
N GLY D 83 -11.18 -23.08 29.67
CA GLY D 83 -12.18 -22.45 30.51
C GLY D 83 -12.21 -20.95 30.23
N LYS D 84 -11.96 -20.16 31.26
CA LYS D 84 -11.95 -18.72 31.11
C LYS D 84 -10.53 -18.22 30.92
N ASP D 85 -9.57 -19.14 30.91
CA ASP D 85 -8.17 -18.78 30.77
C ASP D 85 -7.53 -19.35 29.51
N LEU D 86 -6.25 -19.09 29.35
CA LEU D 86 -5.49 -19.58 28.19
C LEU D 86 -4.40 -20.56 28.60
N CYS D 87 -4.10 -21.49 27.71
CA CYS D 87 -3.03 -22.46 27.92
C CYS D 87 -2.04 -22.23 26.79
N ILE D 88 -1.00 -21.45 27.07
CA ILE D 88 0.02 -21.14 26.08
C ILE D 88 1.25 -22.02 26.29
N ASN D 89 1.54 -22.88 25.31
CA ASN D 89 2.67 -23.80 25.40
C ASN D 89 2.65 -24.53 26.74
N GLY D 90 1.56 -25.25 26.99
CA GLY D 90 1.45 -26.02 28.22
C GLY D 90 1.41 -25.22 29.50
N LYS D 91 1.50 -23.90 29.40
CA LYS D 91 1.46 -23.06 30.59
C LYS D 91 0.11 -22.35 30.75
N VAL D 92 -0.34 -22.23 31.99
CA VAL D 92 -1.60 -21.57 32.27
C VAL D 92 -1.41 -20.06 32.36
N VAL D 93 -2.35 -19.33 31.77
CA VAL D 93 -2.31 -17.87 31.79
C VAL D 93 -3.71 -17.35 32.14
N LYS D 94 -3.86 -16.87 33.37
CA LYS D 94 -5.14 -16.35 33.83
C LYS D 94 -5.57 -15.17 32.96
N VAL D 95 -6.87 -15.10 32.65
CA VAL D 95 -7.40 -14.03 31.82
C VAL D 95 -8.43 -13.21 32.57
N PHE D 96 -8.27 -11.89 32.54
CA PHE D 96 -9.21 -10.99 33.21
C PHE D 96 -9.69 -9.94 32.23
N GLN D 97 -10.69 -9.18 32.63
CA GLN D 97 -11.25 -8.14 31.75
C GLN D 97 -11.79 -6.94 32.52
N ALA D 98 -11.01 -6.45 33.49
CA ALA D 98 -11.43 -5.31 34.29
C ALA D 98 -11.03 -4.00 33.62
N LYS D 99 -11.95 -3.04 33.59
CA LYS D 99 -11.69 -1.74 32.96
C LYS D 99 -10.88 -0.85 33.89
N ASP D 100 -10.73 -1.28 35.14
CA ASP D 100 -9.98 -0.51 36.13
C ASP D 100 -8.82 -1.32 36.67
N PRO D 101 -7.59 -0.76 36.63
CA PRO D 101 -6.40 -1.45 37.12
C PRO D 101 -6.56 -1.83 38.59
N ALA D 102 -7.21 -0.96 39.35
CA ALA D 102 -7.42 -1.19 40.77
C ALA D 102 -8.22 -2.46 41.04
N GLU D 103 -8.96 -2.94 40.03
CA GLU D 103 -9.75 -4.15 40.20
C GLU D 103 -9.20 -5.40 39.54
N ILE D 104 -7.98 -5.33 39.02
CA ILE D 104 -7.38 -6.51 38.40
C ILE D 104 -6.67 -7.31 39.48
N PRO D 105 -7.09 -8.56 39.68
CA PRO D 105 -6.50 -9.45 40.69
C PRO D 105 -5.15 -10.07 40.31
N TRP D 106 -4.12 -9.23 40.21
CA TRP D 106 -2.78 -9.71 39.86
C TRP D 106 -2.17 -10.63 40.91
N GLY D 107 -2.27 -10.22 42.19
CA GLY D 107 -1.73 -11.01 43.27
C GLY D 107 -2.14 -12.46 43.20
N ALA D 108 -3.45 -12.70 43.16
CA ALA D 108 -3.97 -14.05 43.07
C ALA D 108 -3.23 -14.84 42.00
N SER D 109 -3.18 -14.29 40.78
CA SER D 109 -2.52 -14.96 39.66
C SER D 109 -1.03 -15.12 39.91
N GLY D 110 -0.48 -14.28 40.79
CA GLY D 110 0.93 -14.35 41.10
C GLY D 110 1.77 -13.43 40.24
N ALA D 111 1.12 -12.49 39.58
CA ALA D 111 1.84 -11.55 38.72
C ALA D 111 2.63 -10.56 39.58
N GLN D 112 3.96 -10.59 39.46
CA GLN D 112 4.82 -9.68 40.22
C GLN D 112 4.97 -8.32 39.53
N ILE D 113 5.29 -8.35 38.25
CA ILE D 113 5.49 -7.14 37.47
C ILE D 113 4.43 -7.04 36.38
N VAL D 114 3.83 -5.87 36.23
CA VAL D 114 2.81 -5.69 35.21
C VAL D 114 3.31 -4.83 34.05
N CYS D 115 2.99 -5.28 32.84
CA CYS D 115 3.35 -4.56 31.63
C CYS D 115 2.11 -3.73 31.30
N GLU D 116 2.13 -2.45 31.65
CA GLU D 116 0.99 -1.58 31.39
C GLU D 116 1.04 -1.10 29.94
N SER D 117 0.32 -1.81 29.08
CA SER D 117 0.28 -1.47 27.67
C SER D 117 -1.11 -1.23 27.07
N THR D 118 -1.89 -0.37 27.70
CA THR D 118 -3.22 -0.01 27.20
C THR D 118 -3.14 1.38 26.59
N GLY D 119 -2.05 2.09 26.92
CA GLY D 119 -1.86 3.44 26.41
C GLY D 119 -2.74 4.47 27.08
N VAL D 120 -3.53 4.03 28.06
CA VAL D 120 -4.44 4.94 28.75
C VAL D 120 -4.03 5.30 30.17
N PHE D 121 -3.29 4.42 30.84
CA PHE D 121 -2.84 4.66 32.21
C PHE D 121 -1.35 4.99 32.21
N THR D 122 -0.99 6.16 31.69
CA THR D 122 0.41 6.55 31.60
C THR D 122 0.91 7.52 32.68
N THR D 123 0.33 7.43 33.87
CA THR D 123 0.74 8.27 34.99
C THR D 123 0.94 7.38 36.21
N GLU D 124 1.68 7.87 37.19
CA GLU D 124 1.92 7.09 38.39
C GLU D 124 0.58 6.85 39.08
N GLU D 125 -0.24 7.89 39.10
CA GLU D 125 -1.56 7.85 39.73
C GLU D 125 -2.43 6.72 39.18
N LYS D 126 -2.56 6.67 37.85
CA LYS D 126 -3.37 5.65 37.21
C LYS D 126 -2.69 4.28 37.26
N ALA D 127 -1.45 4.24 36.76
CA ALA D 127 -0.67 3.00 36.71
C ALA D 127 -0.40 2.32 38.05
N SER D 128 -0.29 3.09 39.13
CA SER D 128 -0.01 2.52 40.44
C SER D 128 -1.13 1.65 41.00
N LEU D 129 -2.31 1.77 40.40
CA LEU D 129 -3.48 0.99 40.84
C LEU D 129 -3.27 -0.51 40.66
N HIS D 130 -2.36 -0.89 39.77
CA HIS D 130 -2.08 -2.30 39.53
C HIS D 130 -1.49 -2.94 40.79
N LEU D 131 -0.94 -2.10 41.66
CA LEU D 131 -0.35 -2.58 42.90
C LEU D 131 -1.45 -3.07 43.83
N LYS D 132 -2.55 -2.33 43.87
CA LYS D 132 -3.69 -2.69 44.71
C LYS D 132 -4.09 -4.14 44.44
N GLY D 133 -3.86 -4.58 43.21
CA GLY D 133 -4.22 -5.94 42.83
C GLY D 133 -3.21 -6.99 43.24
N GLY D 134 -2.12 -6.57 43.89
CA GLY D 134 -1.12 -7.53 44.31
C GLY D 134 0.15 -7.46 43.51
N ALA D 135 0.18 -6.59 42.51
CA ALA D 135 1.35 -6.41 41.67
C ALA D 135 2.35 -5.54 42.42
N LYS D 136 3.62 -5.91 42.36
CA LYS D 136 4.68 -5.16 43.03
C LYS D 136 5.29 -4.05 42.16
N LYS D 137 5.59 -4.37 40.90
CA LYS D 137 6.18 -3.40 39.99
C LYS D 137 5.36 -3.25 38.72
N VAL D 138 5.37 -2.04 38.16
CA VAL D 138 4.64 -1.72 36.94
C VAL D 138 5.54 -1.01 35.92
N ILE D 139 5.53 -1.49 34.68
CA ILE D 139 6.31 -0.88 33.60
C ILE D 139 5.35 -0.40 32.53
N ILE D 140 5.33 0.91 32.30
CA ILE D 140 4.47 1.50 31.29
C ILE D 140 5.17 1.38 29.94
N SER D 141 4.47 0.83 28.95
CA SER D 141 5.04 0.64 27.62
C SER D 141 4.83 1.89 26.78
N ALA D 142 5.19 3.03 27.34
CA ALA D 142 5.04 4.31 26.65
C ALA D 142 5.63 5.43 27.50
N PRO D 143 5.97 6.55 26.86
CA PRO D 143 6.52 7.65 27.65
C PRO D 143 5.41 8.12 28.58
N PRO D 144 5.74 8.40 29.85
CA PRO D 144 4.73 8.85 30.82
C PRO D 144 4.31 10.30 30.62
N LYS D 145 3.14 10.67 31.14
CA LYS D 145 2.65 12.03 31.04
C LYS D 145 3.09 12.82 32.26
N ASP D 146 3.26 12.12 33.38
CA ASP D 146 3.70 12.74 34.62
C ASP D 146 5.21 12.62 34.72
N ASN D 147 5.74 12.60 35.95
CA ASN D 147 7.19 12.49 36.12
C ASN D 147 7.71 11.07 36.35
N VAL D 148 6.93 10.07 35.96
CA VAL D 148 7.37 8.69 36.12
C VAL D 148 8.70 8.56 35.39
N PRO D 149 9.69 7.90 36.00
CA PRO D 149 11.02 7.73 35.40
C PRO D 149 11.04 6.88 34.12
N MET D 150 11.85 7.32 33.15
CA MET D 150 11.99 6.59 31.89
C MET D 150 13.34 5.90 31.85
N TYR D 151 13.36 4.66 31.40
CA TYR D 151 14.61 3.92 31.32
C TYR D 151 14.81 3.31 29.94
N VAL D 152 16.04 3.35 29.47
CA VAL D 152 16.39 2.76 28.19
C VAL D 152 17.50 1.77 28.47
N MET D 153 17.22 0.49 28.24
CA MET D 153 18.18 -0.56 28.48
C MET D 153 19.46 -0.25 27.73
N GLY D 154 20.60 -0.38 28.43
CA GLY D 154 21.88 -0.10 27.80
C GLY D 154 22.31 1.35 27.91
N VAL D 155 21.44 2.22 28.37
CA VAL D 155 21.79 3.62 28.52
C VAL D 155 21.70 4.12 29.96
N ASN D 156 20.55 3.95 30.62
CA ASN D 156 20.42 4.44 32.00
C ASN D 156 19.56 3.57 32.92
N ASN D 157 19.26 2.34 32.53
CA ASN D 157 18.41 1.49 33.37
C ASN D 157 18.99 1.18 34.75
N THR D 158 20.32 1.19 34.88
CA THR D 158 20.91 0.91 36.19
C THR D 158 20.64 2.03 37.19
N GLU D 159 20.15 3.16 36.70
CA GLU D 159 19.82 4.28 37.59
C GLU D 159 18.56 3.95 38.38
N TYR D 160 17.86 2.91 37.94
CA TYR D 160 16.63 2.47 38.61
C TYR D 160 16.89 2.20 40.09
N ASP D 161 15.99 2.68 40.95
CA ASP D 161 16.10 2.47 42.39
C ASP D 161 14.81 1.81 42.88
N PRO D 162 14.87 0.50 43.20
CA PRO D 162 13.70 -0.25 43.67
C PRO D 162 13.02 0.29 44.93
N SER D 163 13.78 1.02 45.76
CA SER D 163 13.22 1.56 46.99
C SER D 163 12.53 2.90 46.76
N LYS D 164 12.62 3.42 45.54
CA LYS D 164 12.00 4.70 45.26
C LYS D 164 11.00 4.68 44.10
N PHE D 165 10.90 3.54 43.41
CA PHE D 165 9.96 3.43 42.30
C PHE D 165 9.27 2.08 42.22
N ASN D 166 7.95 2.10 41.99
CA ASN D 166 7.16 0.90 41.83
C ASN D 166 6.51 0.96 40.45
N VAL D 167 6.50 2.18 39.89
CA VAL D 167 5.93 2.41 38.56
C VAL D 167 6.97 3.13 37.70
N ILE D 168 7.45 2.45 36.66
CA ILE D 168 8.44 3.03 35.76
C ILE D 168 8.02 2.93 34.29
N SER D 169 8.73 3.64 33.42
CA SER D 169 8.45 3.65 31.98
C SER D 169 9.61 3.10 31.15
N ASN D 170 9.28 2.44 30.05
CA ASN D 170 10.29 1.88 29.15
C ASN D 170 10.52 2.81 27.96
N ALA D 171 10.15 4.09 28.14
CA ALA D 171 10.30 5.13 27.12
C ALA D 171 9.47 4.79 25.88
N SER D 172 9.97 5.16 24.69
CA SER D 172 9.26 4.90 23.45
C SER D 172 10.12 4.09 22.47
N CYS D 173 9.51 3.63 21.38
CA CYS D 173 10.26 2.86 20.38
C CYS D 173 11.32 3.77 19.76
N THR D 174 10.95 5.01 19.48
CA THR D 174 11.88 5.96 18.87
C THR D 174 13.01 6.31 19.83
N THR D 175 12.67 6.58 21.07
CA THR D 175 13.68 6.93 22.07
C THR D 175 14.66 5.78 22.27
N ASN D 176 14.17 4.55 22.17
CA ASN D 176 15.04 3.40 22.33
C ASN D 176 15.99 3.23 21.13
N CYS D 177 15.67 3.88 20.01
CA CYS D 177 16.55 3.81 18.84
C CYS D 177 17.59 4.92 18.91
N LEU D 178 17.13 6.14 19.19
CA LEU D 178 18.01 7.31 19.27
C LEU D 178 18.96 7.36 20.46
N ALA D 179 18.46 7.09 21.67
CA ALA D 179 19.30 7.15 22.87
C ALA D 179 20.61 6.35 22.81
N PRO D 180 20.55 5.06 22.47
CA PRO D 180 21.81 4.30 22.42
C PRO D 180 22.81 4.89 21.41
N LEU D 181 22.31 5.28 20.24
CA LEU D 181 23.15 5.87 19.21
C LEU D 181 23.74 7.19 19.71
N ALA D 182 22.88 8.07 20.23
CA ALA D 182 23.32 9.36 20.76
C ALA D 182 24.36 9.20 21.89
N LYS D 183 24.17 8.20 22.75
CA LYS D 183 25.11 7.95 23.84
C LYS D 183 26.50 7.61 23.28
N ILE D 184 26.53 6.69 22.33
CA ILE D 184 27.78 6.28 21.70
C ILE D 184 28.48 7.48 21.06
N ILE D 185 27.73 8.24 20.26
CA ILE D 185 28.26 9.41 19.56
C ILE D 185 28.70 10.52 20.52
N ASN D 186 27.89 10.77 21.55
CA ASN D 186 28.21 11.81 22.52
C ASN D 186 29.45 11.43 23.33
N ASP D 187 29.53 10.17 23.75
CA ASP D 187 30.68 9.71 24.54
C ASP D 187 32.00 9.85 23.79
N LYS D 188 32.00 9.41 22.54
CA LYS D 188 33.21 9.44 21.72
C LYS D 188 33.59 10.76 21.07
N PHE D 189 32.64 11.41 20.41
CA PHE D 189 32.93 12.63 19.70
C PHE D 189 32.26 13.86 20.28
N GLY D 190 31.17 13.64 21.02
CA GLY D 190 30.45 14.73 21.63
C GLY D 190 29.46 15.36 20.67
N ILE D 191 28.21 15.47 21.09
CA ILE D 191 27.19 16.08 20.25
C ILE D 191 26.96 17.52 20.71
N VAL D 192 27.27 18.47 19.84
CA VAL D 192 27.09 19.88 20.14
C VAL D 192 25.60 20.21 19.98
N GLU D 193 25.02 19.76 18.88
CA GLU D 193 23.61 19.96 18.59
C GLU D 193 23.17 18.96 17.53
N GLY D 194 21.91 18.56 17.60
CA GLY D 194 21.40 17.60 16.64
C GLY D 194 19.91 17.77 16.37
N LEU D 195 19.51 17.42 15.16
CA LEU D 195 18.12 17.49 14.75
C LEU D 195 17.74 16.13 14.15
N MET D 196 16.64 15.56 14.64
CA MET D 196 16.22 14.24 14.18
C MET D 196 14.90 14.19 13.43
N THR D 197 14.85 13.28 12.46
CA THR D 197 13.64 12.99 11.73
C THR D 197 13.55 11.48 11.74
N THR D 198 12.43 10.95 12.21
CA THR D 198 12.27 9.52 12.18
C THR D 198 11.14 9.19 11.23
N VAL D 199 11.41 8.28 10.30
CA VAL D 199 10.39 7.86 9.37
C VAL D 199 9.69 6.67 10.02
N HIS D 200 8.46 6.88 10.44
CA HIS D 200 7.66 5.86 11.12
C HIS D 200 6.76 4.99 10.25
N SER D 201 6.80 3.69 10.51
CA SER D 201 5.94 2.74 9.83
C SER D 201 4.59 2.95 10.52
N LEU D 202 3.52 2.45 9.94
CA LEU D 202 2.20 2.67 10.53
C LEU D 202 1.97 2.10 11.94
N THR D 203 2.79 1.15 12.38
CA THR D 203 2.64 0.59 13.72
C THR D 203 3.43 1.37 14.77
N ALA D 204 4.26 2.31 14.32
CA ALA D 204 5.08 3.11 15.24
C ALA D 204 4.22 4.06 16.07
N ASP D 218 -3.88 15.30 16.91
CA ASP D 218 -3.48 16.05 15.69
C ASP D 218 -4.39 15.75 14.51
N TRP D 219 -4.71 16.78 13.74
CA TRP D 219 -5.58 16.62 12.58
C TRP D 219 -4.92 15.75 11.51
N ARG D 220 -3.63 15.95 11.27
CA ARG D 220 -2.93 15.17 10.26
C ARG D 220 -3.02 13.68 10.56
N ALA D 221 -2.75 13.35 11.82
CA ALA D 221 -2.78 11.97 12.29
C ALA D 221 -4.02 11.20 11.86
N GLY D 222 -5.15 11.89 11.75
CA GLY D 222 -6.39 11.24 11.37
C GLY D 222 -6.58 10.99 9.89
N ARG D 223 -5.68 11.50 9.05
CA ARG D 223 -5.80 11.30 7.60
C ARG D 223 -5.43 9.86 7.21
N CYS D 224 -5.94 9.41 6.07
CA CYS D 224 -5.68 8.05 5.58
C CYS D 224 -4.19 7.73 5.64
N ALA D 225 -3.81 6.80 6.52
CA ALA D 225 -2.42 6.40 6.70
C ALA D 225 -1.80 5.60 5.56
N GLY D 226 -2.56 4.65 5.01
CA GLY D 226 -2.02 3.82 3.94
C GLY D 226 -1.87 4.51 2.59
N ASN D 227 -2.09 5.80 2.57
CA ASN D 227 -2.03 6.55 1.32
C ASN D 227 -1.27 7.87 1.42
N ASN D 228 -0.81 8.23 2.62
CA ASN D 228 -0.12 9.49 2.82
C ASN D 228 1.23 9.45 3.53
N ILE D 229 2.01 10.49 3.29
CA ILE D 229 3.27 10.72 4.00
C ILE D 229 2.71 11.77 4.96
N ILE D 230 2.79 11.52 6.25
CA ILE D 230 2.23 12.41 7.26
C ILE D 230 3.18 12.99 8.29
N PRO D 231 3.40 14.31 8.26
CA PRO D 231 4.29 14.93 9.25
C PRO D 231 3.70 14.68 10.64
N ALA D 232 4.55 14.39 11.62
CA ALA D 232 4.03 14.14 12.96
C ALA D 232 4.99 14.58 14.05
N SER D 233 4.54 14.47 15.29
CA SER D 233 5.35 14.85 16.44
C SER D 233 5.86 13.64 17.20
N THR D 234 6.95 13.85 17.90
CA THR D 234 7.57 12.83 18.75
C THR D 234 8.36 13.61 19.78
N GLY D 235 8.44 13.10 21.00
CA GLY D 235 9.19 13.79 22.04
C GLY D 235 10.49 13.05 22.29
N ALA D 236 10.80 12.10 21.41
CA ALA D 236 12.00 11.29 21.54
C ALA D 236 13.28 12.07 21.78
N ALA D 237 13.53 13.08 20.96
CA ALA D 237 14.74 13.87 21.10
C ALA D 237 14.84 14.56 22.47
N LYS D 238 13.75 15.15 22.92
CA LYS D 238 13.73 15.81 24.22
C LYS D 238 13.87 14.78 25.33
N ALA D 239 13.24 13.62 25.14
CA ALA D 239 13.29 12.55 26.13
C ALA D 239 14.73 12.05 26.31
N VAL D 240 15.51 12.08 25.23
CA VAL D 240 16.89 11.64 25.30
C VAL D 240 17.67 12.59 26.21
N GLY D 241 17.23 13.84 26.26
CA GLY D 241 17.89 14.82 27.11
C GLY D 241 17.70 14.54 28.59
N LYS D 242 16.72 13.68 28.91
CA LYS D 242 16.45 13.32 30.29
C LYS D 242 17.16 11.99 30.60
N VAL D 243 17.17 11.11 29.61
CA VAL D 243 17.82 9.81 29.76
C VAL D 243 19.33 10.03 29.77
N ILE D 244 19.77 11.10 29.13
CA ILE D 244 21.16 11.49 29.06
C ILE D 244 21.19 13.00 29.32
N PRO D 245 21.21 13.40 30.59
CA PRO D 245 21.23 14.81 31.00
C PRO D 245 22.20 15.70 30.24
N ALA D 246 23.35 15.17 29.87
CA ALA D 246 24.35 15.93 29.14
C ALA D 246 23.81 16.45 27.81
N LEU D 247 22.84 15.74 27.24
CA LEU D 247 22.28 16.14 25.95
C LEU D 247 21.01 16.99 26.09
N ASN D 248 20.71 17.39 27.32
CA ASN D 248 19.54 18.22 27.60
C ASN D 248 19.63 19.54 26.84
N GLY D 249 18.61 19.86 26.05
CA GLY D 249 18.60 21.09 25.30
C GLY D 249 19.43 21.06 24.01
N LYS D 250 20.08 19.94 23.73
CA LYS D 250 20.92 19.82 22.54
C LYS D 250 20.28 19.08 21.36
N LEU D 251 19.14 18.46 21.58
CA LEU D 251 18.47 17.71 20.52
C LEU D 251 16.98 18.00 20.45
N THR D 252 16.43 17.91 19.25
CA THR D 252 14.99 18.07 19.05
C THR D 252 14.67 17.38 17.73
N GLY D 253 13.42 17.00 17.53
CA GLY D 253 13.10 16.32 16.30
C GLY D 253 11.64 16.21 15.95
N MET D 254 11.37 15.47 14.87
CA MET D 254 10.02 15.28 14.39
C MET D 254 9.91 13.89 13.74
N ALA D 255 8.71 13.57 13.28
CA ALA D 255 8.47 12.30 12.64
C ALA D 255 7.72 12.48 11.34
N ILE D 256 7.86 11.50 10.45
CA ILE D 256 7.18 11.50 9.17
C ILE D 256 6.68 10.08 9.00
N ARG D 257 5.37 9.89 9.12
CA ARG D 257 4.77 8.57 8.99
C ARG D 257 4.53 8.20 7.53
N VAL D 258 4.85 6.95 7.19
CA VAL D 258 4.66 6.44 5.85
C VAL D 258 3.88 5.11 5.92
N PRO D 259 3.27 4.69 4.81
CA PRO D 259 2.47 3.46 4.74
C PRO D 259 3.10 2.06 4.75
N THR D 260 4.21 1.88 5.46
CA THR D 260 4.82 0.55 5.54
C THR D 260 4.31 -0.10 6.82
N PRO D 261 4.09 -1.43 6.80
CA PRO D 261 3.58 -2.14 7.98
C PRO D 261 4.41 -2.07 9.27
N ASP D 262 5.72 -2.29 9.17
CA ASP D 262 6.56 -2.23 10.36
C ASP D 262 8.00 -1.91 9.98
N VAL D 263 8.76 -1.42 10.97
CA VAL D 263 10.17 -1.03 10.84
C VAL D 263 10.28 0.45 10.51
N SER D 264 11.02 1.16 11.33
CA SER D 264 11.18 2.60 11.16
C SER D 264 12.67 2.96 11.09
N VAL D 265 12.94 4.23 10.80
CA VAL D 265 14.32 4.68 10.70
C VAL D 265 14.52 6.01 11.39
N VAL D 266 15.71 6.16 11.97
CA VAL D 266 16.09 7.39 12.62
C VAL D 266 17.14 8.05 11.75
N ASP D 267 16.89 9.31 11.43
CA ASP D 267 17.78 10.13 10.61
C ASP D 267 18.27 11.25 11.53
N LEU D 268 19.48 11.07 12.07
CA LEU D 268 20.05 12.05 13.00
C LEU D 268 21.11 12.94 12.37
N THR D 269 20.81 14.23 12.23
CA THR D 269 21.77 15.16 11.66
C THR D 269 22.34 16.00 12.80
N CYS D 270 23.63 15.81 13.09
CA CYS D 270 24.24 16.54 14.18
C CYS D 270 25.65 17.09 13.94
N LYS D 271 26.02 18.04 14.79
CA LYS D 271 27.34 18.65 14.72
C LYS D 271 28.18 18.04 15.84
N LEU D 272 29.39 17.61 15.50
CA LEU D 272 30.28 16.97 16.47
C LEU D 272 31.30 17.94 17.09
N ALA D 273 31.68 17.66 18.33
CA ALA D 273 32.64 18.49 19.04
C ALA D 273 34.05 18.16 18.53
N LYS D 274 34.27 16.87 18.25
CA LYS D 274 35.54 16.38 17.73
C LYS D 274 35.27 15.86 16.33
N PRO D 275 36.15 16.15 15.36
CA PRO D 275 35.90 15.65 14.01
C PRO D 275 35.88 14.13 13.96
N ALA D 276 35.12 13.59 13.01
CA ALA D 276 35.03 12.14 12.86
C ALA D 276 34.41 11.78 11.51
N SER D 277 34.98 10.78 10.87
CA SER D 277 34.49 10.30 9.57
C SER D 277 33.43 9.24 9.82
N ILE D 278 32.66 8.92 8.77
CA ILE D 278 31.62 7.91 8.87
C ILE D 278 32.23 6.57 9.31
N GLU D 279 33.43 6.29 8.83
CA GLU D 279 34.13 5.06 9.16
C GLU D 279 34.46 4.99 10.66
N GLU D 280 34.92 6.11 11.21
CA GLU D 280 35.26 6.17 12.64
C GLU D 280 34.00 6.05 13.50
N ILE D 281 32.93 6.70 13.07
CA ILE D 281 31.67 6.65 13.80
C ILE D 281 31.18 5.20 13.78
N TYR D 282 31.36 4.56 12.63
CA TYR D 282 30.98 3.16 12.45
C TYR D 282 31.74 2.25 13.42
N GLN D 283 33.04 2.51 13.57
CA GLN D 283 33.89 1.72 14.47
C GLN D 283 33.47 1.87 15.93
N ALA D 284 33.16 3.10 16.35
CA ALA D 284 32.73 3.34 17.72
C ALA D 284 31.43 2.59 17.98
N VAL D 285 30.53 2.63 17.00
CA VAL D 285 29.26 1.93 17.14
C VAL D 285 29.54 0.43 17.21
N LYS D 286 30.44 -0.04 16.35
CA LYS D 286 30.79 -1.46 16.33
C LYS D 286 31.33 -1.93 17.68
N GLU D 287 32.23 -1.14 18.26
CA GLU D 287 32.82 -1.48 19.56
C GLU D 287 31.73 -1.55 20.65
N ALA D 288 30.88 -0.53 20.70
CA ALA D 288 29.81 -0.49 21.68
C ALA D 288 28.89 -1.70 21.50
N SER D 289 28.60 -2.01 20.24
CA SER D 289 27.73 -3.12 19.87
C SER D 289 28.28 -4.50 20.21
N ASN D 290 29.58 -4.68 20.06
CA ASN D 290 30.21 -5.97 20.34
C ASN D 290 30.60 -6.13 21.81
N GLY D 291 30.34 -5.11 22.62
CA GLY D 291 30.71 -5.18 24.02
C GLY D 291 29.67 -4.69 25.02
N PRO D 292 29.80 -3.46 25.51
CA PRO D 292 28.90 -2.84 26.49
C PRO D 292 27.42 -2.73 26.12
N MET D 293 27.11 -2.69 24.82
CA MET D 293 25.72 -2.58 24.38
C MET D 293 25.28 -3.73 23.49
N LYS D 294 25.89 -4.89 23.68
CA LYS D 294 25.55 -6.05 22.88
C LYS D 294 24.06 -6.36 22.97
N GLY D 295 23.46 -6.73 21.85
CA GLY D 295 22.04 -7.04 21.83
C GLY D 295 21.17 -5.81 21.77
N ILE D 296 21.77 -4.64 22.04
CA ILE D 296 21.03 -3.37 22.03
C ILE D 296 21.38 -2.55 20.80
N MET D 297 22.66 -2.26 20.61
CA MET D 297 23.13 -1.53 19.45
C MET D 297 23.66 -2.53 18.45
N GLY D 298 23.30 -2.33 17.18
CA GLY D 298 23.75 -3.21 16.12
C GLY D 298 24.23 -2.36 14.95
N TYR D 299 24.75 -3.01 13.91
CA TYR D 299 25.26 -2.30 12.74
C TYR D 299 25.25 -3.20 11.51
N THR D 300 25.31 -2.58 10.34
CA THR D 300 25.35 -3.31 9.08
C THR D 300 26.00 -2.47 8.00
N SER D 301 26.51 -3.14 6.98
CA SER D 301 27.11 -2.46 5.85
C SER D 301 26.57 -3.07 4.57
N ASP D 302 25.44 -3.78 4.67
CA ASP D 302 24.80 -4.39 3.50
C ASP D 302 23.79 -3.41 2.89
N ASP D 303 23.30 -3.72 1.69
CA ASP D 303 22.31 -2.84 1.04
C ASP D 303 20.91 -3.21 1.52
N VAL D 304 20.66 -2.99 2.80
CA VAL D 304 19.38 -3.34 3.42
C VAL D 304 18.22 -2.38 3.13
N VAL D 305 17.00 -2.87 3.37
CA VAL D 305 15.79 -2.06 3.23
C VAL D 305 14.93 -2.41 4.44
N SER D 306 13.82 -1.68 4.59
CA SER D 306 12.89 -1.86 5.72
C SER D 306 12.61 -3.28 6.17
N THR D 307 12.03 -4.07 5.28
CA THR D 307 11.66 -5.44 5.59
C THR D 307 12.76 -6.33 6.11
N ASP D 308 14.01 -6.05 5.78
CA ASP D 308 15.10 -6.87 6.27
C ASP D 308 15.24 -6.83 7.79
N PHE D 309 14.56 -5.88 8.44
CA PHE D 309 14.65 -5.75 9.89
C PHE D 309 13.42 -6.23 10.68
N ILE D 310 12.45 -6.79 9.98
CA ILE D 310 11.25 -7.29 10.64
C ILE D 310 11.64 -8.46 11.54
N GLY D 311 11.37 -8.33 12.83
CA GLY D 311 11.74 -9.38 13.76
C GLY D 311 13.07 -9.13 14.45
N CYS D 312 13.80 -8.10 14.01
CA CYS D 312 15.10 -7.78 14.61
C CYS D 312 14.85 -7.28 16.03
N LYS D 313 15.59 -7.83 16.99
CA LYS D 313 15.43 -7.46 18.39
C LYS D 313 16.30 -6.29 18.88
N TYR D 314 17.18 -5.80 18.02
CA TYR D 314 18.04 -4.69 18.39
C TYR D 314 17.20 -3.43 18.62
N SER D 315 17.73 -2.51 19.41
CA SER D 315 17.03 -1.26 19.68
C SER D 315 17.40 -0.25 18.61
N SER D 316 18.58 -0.41 18.01
CA SER D 316 19.07 0.53 17.01
C SER D 316 20.13 -0.12 16.11
N ILE D 317 19.92 -0.04 14.79
CA ILE D 317 20.88 -0.62 13.84
C ILE D 317 21.44 0.42 12.89
N PHE D 318 22.72 0.73 13.09
CA PHE D 318 23.43 1.70 12.27
C PHE D 318 23.59 1.19 10.83
N ASP D 319 23.12 1.99 9.87
CA ASP D 319 23.21 1.66 8.44
C ASP D 319 24.41 2.44 7.90
N LYS D 320 25.57 1.78 7.85
CA LYS D 320 26.79 2.43 7.41
C LYS D 320 26.74 3.11 6.06
N ASN D 321 26.32 2.37 5.04
CA ASN D 321 26.29 2.93 3.69
C ASN D 321 25.23 3.99 3.44
N ALA D 322 24.28 4.14 4.35
CA ALA D 322 23.24 5.16 4.19
C ALA D 322 23.62 6.47 4.89
N CYS D 323 24.60 6.41 5.78
CA CYS D 323 25.05 7.61 6.48
C CYS D 323 25.86 8.47 5.51
N ILE D 324 25.77 9.78 5.66
CA ILE D 324 26.51 10.70 4.81
C ILE D 324 27.01 11.87 5.66
N ALA D 325 28.05 12.55 5.18
CA ALA D 325 28.60 13.67 5.90
C ALA D 325 28.97 14.80 4.94
N LEU D 326 28.76 16.04 5.37
CA LEU D 326 29.12 17.19 4.56
C LEU D 326 30.62 17.41 4.79
N ASN D 327 31.06 17.20 6.04
CA ASN D 327 32.46 17.36 6.42
C ASN D 327 32.71 16.56 7.71
N ASP D 328 33.93 16.63 8.25
CA ASP D 328 34.25 15.84 9.44
C ASP D 328 33.54 16.19 10.75
N SER D 329 32.69 17.20 10.74
CA SER D 329 31.99 17.57 11.97
C SER D 329 30.49 17.76 11.81
N PHE D 330 29.98 17.57 10.60
CA PHE D 330 28.55 17.73 10.34
C PHE D 330 28.12 16.46 9.61
N VAL D 331 27.36 15.61 10.29
CA VAL D 331 26.94 14.34 9.73
C VAL D 331 25.47 13.97 9.88
N LYS D 332 25.03 13.06 9.03
CA LYS D 332 23.66 12.55 9.02
C LYS D 332 23.76 11.06 9.23
N LEU D 333 23.33 10.60 10.40
CA LEU D 333 23.38 9.19 10.71
C LEU D 333 22.02 8.55 10.54
N ILE D 334 22.03 7.34 9.98
CA ILE D 334 20.81 6.58 9.73
C ILE D 334 20.80 5.28 10.53
N SER D 335 19.77 5.09 11.33
CA SER D 335 19.66 3.89 12.15
C SER D 335 18.25 3.28 12.08
N TRP D 336 18.18 1.97 11.86
CA TRP D 336 16.90 1.28 11.76
C TRP D 336 16.43 0.71 13.09
N TYR D 337 15.15 0.37 13.14
CA TYR D 337 14.58 -0.27 14.32
C TYR D 337 13.22 -0.85 14.01
N ASP D 338 13.01 -2.08 14.46
CA ASP D 338 11.70 -2.70 14.31
C ASP D 338 10.99 -2.06 15.51
N ASN D 339 10.16 -1.05 15.25
CA ASN D 339 9.47 -0.35 16.32
C ASN D 339 8.59 -1.23 17.21
N GLU D 340 8.34 -2.46 16.80
CA GLU D 340 7.55 -3.38 17.61
C GLU D 340 8.44 -4.42 18.31
N SER D 341 9.28 -5.12 17.54
CA SER D 341 10.14 -6.16 18.09
C SER D 341 11.25 -5.67 19.04
N GLY D 342 11.93 -4.58 18.67
CA GLY D 342 12.98 -4.08 19.53
C GLY D 342 12.41 -3.64 20.87
N TYR D 343 11.49 -2.69 20.81
CA TYR D 343 10.84 -2.13 22.00
C TYR D 343 10.26 -3.19 22.94
N SER D 344 9.59 -4.18 22.36
CA SER D 344 8.98 -5.24 23.14
C SER D 344 10.02 -6.04 23.90
N ASN D 345 11.08 -6.43 23.20
CA ASN D 345 12.15 -7.19 23.85
C ASN D 345 12.86 -6.36 24.91
N ARG D 346 12.92 -5.05 24.70
CA ARG D 346 13.57 -4.20 25.70
C ARG D 346 12.72 -4.15 26.96
N LEU D 347 11.40 -4.11 26.81
CA LEU D 347 10.52 -4.07 27.96
C LEU D 347 10.68 -5.35 28.77
N VAL D 348 10.87 -6.48 28.08
CA VAL D 348 11.06 -7.74 28.77
C VAL D 348 12.43 -7.74 29.45
N ASP D 349 13.42 -7.11 28.81
CA ASP D 349 14.75 -7.04 29.42
C ASP D 349 14.65 -6.23 30.69
N LEU D 350 13.90 -5.13 30.62
CA LEU D 350 13.71 -4.23 31.74
C LEU D 350 12.96 -4.90 32.89
N ALA D 351 12.05 -5.80 32.56
CA ALA D 351 11.28 -6.52 33.57
C ALA D 351 12.18 -7.46 34.33
N VAL D 352 13.02 -8.19 33.60
CA VAL D 352 13.96 -9.12 34.19
C VAL D 352 14.97 -8.35 35.04
N TYR D 353 15.38 -7.19 34.55
CA TYR D 353 16.33 -6.36 35.29
C TYR D 353 15.70 -5.83 36.57
N VAL D 354 14.45 -5.39 36.49
CA VAL D 354 13.76 -4.87 37.66
C VAL D 354 13.62 -5.97 38.72
N ALA D 355 13.49 -7.21 38.24
CA ALA D 355 13.34 -8.36 39.12
C ALA D 355 14.66 -8.68 39.81
N SER D 356 15.77 -8.55 39.07
CA SER D 356 17.09 -8.84 39.61
C SER D 356 17.47 -7.87 40.71
N ARG D 357 16.92 -6.65 40.65
CA ARG D 357 17.20 -5.62 41.64
C ARG D 357 16.40 -5.81 42.92
N GLY D 358 15.67 -6.92 42.99
CA GLY D 358 14.87 -7.18 44.18
C GLY D 358 13.51 -6.52 44.12
N LEU D 359 12.47 -7.35 44.19
CA LEU D 359 11.09 -6.87 44.14
C LEU D 359 10.56 -6.46 45.51
#